data_7PG5
#
_entry.id   7PG5
#
_cell.length_a   105.4251
_cell.length_b   105.2443
_cell.length_c   136.0864
_cell.angle_alpha   90.0
_cell.angle_beta   90.0
_cell.angle_gamma   90.0
#
_symmetry.space_group_name_H-M   'P 21 21 21'
#
loop_
_entity.id
_entity.type
_entity.pdbx_description
1 polymer 'Phosphatidylinositol 4,5-bisphosphate 3-kinase catalytic subunit alpha isoform'
2 polymer 'Phosphatidylinositol 3-kinase regulatory subunit alpha'
3 non-polymer 'PHOSPHATE ION'
4 non-polymer GLYCEROL
5 water water
#
loop_
_entity_poly.entity_id
_entity_poly.type
_entity_poly.pdbx_seq_one_letter_code
_entity_poly.pdbx_strand_id
1 'polypeptide(L)'
;MPPRPSSGELWGIHLMPPRILVECLLPNGMIVTLECLREATLITIKHELFKEARKYPLHQLLQDESSYIFVSVTQEAERE
EFFDETRRLCDLRLFQPFLKVIEPVGNREEKILNREIGFAIGMPVCEFDMVKDPEVQDFRRNILNVCKEAVDLRDLNSPH
SRAMYVYPPNVESSPELPKHIYNKLDKGQIIVVIWVIVSPNNDKQKYTLKINHDCVPEQVIAEAIRKKTRSKKLSSEQLK
LCVLEYQGKYILKVCGCDEYFLEKYPLSQYKYIRSCIMLGRMPNLMLMAKESLYSQLPMDCFTMPSYSRRISTATPYMNG
ETSTKSLWVINSALRIKILCATYVNVNIRDIDKIYVRTGIYHGGEPLCDNVNTQRVPCSNPRWNEWLNYDIYIPDLPRAA
RLCLSICSVKGRKGAKEEHCPLAWGNINLFDYTDTLVSGKMALNLWPVPHGLEDLLNPIGVTGSNPNKETPCLELEFDWF
SSVVKFPDMSVIEEHANWSVSREAGFSYSHAGLSNRLARDNELRENDKEQLKAISTRDPLSEITEQEKDFLWSHRHYCVT
IPEILPKLLLSVKWNSRDEVAQMYCLVKDWPPIKPEQAMELLDCNYPDPMVRGFAVRCLEKYLTDDKLSQYLIQLVQVLK
YEQYLDNLLVRFLLKKALTNQRIGHFFFWHLKSEMHNKTVSQRFGLLLESYCRACGMYLKHLNRQVEAMEKLINLTDILK
QEKKDETQKVQMKFLVEQMRRPDFMDALQGFLSPLNPAHQLGNLRLEECRIMSSAKRPLWLNWENPDIMSELLFQNNEII
FKNGDDLRQDMLTLQIIRIMENIWQNQGLDLRMLPYGCLSIGDCVGLIEVVRNSHTIMQIQCKGGLKGALQFNSHTLHQW
LKDKNKGEIYDAAIDLFTRSCAGYCVATFILGIGDRHNSNIMVKDDGQLFHIDFGHFLDHKKKKFGYKRERVPFVLTQDF
LIVISKGAQECTKTREFERFQEMCYKAYLAIRQHANLFINLFSMMLGSGMPELQSFDDIAYIRKTLALDKTEQEALEYFM
KQMNDAHHGGWTTKMDWIFHTIKQHALN
;
A
2 'polypeptide(L)'
;LPPKPPKPTTVANNGMNNNMSLQDAEWYWGDISREEVNEKLRDTADGTFLVRDASTKMHGDYTLTLRKGGNNKLIKIFHR
DGKYGFSDPLTFSSVVELINHYRNESLAQYNPKLDVKLLYPVSKYQQDQVVKEDNIEAVGKKLHEYNTQFQEKSREYDRL
YEEYTRTSQEIQMKRTAIEAFNETIKIFEEQCQTQERYSKEYIEKFKREGNEKEIQRIMHNYDKLKSRISEIIDSRRRLE
EDLKKQAAEYREIDKRMNSIKPDLIQLRKTRDQYLMWLTQKGVRQKK
;
B
#
loop_
_chem_comp.id
_chem_comp.type
_chem_comp.name
_chem_comp.formula
GOL non-polymer GLYCEROL 'C3 H8 O3'
PO4 non-polymer 'PHOSPHATE ION' 'O4 P -3'
#
# COMPACT_ATOMS: atom_id res chain seq x y z
N PRO A 3 -12.10 -19.53 -18.45
CA PRO A 3 -11.08 -18.81 -17.68
C PRO A 3 -9.64 -19.02 -18.18
N ARG A 4 -9.43 -19.13 -19.49
CA ARG A 4 -8.07 -19.38 -20.01
C ARG A 4 -7.36 -18.29 -20.84
N PRO A 5 -7.81 -17.02 -20.82
CA PRO A 5 -7.02 -16.07 -21.64
C PRO A 5 -5.60 -15.79 -21.12
N SER A 6 -4.64 -15.59 -22.01
CA SER A 6 -3.22 -15.58 -21.64
C SER A 6 -2.45 -14.35 -22.14
N SER A 7 -1.54 -13.86 -21.30
N SER A 7 -1.56 -13.84 -21.29
CA SER A 7 -0.72 -12.73 -21.67
CA SER A 7 -0.71 -12.71 -21.68
C SER A 7 0.75 -13.12 -21.82
C SER A 7 0.76 -13.12 -21.84
N GLY A 8 0.99 -14.27 -22.46
CA GLY A 8 2.33 -14.77 -22.69
C GLY A 8 3.11 -14.16 -23.84
N GLU A 9 3.72 -15.01 -24.66
CA GLU A 9 4.57 -14.52 -25.76
C GLU A 9 3.72 -14.05 -26.95
N LEU A 10 2.50 -14.57 -27.06
CA LEU A 10 1.54 -14.10 -28.05
C LEU A 10 0.20 -13.98 -27.35
N TRP A 11 -0.75 -13.26 -27.93
CA TRP A 11 -2.10 -13.24 -27.35
C TRP A 11 -2.66 -14.67 -27.40
N GLY A 12 -3.17 -15.15 -26.27
CA GLY A 12 -3.81 -16.44 -26.21
C GLY A 12 -2.87 -17.61 -26.02
N ILE A 13 -1.58 -17.34 -25.88
CA ILE A 13 -0.56 -18.36 -25.87
C ILE A 13 0.52 -17.98 -24.86
N HIS A 14 0.80 -18.86 -23.90
CA HIS A 14 1.85 -18.57 -22.93
C HIS A 14 3.23 -18.62 -23.59
N LEU A 15 3.52 -19.72 -24.27
CA LEU A 15 4.80 -19.90 -24.96
C LEU A 15 4.69 -20.16 -26.45
N MET A 16 5.51 -19.47 -27.24
CA MET A 16 5.67 -19.88 -28.63
C MET A 16 6.25 -21.27 -28.74
N PRO A 17 5.75 -22.06 -29.71
CA PRO A 17 6.39 -23.31 -30.09
C PRO A 17 7.83 -23.02 -30.57
N PRO A 18 8.70 -24.05 -30.62
CA PRO A 18 10.11 -23.84 -31.01
C PRO A 18 10.27 -23.14 -32.35
N ARG A 19 9.37 -23.44 -33.29
CA ARG A 19 9.37 -22.77 -34.58
C ARG A 19 7.97 -22.26 -34.86
N ILE A 20 7.87 -21.09 -35.48
CA ILE A 20 6.58 -20.48 -35.69
C ILE A 20 6.55 -19.69 -37.01
N LEU A 21 5.41 -19.69 -37.69
CA LEU A 21 5.25 -18.93 -38.92
C LEU A 21 4.96 -17.46 -38.62
N VAL A 22 5.74 -16.57 -39.19
CA VAL A 22 5.57 -15.14 -38.98
C VAL A 22 5.19 -14.45 -40.30
N GLU A 23 4.08 -13.73 -40.31
CA GLU A 23 3.65 -13.00 -41.51
C GLU A 23 4.45 -11.70 -41.63
N CYS A 24 5.14 -11.53 -42.75
CA CYS A 24 5.95 -10.33 -42.94
C CYS A 24 5.39 -9.43 -44.04
N LEU A 25 5.11 -8.16 -43.69
CA LEU A 25 4.49 -7.25 -44.64
C LEU A 25 5.55 -6.32 -45.24
N LEU A 26 5.97 -6.63 -46.47
CA LEU A 26 6.96 -5.84 -47.19
C LEU A 26 6.41 -4.49 -47.65
N PRO A 27 7.30 -3.50 -47.87
CA PRO A 27 6.96 -2.14 -48.31
C PRO A 27 6.44 -2.05 -49.73
N ASN A 28 6.54 -3.15 -50.46
CA ASN A 28 6.02 -3.20 -51.81
C ASN A 28 4.67 -3.89 -51.85
N GLY A 29 4.04 -4.06 -50.70
CA GLY A 29 2.73 -4.69 -50.63
C GLY A 29 2.69 -6.20 -50.52
N MET A 30 3.79 -6.89 -50.79
CA MET A 30 3.80 -8.35 -50.75
C MET A 30 3.77 -8.86 -49.32
N ILE A 31 3.28 -10.09 -49.14
CA ILE A 31 3.34 -10.74 -47.86
C ILE A 31 4.20 -12.00 -47.98
N VAL A 32 5.19 -12.12 -47.11
CA VAL A 32 6.04 -13.29 -47.08
C VAL A 32 5.83 -14.00 -45.75
N THR A 33 5.50 -15.28 -45.79
CA THR A 33 5.44 -16.07 -44.57
C THR A 33 6.79 -16.70 -44.30
N LEU A 34 7.34 -16.42 -43.13
CA LEU A 34 8.68 -16.89 -42.80
C LEU A 34 8.56 -17.80 -41.60
N GLU A 35 9.21 -18.96 -41.66
CA GLU A 35 9.26 -19.82 -40.48
C GLU A 35 10.44 -19.42 -39.61
N CYS A 36 10.15 -19.01 -38.38
CA CYS A 36 11.19 -18.51 -37.48
C CYS A 36 11.37 -19.34 -36.22
N LEU A 37 12.60 -19.38 -35.74
CA LEU A 37 12.91 -19.91 -34.44
C LEU A 37 12.35 -18.92 -33.43
N ARG A 38 11.68 -19.42 -32.39
CA ARG A 38 11.05 -18.52 -31.44
C ARG A 38 12.02 -17.61 -30.71
N GLU A 39 13.29 -18.00 -30.67
CA GLU A 39 14.26 -17.19 -29.94
C GLU A 39 15.16 -16.39 -30.87
N ALA A 40 14.90 -16.46 -32.18
CA ALA A 40 15.71 -15.70 -33.14
C ALA A 40 15.59 -14.21 -32.91
N THR A 41 16.69 -13.49 -33.09
CA THR A 41 16.66 -12.04 -33.02
C THR A 41 16.06 -11.42 -34.28
N LEU A 42 15.60 -10.17 -34.15
CA LEU A 42 15.11 -9.44 -35.30
C LEU A 42 16.18 -9.20 -36.36
N ILE A 43 17.46 -9.23 -35.97
CA ILE A 43 18.52 -9.07 -36.96
C ILE A 43 18.53 -10.26 -37.89
N THR A 44 18.43 -11.45 -37.31
CA THR A 44 18.38 -12.69 -38.08
C THR A 44 17.14 -12.75 -38.95
N ILE A 45 16.01 -12.39 -38.35
CA ILE A 45 14.74 -12.56 -39.02
C ILE A 45 14.69 -11.63 -40.22
N LYS A 46 15.06 -10.37 -39.99
CA LYS A 46 15.10 -9.39 -41.08
C LYS A 46 15.96 -9.89 -42.23
N HIS A 47 17.12 -10.44 -41.89
CA HIS A 47 18.05 -10.89 -42.90
C HIS A 47 17.49 -12.05 -43.71
N GLU A 48 16.87 -12.99 -43.01
CA GLU A 48 16.22 -14.13 -43.63
C GLU A 48 15.06 -13.70 -44.53
N LEU A 49 14.36 -12.64 -44.11
CA LEU A 49 13.20 -12.13 -44.83
C LEU A 49 13.62 -11.52 -46.17
N PHE A 50 14.70 -10.74 -46.15
CA PHE A 50 15.11 -10.03 -47.34
C PHE A 50 15.82 -10.95 -48.31
N LYS A 51 16.35 -12.06 -47.81
CA LYS A 51 16.84 -13.11 -48.70
C LYS A 51 15.63 -13.74 -49.39
N GLU A 52 14.63 -14.13 -48.62
CA GLU A 52 13.47 -14.81 -49.16
C GLU A 52 12.70 -13.89 -50.11
N ALA A 53 12.64 -12.60 -49.78
CA ALA A 53 11.84 -11.64 -50.55
C ALA A 53 12.27 -11.51 -52.01
N ARG A 54 13.46 -11.99 -52.33
CA ARG A 54 13.93 -11.97 -53.73
C ARG A 54 13.08 -12.87 -54.60
N LYS A 55 12.55 -13.93 -54.00
CA LYS A 55 11.74 -14.91 -54.72
C LYS A 55 10.29 -14.45 -54.91
N TYR A 56 10.01 -13.21 -54.51
CA TYR A 56 8.66 -12.66 -54.60
C TYR A 56 8.59 -11.51 -55.60
N PRO A 57 7.39 -11.19 -56.08
CA PRO A 57 7.27 -10.16 -57.13
C PRO A 57 7.57 -8.74 -56.61
N LEU A 58 7.85 -7.83 -57.53
CA LEU A 58 8.18 -6.44 -57.20
C LEU A 58 9.35 -6.34 -56.24
N HIS A 59 10.29 -7.27 -56.34
CA HIS A 59 11.42 -7.32 -55.41
C HIS A 59 12.38 -6.14 -55.58
N GLN A 60 12.42 -5.54 -56.77
CA GLN A 60 13.42 -4.49 -57.00
C GLN A 60 13.09 -3.17 -56.30
N LEU A 61 11.85 -3.02 -55.84
CA LEU A 61 11.45 -1.79 -55.17
C LEU A 61 11.98 -1.72 -53.74
N LEU A 62 12.50 -2.85 -53.25
CA LEU A 62 13.02 -2.96 -51.89
C LEU A 62 14.45 -2.39 -51.80
N GLN A 63 14.73 -1.61 -50.77
CA GLN A 63 16.06 -1.04 -50.57
C GLN A 63 16.92 -2.02 -49.82
N ASP A 64 18.16 -1.63 -49.52
CA ASP A 64 19.01 -2.38 -48.58
C ASP A 64 18.22 -2.71 -47.33
N GLU A 65 18.41 -3.90 -46.78
CA GLU A 65 17.66 -4.32 -45.59
C GLU A 65 18.02 -3.41 -44.42
N SER A 66 19.23 -2.85 -44.50
CA SER A 66 19.74 -1.92 -43.53
C SER A 66 18.92 -0.63 -43.47
N SER A 67 18.11 -0.38 -44.50
CA SER A 67 17.28 0.82 -44.54
C SER A 67 16.00 0.67 -43.73
N TYR A 68 15.74 -0.52 -43.22
CA TYR A 68 14.43 -0.82 -42.64
C TYR A 68 14.48 -1.29 -41.20
N ILE A 69 13.38 -1.08 -40.49
CA ILE A 69 13.12 -1.73 -39.22
C ILE A 69 11.74 -2.38 -39.25
N PHE A 70 11.43 -3.14 -38.20
CA PHE A 70 10.13 -3.80 -38.05
C PHE A 70 9.21 -2.97 -37.15
N VAL A 71 7.92 -2.92 -37.49
CA VAL A 71 6.87 -2.43 -36.60
C VAL A 71 5.81 -3.54 -36.45
N SER A 72 5.12 -3.60 -35.31
CA SER A 72 4.03 -4.56 -35.14
C SER A 72 3.08 -4.15 -34.03
N VAL A 73 2.03 -4.95 -33.80
CA VAL A 73 1.11 -4.65 -32.72
C VAL A 73 1.43 -5.49 -31.50
N THR A 74 1.58 -4.83 -30.36
CA THR A 74 1.88 -5.48 -29.10
C THR A 74 0.61 -5.89 -28.34
N GLN A 75 0.77 -6.67 -27.29
CA GLN A 75 -0.39 -7.10 -26.52
C GLN A 75 -1.06 -5.95 -25.76
N GLU A 76 -0.41 -4.79 -25.71
CA GLU A 76 -1.06 -3.62 -25.16
C GLU A 76 -1.73 -2.83 -26.30
N ALA A 77 -1.79 -3.43 -27.48
CA ALA A 77 -2.47 -2.88 -28.64
C ALA A 77 -1.80 -1.60 -29.13
N GLU A 78 -0.51 -1.47 -28.88
CA GLU A 78 0.26 -0.35 -29.39
C GLU A 78 0.98 -0.76 -30.67
N ARG A 79 1.17 0.19 -31.57
CA ARG A 79 2.06 0.05 -32.71
C ARG A 79 3.49 0.31 -32.24
N GLU A 80 4.31 -0.74 -32.13
CA GLU A 80 5.65 -0.55 -31.61
C GLU A 80 6.70 -0.69 -32.71
N GLU A 81 7.61 0.28 -32.79
CA GLU A 81 8.70 0.21 -33.74
C GLU A 81 9.92 -0.40 -33.09
N PHE A 82 10.44 -1.46 -33.68
CA PHE A 82 11.54 -2.21 -33.06
C PHE A 82 12.91 -1.69 -33.48
N PHE A 83 13.37 -0.66 -32.78
CA PHE A 83 14.66 -0.07 -33.09
C PHE A 83 15.84 -0.95 -32.64
N ASP A 84 15.68 -1.64 -31.51
CA ASP A 84 16.72 -2.57 -31.02
C ASP A 84 16.50 -3.93 -31.69
N GLU A 85 17.25 -4.21 -32.74
CA GLU A 85 17.05 -5.43 -33.49
C GLU A 85 17.72 -6.64 -32.85
N THR A 86 18.34 -6.45 -31.67
CA THR A 86 18.93 -7.59 -30.97
C THR A 86 17.91 -8.30 -30.08
N ARG A 87 16.76 -7.66 -29.89
CA ARG A 87 15.70 -8.28 -29.11
C ARG A 87 15.20 -9.53 -29.82
N ARG A 88 14.78 -10.53 -29.05
CA ARG A 88 14.25 -11.78 -29.59
C ARG A 88 12.75 -11.77 -29.87
N LEU A 89 12.40 -12.51 -30.92
CA LEU A 89 11.02 -12.66 -31.35
C LEU A 89 10.10 -12.99 -30.17
N CYS A 90 10.51 -13.94 -29.33
CA CYS A 90 9.68 -14.33 -28.19
C CYS A 90 9.59 -13.23 -27.12
N ASP A 91 10.50 -12.25 -27.16
CA ASP A 91 10.50 -11.20 -26.14
C ASP A 91 9.77 -9.92 -26.55
N LEU A 92 9.16 -9.93 -27.73
CA LEU A 92 8.59 -8.72 -28.35
C LEU A 92 7.22 -8.35 -27.81
N ARG A 93 6.56 -9.31 -27.16
CA ARG A 93 5.19 -9.16 -26.70
C ARG A 93 4.23 -8.85 -27.85
N LEU A 94 4.47 -9.48 -28.99
CA LEU A 94 3.54 -9.42 -30.15
C LEU A 94 2.13 -9.83 -29.77
N PHE A 95 1.16 -9.11 -30.33
CA PHE A 95 -0.23 -9.56 -30.21
C PHE A 95 -0.43 -10.81 -31.06
N GLN A 96 -0.01 -10.72 -32.32
CA GLN A 96 -0.08 -11.83 -33.28
C GLN A 96 1.24 -11.91 -34.02
N PRO A 97 1.60 -13.08 -34.54
CA PRO A 97 2.90 -13.24 -35.20
C PRO A 97 2.97 -12.60 -36.59
N PHE A 98 3.11 -11.28 -36.64
CA PHE A 98 3.41 -10.63 -37.91
C PHE A 98 4.34 -9.47 -37.67
N LEU A 99 5.02 -9.08 -38.74
CA LEU A 99 5.91 -7.94 -38.68
C LEU A 99 5.73 -7.13 -39.96
N LYS A 100 5.78 -5.82 -39.82
CA LYS A 100 5.64 -4.91 -40.96
C LYS A 100 6.93 -4.18 -41.13
N VAL A 101 7.38 -4.08 -42.37
CA VAL A 101 8.64 -3.46 -42.69
C VAL A 101 8.47 -1.98 -43.03
N ILE A 102 9.12 -1.10 -42.26
CA ILE A 102 9.03 0.33 -42.56
C ILE A 102 10.38 1.01 -42.50
N GLU A 103 10.41 2.20 -43.09
CA GLU A 103 11.56 3.07 -42.94
C GLU A 103 11.38 3.88 -41.68
N PRO A 104 12.35 3.78 -40.78
CA PRO A 104 12.32 4.48 -39.49
C PRO A 104 12.30 6.01 -39.65
N VAL A 105 11.32 6.64 -39.03
CA VAL A 105 11.20 8.07 -39.03
C VAL A 105 11.32 8.63 -37.61
N GLY A 106 11.39 9.95 -37.53
CA GLY A 106 11.11 10.65 -36.29
C GLY A 106 12.26 10.79 -35.32
N ASN A 107 11.90 11.22 -34.12
CA ASN A 107 12.89 11.43 -33.08
C ASN A 107 13.20 10.09 -32.46
N ARG A 108 14.24 9.43 -32.96
CA ARG A 108 14.58 8.08 -32.59
C ARG A 108 14.85 7.91 -31.10
N GLU A 109 15.64 8.82 -30.53
CA GLU A 109 16.08 8.67 -29.14
C GLU A 109 14.93 8.81 -28.16
N GLU A 110 14.01 9.73 -28.45
CA GLU A 110 12.80 9.88 -27.67
C GLU A 110 11.92 8.64 -27.78
N LYS A 111 11.77 8.10 -28.99
CA LYS A 111 10.94 6.93 -29.21
C LYS A 111 11.46 5.75 -28.41
N ILE A 112 12.77 5.56 -28.43
CA ILE A 112 13.44 4.49 -27.69
C ILE A 112 13.30 4.69 -26.18
N LEU A 113 13.50 5.92 -25.71
CA LEU A 113 13.32 6.17 -24.27
C LEU A 113 11.86 5.99 -23.83
N ASN A 114 10.91 6.41 -24.66
CA ASN A 114 9.49 6.23 -24.30
C ASN A 114 9.07 4.76 -24.31
N ARG A 115 9.74 3.94 -25.12
CA ARG A 115 9.43 2.52 -25.08
C ARG A 115 10.00 1.90 -23.80
N GLU A 116 11.14 2.39 -23.35
CA GLU A 116 11.75 1.88 -22.14
C GLU A 116 10.94 2.30 -20.92
N ILE A 117 10.43 3.54 -20.92
CA ILE A 117 9.55 3.98 -19.86
C ILE A 117 8.27 3.13 -19.85
N GLY A 118 7.69 2.93 -21.03
CA GLY A 118 6.45 2.18 -21.17
C GLY A 118 6.57 0.78 -20.63
N PHE A 119 7.70 0.14 -20.94
CA PHE A 119 7.98 -1.20 -20.46
C PHE A 119 8.08 -1.20 -18.94
N ALA A 120 8.77 -0.21 -18.38
CA ALA A 120 8.98 -0.17 -16.95
C ALA A 120 7.66 -0.07 -16.21
N ILE A 121 6.74 0.75 -16.73
CA ILE A 121 5.57 1.10 -15.94
C ILE A 121 4.36 0.23 -16.29
N GLY A 122 4.47 -0.58 -17.35
CA GLY A 122 3.41 -1.50 -17.73
C GLY A 122 2.28 -0.90 -18.55
N MET A 123 2.61 0.10 -19.37
CA MET A 123 1.60 0.90 -20.04
C MET A 123 2.27 1.86 -21.04
N PRO A 124 1.78 1.92 -22.29
CA PRO A 124 2.46 2.77 -23.28
C PRO A 124 2.29 4.25 -22.95
N VAL A 125 3.35 5.05 -22.98
CA VAL A 125 3.21 6.46 -22.61
C VAL A 125 2.37 7.26 -23.63
N CYS A 126 2.18 6.72 -24.83
CA CYS A 126 1.34 7.40 -25.83
C CYS A 126 -0.09 7.52 -25.31
N GLU A 127 -0.51 6.60 -24.44
CA GLU A 127 -1.84 6.67 -23.82
C GLU A 127 -2.07 8.01 -23.09
N PHE A 128 -0.99 8.60 -22.57
CA PHE A 128 -1.08 9.88 -21.86
C PHE A 128 -1.39 11.03 -22.80
N ASP A 129 -0.86 10.98 -24.01
CA ASP A 129 -1.04 12.06 -24.97
C ASP A 129 -2.49 12.21 -25.40
N MET A 130 -3.28 11.16 -25.21
CA MET A 130 -4.67 11.17 -25.65
C MET A 130 -5.60 11.79 -24.61
N VAL A 131 -5.13 11.92 -23.39
CA VAL A 131 -6.01 12.34 -22.30
C VAL A 131 -6.43 13.79 -22.46
N LYS A 132 -7.74 14.02 -22.48
CA LYS A 132 -8.27 15.37 -22.62
C LYS A 132 -8.16 16.21 -21.33
N ASP A 133 -8.32 15.58 -20.18
CA ASP A 133 -8.29 16.25 -18.88
C ASP A 133 -7.11 17.23 -18.72
N PRO A 134 -7.42 18.53 -18.62
CA PRO A 134 -6.38 19.55 -18.42
C PRO A 134 -5.49 19.27 -17.19
N GLU A 135 -6.04 18.64 -16.15
CA GLU A 135 -5.26 18.41 -14.94
C GLU A 135 -4.11 17.44 -15.21
N VAL A 136 -4.39 16.47 -16.06
CA VAL A 136 -3.41 15.46 -16.42
C VAL A 136 -2.25 16.09 -17.21
N GLN A 137 -2.55 16.79 -18.29
CA GLN A 137 -1.51 17.40 -19.09
C GLN A 137 -0.74 18.44 -18.30
N ASP A 138 -1.43 19.13 -17.41
CA ASP A 138 -0.76 20.11 -16.57
C ASP A 138 0.22 19.41 -15.60
N PHE A 139 -0.18 18.25 -15.08
CA PHE A 139 0.70 17.49 -14.20
C PHE A 139 1.99 17.13 -14.94
N ARG A 140 1.81 16.57 -16.13
CA ARG A 140 2.93 16.05 -16.90
C ARG A 140 3.94 17.14 -17.15
N ARG A 141 3.47 18.31 -17.53
CA ARG A 141 4.40 19.42 -17.78
C ARG A 141 4.97 19.96 -16.50
N ASN A 142 4.10 20.27 -15.53
CA ASN A 142 4.57 20.98 -14.35
C ASN A 142 5.47 20.15 -13.44
N ILE A 143 5.30 18.83 -13.46
CA ILE A 143 6.13 17.99 -12.58
C ILE A 143 7.60 17.98 -13.04
N LEU A 144 7.83 18.33 -14.30
CA LEU A 144 9.18 18.32 -14.86
C LEU A 144 10.14 19.22 -14.12
N ASN A 145 9.63 20.25 -13.46
CA ASN A 145 10.48 21.09 -12.62
C ASN A 145 11.15 20.29 -11.53
N VAL A 146 10.44 19.33 -10.94
CA VAL A 146 11.01 18.57 -9.84
C VAL A 146 12.07 17.64 -10.40
N CYS A 147 11.81 17.12 -11.60
CA CYS A 147 12.79 16.29 -12.27
C CYS A 147 14.09 17.08 -12.52
N LYS A 148 13.97 18.32 -13.00
CA LYS A 148 15.17 19.11 -13.31
C LYS A 148 15.94 19.48 -12.05
N GLU A 149 15.22 19.96 -11.05
CA GLU A 149 15.82 20.26 -9.75
C GLU A 149 16.58 19.05 -9.16
N ALA A 150 16.07 17.84 -9.34
CA ALA A 150 16.74 16.65 -8.77
C ALA A 150 18.00 16.29 -9.52
N VAL A 151 17.92 16.30 -10.85
CA VAL A 151 19.03 15.86 -11.70
C VAL A 151 20.17 16.88 -11.65
N ASP A 152 19.80 18.15 -11.46
CA ASP A 152 20.80 19.19 -11.30
C ASP A 152 21.53 18.97 -9.98
N LEU A 153 20.75 18.84 -8.91
CA LEU A 153 21.27 18.58 -7.57
C LEU A 153 22.07 17.27 -7.45
N ARG A 154 21.95 16.41 -8.45
CA ARG A 154 22.62 15.13 -8.45
C ARG A 154 24.01 15.23 -9.08
N ASP A 155 24.11 15.99 -10.15
CA ASP A 155 25.31 16.08 -10.94
C ASP A 155 26.14 17.31 -10.55
N LEU A 156 25.72 17.98 -9.48
CA LEU A 156 26.38 19.21 -9.04
C LEU A 156 27.81 18.94 -8.58
N ASN A 157 27.95 18.19 -7.49
CA ASN A 157 29.27 17.88 -6.93
C ASN A 157 29.85 16.59 -7.46
N SER A 158 29.77 16.39 -8.77
CA SER A 158 30.26 15.16 -9.39
C SER A 158 31.75 14.97 -9.17
N PRO A 159 32.21 13.71 -9.23
CA PRO A 159 31.39 12.50 -9.26
C PRO A 159 30.87 12.05 -7.88
N HIS A 160 31.20 12.76 -6.82
CA HIS A 160 30.77 12.34 -5.48
C HIS A 160 29.25 12.45 -5.27
N SER A 161 28.65 13.49 -5.82
CA SER A 161 27.23 13.66 -5.60
C SER A 161 26.45 12.59 -6.38
N ARG A 162 27.07 12.03 -7.41
CA ARG A 162 26.44 10.99 -8.19
C ARG A 162 26.53 9.68 -7.46
N ALA A 163 27.68 9.44 -6.83
CA ALA A 163 27.92 8.23 -6.03
C ALA A 163 26.97 8.17 -4.84
N MET A 164 26.71 9.33 -4.25
CA MET A 164 25.78 9.43 -3.13
C MET A 164 24.34 9.09 -3.54
N TYR A 165 23.97 9.48 -4.77
CA TYR A 165 22.67 9.18 -5.35
C TYR A 165 22.56 7.67 -5.54
N VAL A 166 23.56 7.06 -6.19
CA VAL A 166 23.50 5.63 -6.50
C VAL A 166 23.72 4.73 -5.27
N TYR A 167 24.64 5.16 -4.42
CA TYR A 167 25.05 4.37 -3.26
C TYR A 167 24.93 5.20 -1.98
N PRO A 168 23.68 5.55 -1.61
CA PRO A 168 23.44 6.36 -0.42
C PRO A 168 23.90 5.62 0.83
N PRO A 169 24.32 6.36 1.86
CA PRO A 169 24.73 5.71 3.10
C PRO A 169 23.56 5.00 3.77
N ASN A 170 23.70 3.72 4.06
CA ASN A 170 22.64 3.02 4.81
C ASN A 170 22.84 3.17 6.32
N VAL A 171 22.22 4.21 6.90
CA VAL A 171 22.49 4.55 8.30
C VAL A 171 21.26 4.59 9.21
N GLU A 172 21.50 4.38 10.50
CA GLU A 172 20.50 4.69 11.50
C GLU A 172 20.20 6.18 11.57
N SER A 173 19.18 6.56 12.33
CA SER A 173 18.76 7.95 12.34
C SER A 173 19.53 8.82 13.33
N SER A 174 20.15 8.19 14.33
CA SER A 174 21.02 8.90 15.27
C SER A 174 22.37 8.19 15.47
N PRO A 175 23.44 8.97 15.77
CA PRO A 175 24.75 8.39 16.11
C PRO A 175 24.81 7.91 17.55
N GLU A 176 23.78 8.24 18.32
CA GLU A 176 23.72 7.87 19.72
C GLU A 176 23.52 6.38 19.90
N LEU A 177 24.44 5.75 20.65
CA LEU A 177 24.38 4.31 20.91
C LEU A 177 23.58 3.96 22.16
N PRO A 178 22.62 3.04 22.01
CA PRO A 178 21.96 2.56 23.24
C PRO A 178 22.95 1.77 24.11
N LYS A 179 22.68 1.70 25.41
CA LYS A 179 23.66 1.12 26.31
C LYS A 179 23.93 -0.38 26.08
N HIS A 180 22.94 -1.15 25.65
CA HIS A 180 23.17 -2.58 25.45
C HIS A 180 24.08 -2.79 24.26
N ILE A 181 24.16 -1.78 23.39
CA ILE A 181 25.03 -1.84 22.22
C ILE A 181 26.45 -1.40 22.60
N TYR A 182 26.54 -0.27 23.28
CA TYR A 182 27.83 0.30 23.64
C TYR A 182 28.62 -0.66 24.52
N ASN A 183 27.95 -1.28 25.48
CA ASN A 183 28.60 -2.21 26.39
C ASN A 183 29.17 -3.47 25.72
N LYS A 184 28.74 -3.74 24.50
CA LYS A 184 29.26 -4.89 23.77
C LYS A 184 30.56 -4.55 23.06
N LEU A 185 30.91 -3.26 23.10
CA LEU A 185 32.17 -2.79 22.56
C LEU A 185 33.28 -3.02 23.58
N ASP A 186 34.51 -2.77 23.15
CA ASP A 186 35.65 -2.92 24.04
C ASP A 186 36.15 -1.51 24.39
N LYS A 187 35.66 -1.00 25.52
CA LYS A 187 35.93 0.37 25.94
C LYS A 187 35.65 1.35 24.81
N GLY A 188 34.50 1.19 24.15
CA GLY A 188 34.07 2.10 23.11
C GLY A 188 34.70 1.84 21.75
N GLN A 189 35.40 0.72 21.62
CA GLN A 189 36.13 0.43 20.39
C GLN A 189 35.64 -0.84 19.71
N ILE A 190 35.69 -0.83 18.38
CA ILE A 190 35.30 -2.01 17.62
C ILE A 190 36.50 -2.61 16.86
N ILE A 191 36.47 -3.93 16.69
CA ILE A 191 37.38 -4.62 15.80
C ILE A 191 36.73 -4.74 14.43
N VAL A 192 37.44 -4.30 13.39
CA VAL A 192 36.92 -4.40 12.03
C VAL A 192 37.95 -5.09 11.15
N VAL A 193 37.47 -5.78 10.13
CA VAL A 193 38.38 -6.42 9.21
C VAL A 193 38.28 -5.74 7.85
N ILE A 194 39.42 -5.27 7.39
CA ILE A 194 39.50 -4.52 6.14
C ILE A 194 40.23 -5.35 5.10
N TRP A 195 39.57 -5.58 3.97
CA TRP A 195 40.09 -6.42 2.90
C TRP A 195 40.51 -5.59 1.70
N VAL A 196 41.54 -6.04 1.02
CA VAL A 196 42.01 -5.39 -0.19
C VAL A 196 42.35 -6.43 -1.26
N ILE A 197 42.01 -6.12 -2.50
CA ILE A 197 42.27 -6.98 -3.62
C ILE A 197 43.56 -6.50 -4.26
N VAL A 198 44.63 -7.27 -4.12
CA VAL A 198 45.93 -6.79 -4.55
C VAL A 198 46.27 -7.25 -5.97
N SER A 199 46.75 -6.32 -6.79
CA SER A 199 47.23 -6.65 -8.12
C SER A 199 48.56 -7.36 -8.00
N PRO A 200 48.94 -8.19 -8.99
CA PRO A 200 48.17 -8.43 -10.21
C PRO A 200 47.35 -9.71 -10.19
N ASN A 201 47.43 -10.49 -9.12
CA ASN A 201 46.72 -11.76 -9.08
C ASN A 201 45.37 -11.70 -8.38
N ASN A 202 44.98 -10.50 -7.96
CA ASN A 202 43.74 -10.28 -7.23
C ASN A 202 43.65 -11.14 -5.96
N ASP A 203 44.76 -11.22 -5.25
CA ASP A 203 44.84 -11.91 -3.97
C ASP A 203 44.16 -11.09 -2.89
N LYS A 204 43.63 -11.76 -1.88
CA LYS A 204 42.89 -11.09 -0.84
C LYS A 204 43.75 -10.92 0.40
N GLN A 205 43.94 -9.67 0.79
CA GLN A 205 44.74 -9.37 1.96
C GLN A 205 43.87 -8.72 3.03
N LYS A 206 44.10 -9.17 4.24
CA LYS A 206 43.28 -8.91 5.41
C LYS A 206 44.05 -8.05 6.42
N TYR A 207 43.39 -7.03 6.94
CA TYR A 207 43.94 -6.23 8.02
C TYR A 207 42.93 -6.15 9.14
N THR A 208 43.31 -6.51 10.35
CA THR A 208 42.36 -6.44 11.45
C THR A 208 42.63 -5.19 12.30
N LEU A 209 41.68 -4.26 12.30
CA LEU A 209 41.87 -3.00 13.00
C LEU A 209 41.05 -2.91 14.27
N LYS A 210 41.48 -2.04 15.17
CA LYS A 210 40.75 -1.76 16.39
C LYS A 210 40.65 -0.26 16.57
N ILE A 211 39.42 0.24 16.43
CA ILE A 211 39.17 1.69 16.37
C ILE A 211 37.96 2.07 17.22
N ASN A 212 37.85 3.36 17.55
CA ASN A 212 36.62 3.88 18.16
C ASN A 212 35.42 3.65 17.23
N HIS A 213 34.25 3.43 17.80
CA HIS A 213 33.04 3.24 17.00
C HIS A 213 32.71 4.55 16.30
N ASP A 214 33.13 5.64 16.92
CA ASP A 214 33.04 7.01 16.40
C ASP A 214 33.61 7.24 15.02
N CYS A 215 34.69 6.55 14.68
CA CYS A 215 35.49 6.90 13.51
C CYS A 215 34.67 7.05 12.24
N VAL A 216 34.95 8.11 11.49
CA VAL A 216 34.42 8.32 10.14
C VAL A 216 35.17 7.36 9.20
N PRO A 217 34.54 6.94 8.08
CA PRO A 217 35.23 6.05 7.14
C PRO A 217 36.64 6.50 6.80
N GLU A 218 36.81 7.81 6.57
CA GLU A 218 38.13 8.36 6.29
C GLU A 218 39.12 8.05 7.40
N GLN A 219 38.66 7.99 8.64
CA GLN A 219 39.57 7.68 9.74
C GLN A 219 39.84 6.19 9.78
N VAL A 220 38.87 5.40 9.33
CA VAL A 220 39.07 3.97 9.26
C VAL A 220 40.16 3.71 8.21
N ILE A 221 40.04 4.37 7.07
CA ILE A 221 41.06 4.28 6.04
C ILE A 221 42.41 4.77 6.57
N ALA A 222 42.39 5.84 7.37
CA ALA A 222 43.61 6.39 7.98
C ALA A 222 44.33 5.34 8.78
N GLU A 223 43.59 4.68 9.68
CA GLU A 223 44.19 3.63 10.48
C GLU A 223 44.71 2.51 9.58
N ALA A 224 44.01 2.21 8.49
CA ALA A 224 44.46 1.15 7.59
C ALA A 224 45.81 1.51 6.95
N ILE A 225 45.95 2.77 6.55
CA ILE A 225 47.21 3.27 6.02
C ILE A 225 48.33 3.13 7.06
N ARG A 226 47.98 3.34 8.33
CA ARG A 226 48.96 3.27 9.41
C ARG A 226 49.46 1.85 9.56
N LYS A 227 48.55 0.89 9.66
CA LYS A 227 48.92 -0.52 9.74
C LYS A 227 49.71 -1.01 8.50
N LYS A 228 49.35 -0.52 7.32
CA LYS A 228 49.99 -0.97 6.09
C LYS A 228 51.43 -0.48 6.01
N THR A 229 51.66 0.76 6.42
CA THR A 229 52.99 1.34 6.39
C THR A 229 53.69 1.23 7.75
N ARG A 230 53.29 0.24 8.55
CA ARG A 230 53.94 -0.03 9.83
C ARG A 230 55.42 -0.33 9.66
N SER A 231 55.73 -1.30 8.80
CA SER A 231 57.11 -1.76 8.60
C SER A 231 58.00 -0.70 7.94
N LYS A 232 57.47 -0.05 6.90
CA LYS A 232 58.17 1.01 6.21
C LYS A 232 58.13 2.29 7.03
N LYS A 233 58.86 2.28 8.15
CA LYS A 233 58.85 3.37 9.12
C LYS A 233 59.45 4.66 8.57
N LEU A 234 58.77 5.77 8.87
CA LEU A 234 59.16 7.10 8.39
C LEU A 234 59.02 8.15 9.49
N SER A 235 59.36 9.38 9.14
CA SER A 235 59.11 10.52 10.02
C SER A 235 57.63 10.66 10.29
N SER A 236 57.27 10.85 11.55
CA SER A 236 55.86 10.98 11.94
C SER A 236 55.13 12.08 11.18
N GLU A 237 55.81 13.19 10.87
CA GLU A 237 55.19 14.27 10.09
C GLU A 237 54.91 13.83 8.65
N GLN A 238 55.82 13.06 8.08
CA GLN A 238 55.58 12.58 6.73
C GLN A 238 54.45 11.55 6.80
N LEU A 239 54.45 10.70 7.83
CA LEU A 239 53.34 9.76 8.04
C LEU A 239 52.00 10.49 8.18
N LYS A 240 51.90 11.40 9.16
CA LYS A 240 50.67 12.11 9.42
C LYS A 240 50.21 12.85 8.16
N LEU A 241 51.18 13.37 7.41
CA LEU A 241 50.89 14.01 6.13
C LEU A 241 50.65 13.00 5.00
N CYS A 242 51.26 11.80 5.08
CA CYS A 242 50.97 10.75 4.10
C CYS A 242 49.52 10.29 4.21
N VAL A 243 49.12 9.98 5.43
CA VAL A 243 47.73 9.69 5.77
C VAL A 243 46.82 10.80 5.28
N LEU A 244 47.20 12.04 5.59
CA LEU A 244 46.41 13.22 5.23
C LEU A 244 46.17 13.36 3.73
N GLU A 245 47.20 13.04 2.94
CA GLU A 245 47.17 13.22 1.49
C GLU A 245 46.38 12.14 0.76
N TYR A 246 46.47 10.90 1.25
CA TYR A 246 45.86 9.76 0.55
C TYR A 246 44.61 9.23 1.27
N GLN A 247 44.20 9.93 2.33
CA GLN A 247 43.05 9.51 3.12
C GLN A 247 41.80 9.44 2.28
N GLY A 248 41.58 10.48 1.48
CA GLY A 248 40.44 10.57 0.58
C GLY A 248 40.69 9.94 -0.78
N LYS A 249 41.58 8.95 -0.84
CA LYS A 249 41.90 8.30 -2.11
C LYS A 249 41.15 6.95 -2.23
N TYR A 250 40.59 6.48 -1.12
CA TYR A 250 39.87 5.23 -1.11
C TYR A 250 38.47 5.40 -0.55
N ILE A 251 37.69 4.34 -0.67
CA ILE A 251 36.37 4.31 -0.11
C ILE A 251 36.16 2.90 0.40
N LEU A 252 35.19 2.73 1.31
CA LEU A 252 34.95 1.44 1.93
C LEU A 252 33.63 0.88 1.47
N LYS A 253 33.54 -0.45 1.49
CA LYS A 253 32.39 -1.18 0.97
C LYS A 253 32.15 -2.40 1.86
N VAL A 254 30.90 -2.75 2.10
CA VAL A 254 30.58 -4.00 2.75
C VAL A 254 30.94 -5.19 1.83
N CYS A 255 31.75 -6.11 2.33
CA CYS A 255 32.05 -7.33 1.57
C CYS A 255 30.76 -8.08 1.32
N GLY A 256 30.56 -8.57 0.09
CA GLY A 256 29.39 -9.37 -0.18
C GLY A 256 28.16 -8.65 -0.75
N CYS A 257 28.02 -7.33 -0.56
CA CYS A 257 26.89 -6.64 -1.17
C CYS A 257 27.24 -5.19 -1.56
N ASP A 258 26.40 -4.55 -2.35
CA ASP A 258 26.71 -3.21 -2.86
C ASP A 258 26.27 -2.11 -1.89
N GLU A 259 26.90 -2.08 -0.73
CA GLU A 259 26.57 -1.11 0.32
C GLU A 259 27.88 -0.34 0.62
N TYR A 260 27.91 0.96 0.36
CA TYR A 260 29.15 1.74 0.53
C TYR A 260 29.07 2.74 1.69
N PHE A 261 30.23 3.20 2.12
CA PHE A 261 30.36 4.14 3.22
C PHE A 261 30.88 5.46 2.70
N LEU A 262 30.13 6.09 1.80
CA LEU A 262 30.62 7.29 1.12
C LEU A 262 30.50 8.57 1.92
N GLU A 263 29.97 8.49 3.12
CA GLU A 263 29.66 9.71 3.83
C GLU A 263 30.20 9.72 5.25
N LYS A 264 30.62 10.89 5.71
CA LYS A 264 31.27 11.00 7.01
C LYS A 264 30.34 10.82 8.21
N TYR A 265 29.56 9.75 8.21
CA TYR A 265 28.83 9.39 9.43
C TYR A 265 29.80 8.58 10.28
N PRO A 266 29.61 8.58 11.60
CA PRO A 266 30.41 7.65 12.40
C PRO A 266 30.10 6.21 12.02
N LEU A 267 31.10 5.33 12.10
CA LEU A 267 30.99 4.00 11.52
C LEU A 267 29.86 3.18 12.15
N SER A 268 29.74 3.28 13.46
CA SER A 268 28.70 2.58 14.20
C SER A 268 27.27 3.03 13.84
N GLN A 269 27.14 4.19 13.21
CA GLN A 269 25.84 4.64 12.78
C GLN A 269 25.42 3.97 11.47
N TYR A 270 26.37 3.34 10.77
CA TYR A 270 26.01 2.54 9.60
C TYR A 270 25.33 1.24 10.08
N LYS A 271 24.16 0.97 9.51
CA LYS A 271 23.32 -0.17 9.90
C LYS A 271 24.04 -1.53 9.90
N TYR A 272 24.77 -1.81 8.83
CA TYR A 272 25.61 -3.01 8.84
C TYR A 272 26.49 -3.06 10.10
N ILE A 273 27.25 -2.00 10.35
CA ILE A 273 28.17 -1.98 11.50
C ILE A 273 27.41 -2.09 12.83
N ARG A 274 26.38 -1.27 13.00
CA ARG A 274 25.51 -1.34 14.18
C ARG A 274 24.99 -2.79 14.37
N SER A 275 24.53 -3.43 13.30
CA SER A 275 24.13 -4.85 13.41
C SER A 275 25.29 -5.73 13.84
N CYS A 276 26.48 -5.48 13.30
CA CYS A 276 27.61 -6.32 13.65
C CYS A 276 27.91 -6.22 15.15
N ILE A 277 27.85 -5.01 15.71
CA ILE A 277 28.03 -4.85 17.15
C ILE A 277 26.97 -5.63 17.91
N MET A 278 25.71 -5.37 17.59
CA MET A 278 24.60 -6.02 18.27
C MET A 278 24.71 -7.55 18.28
N LEU A 279 25.09 -8.11 17.14
CA LEU A 279 25.11 -9.56 16.94
C LEU A 279 26.41 -10.24 17.33
N GLY A 280 27.44 -9.45 17.61
CA GLY A 280 28.76 -10.00 17.86
C GLY A 280 29.37 -10.64 16.61
N ARG A 281 29.14 -10.00 15.47
CA ARG A 281 29.68 -10.49 14.21
C ARG A 281 30.82 -9.59 13.75
N MET A 282 31.83 -10.19 13.14
CA MET A 282 32.96 -9.43 12.62
C MET A 282 32.57 -8.64 11.40
N PRO A 283 32.72 -7.31 11.47
CA PRO A 283 32.49 -6.49 10.28
C PRO A 283 33.62 -6.75 9.30
N ASN A 284 33.26 -7.06 8.06
CA ASN A 284 34.20 -7.25 6.98
C ASN A 284 33.95 -6.22 5.89
N LEU A 285 34.91 -5.31 5.73
CA LEU A 285 34.84 -4.24 4.74
C LEU A 285 35.91 -4.42 3.68
N MET A 286 35.64 -3.86 2.52
CA MET A 286 36.58 -3.93 1.43
C MET A 286 37.00 -2.53 1.07
N LEU A 287 38.31 -2.33 1.00
CA LEU A 287 38.89 -1.05 0.63
C LEU A 287 39.17 -1.04 -0.86
N MET A 288 38.77 0.02 -1.53
CA MET A 288 39.13 0.19 -2.94
C MET A 288 39.44 1.64 -3.28
N ALA A 289 40.19 1.86 -4.36
CA ALA A 289 40.47 3.22 -4.80
C ALA A 289 39.17 3.92 -5.18
N LYS A 290 39.06 5.18 -4.75
CA LYS A 290 37.92 6.04 -5.06
C LYS A 290 37.63 6.00 -6.56
N GLU A 291 38.69 6.02 -7.35
CA GLU A 291 38.58 6.12 -8.79
C GLU A 291 37.94 4.88 -9.44
N SER A 292 38.17 3.70 -8.87
CA SER A 292 37.64 2.49 -9.47
C SER A 292 36.11 2.38 -9.25
N LEU A 293 35.59 3.18 -8.31
CA LEU A 293 34.14 3.30 -8.16
C LEU A 293 33.57 4.41 -9.04
N TYR A 294 34.21 5.58 -9.00
CA TYR A 294 33.73 6.76 -9.72
C TYR A 294 33.73 6.53 -11.22
N SER A 295 34.52 5.56 -11.67
CA SER A 295 34.59 5.19 -13.07
C SER A 295 33.38 4.38 -13.51
N GLN A 296 32.82 3.58 -12.61
CA GLN A 296 31.65 2.77 -12.93
C GLN A 296 30.43 3.65 -13.18
N LEU A 297 30.33 4.69 -12.35
CA LEU A 297 29.14 5.51 -12.26
C LEU A 297 28.69 6.08 -13.59
N PRO A 298 27.50 5.66 -14.03
CA PRO A 298 26.93 6.13 -15.30
C PRO A 298 26.66 7.63 -15.25
N MET A 299 26.90 8.32 -16.35
CA MET A 299 26.42 9.68 -16.45
C MET A 299 24.92 9.64 -16.71
N ASP A 300 24.17 10.30 -15.84
CA ASP A 300 22.73 10.41 -16.01
C ASP A 300 22.42 11.76 -16.65
N CYS A 301 21.89 11.70 -17.86
CA CYS A 301 21.40 12.92 -18.50
C CYS A 301 19.88 12.90 -18.58
N PHE A 302 19.28 14.01 -18.21
CA PHE A 302 17.84 14.16 -18.24
C PHE A 302 17.49 14.96 -19.49
N THR A 303 16.48 14.53 -20.23
CA THR A 303 16.07 15.24 -21.45
C THR A 303 14.64 15.74 -21.32
N MET A 304 14.40 17.01 -21.62
CA MET A 304 13.04 17.53 -21.63
C MET A 304 12.23 16.81 -22.71
N PRO A 305 11.09 16.24 -22.32
CA PRO A 305 10.24 15.54 -23.30
C PRO A 305 9.50 16.50 -24.22
N SER A 306 9.05 15.98 -25.35
CA SER A 306 8.24 16.70 -26.33
C SER A 306 7.07 17.47 -25.74
N TYR A 307 6.32 16.84 -24.83
CA TYR A 307 5.10 17.45 -24.36
C TYR A 307 5.37 18.72 -23.55
N SER A 308 6.64 18.96 -23.20
CA SER A 308 6.99 20.25 -22.60
C SER A 308 7.30 21.31 -23.66
N ARG A 309 7.16 20.94 -24.93
CA ARG A 309 7.44 21.84 -26.05
C ARG A 309 6.22 22.03 -26.94
N ARG A 310 5.04 22.12 -26.35
CA ARG A 310 3.82 22.26 -27.13
C ARG A 310 2.96 23.42 -26.68
N ILE A 311 2.24 24.01 -27.64
CA ILE A 311 1.27 25.06 -27.35
C ILE A 311 -0.10 24.48 -27.02
N SER A 312 -0.56 24.74 -25.79
CA SER A 312 -1.92 24.36 -25.39
C SER A 312 -2.81 25.59 -25.28
N THR A 313 -3.84 25.64 -26.12
CA THR A 313 -4.79 26.76 -26.15
C THR A 313 -5.33 27.14 -24.77
N THR A 322 -12.51 36.97 -17.14
CA THR A 322 -12.90 38.36 -16.96
C THR A 322 -13.78 38.48 -15.70
N SER A 323 -15.03 38.03 -15.81
CA SER A 323 -15.93 37.97 -14.66
C SER A 323 -15.57 36.77 -13.80
N THR A 324 -14.62 36.97 -12.90
CA THR A 324 -14.21 35.94 -11.98
C THR A 324 -14.70 36.31 -10.59
N LYS A 325 -15.73 35.61 -10.13
CA LYS A 325 -16.36 35.99 -8.86
C LYS A 325 -15.77 35.20 -7.70
N SER A 326 -15.45 35.91 -6.63
CA SER A 326 -15.09 35.29 -5.37
C SER A 326 -16.21 34.38 -4.89
N LEU A 327 -15.86 33.17 -4.47
CA LEU A 327 -16.80 32.28 -3.81
C LEU A 327 -17.59 33.00 -2.73
N TRP A 328 -16.90 33.90 -2.02
CA TRP A 328 -17.44 34.50 -0.81
C TRP A 328 -18.53 35.54 -1.08
N VAL A 329 -18.73 35.93 -2.34
CA VAL A 329 -19.81 36.87 -2.65
C VAL A 329 -20.92 36.19 -3.44
N ILE A 330 -20.91 34.86 -3.42
CA ILE A 330 -22.03 34.08 -3.92
C ILE A 330 -23.05 33.90 -2.80
N ASN A 331 -24.15 34.63 -2.85
CA ASN A 331 -25.12 34.59 -1.76
C ASN A 331 -26.22 33.56 -2.00
N SER A 332 -25.91 32.28 -1.78
CA SER A 332 -26.86 31.21 -2.03
C SER A 332 -26.57 30.00 -1.16
N ALA A 333 -27.54 29.09 -1.04
CA ALA A 333 -27.30 27.82 -0.41
C ALA A 333 -26.72 26.85 -1.43
N LEU A 334 -26.13 25.75 -0.97
CA LEU A 334 -25.62 24.75 -1.89
C LEU A 334 -26.74 23.90 -2.45
N ARG A 335 -26.74 23.78 -3.77
CA ARG A 335 -27.77 23.09 -4.50
C ARG A 335 -27.11 22.17 -5.52
N ILE A 336 -27.45 20.89 -5.54
CA ILE A 336 -26.94 20.01 -6.59
C ILE A 336 -28.05 19.17 -7.22
N LYS A 337 -28.03 19.06 -8.55
CA LYS A 337 -29.09 18.35 -9.25
C LYS A 337 -28.68 16.93 -9.64
N ILE A 338 -29.48 15.95 -9.23
CA ILE A 338 -29.32 14.58 -9.70
C ILE A 338 -30.28 14.34 -10.86
N LEU A 339 -29.73 14.01 -12.02
CA LEU A 339 -30.58 13.97 -13.19
C LEU A 339 -31.04 12.55 -13.45
N CYS A 340 -30.14 11.69 -13.89
CA CYS A 340 -30.49 10.33 -14.23
C CYS A 340 -29.25 9.49 -14.21
N ALA A 341 -29.42 8.18 -14.23
CA ALA A 341 -28.31 7.26 -14.25
C ALA A 341 -28.61 6.28 -15.36
N THR A 342 -27.60 5.81 -16.07
CA THR A 342 -27.84 5.01 -17.27
C THR A 342 -28.44 3.65 -16.93
N TYR A 343 -27.92 3.01 -15.89
CA TYR A 343 -28.43 1.70 -15.47
C TYR A 343 -27.88 1.29 -14.10
N VAL A 344 -28.57 0.37 -13.45
CA VAL A 344 -28.01 -0.36 -12.33
C VAL A 344 -28.18 -1.83 -12.63
N ASN A 345 -27.33 -2.67 -12.05
CA ASN A 345 -27.52 -4.11 -12.14
C ASN A 345 -28.15 -4.63 -10.87
N VAL A 346 -29.48 -4.65 -10.85
CA VAL A 346 -30.20 -5.21 -9.74
C VAL A 346 -31.16 -6.28 -10.21
N ASN A 347 -31.48 -7.19 -9.30
CA ASN A 347 -32.55 -8.14 -9.54
C ASN A 347 -33.86 -7.47 -9.17
N ILE A 348 -34.66 -7.14 -10.19
CA ILE A 348 -35.92 -6.40 -10.02
C ILE A 348 -36.90 -7.08 -9.05
N ARG A 349 -36.86 -8.41 -9.00
CA ARG A 349 -37.64 -9.15 -8.03
C ARG A 349 -37.13 -8.98 -6.59
N ASP A 350 -35.85 -8.68 -6.40
CA ASP A 350 -35.29 -8.58 -5.05
C ASP A 350 -35.22 -7.15 -4.50
N ILE A 351 -35.53 -6.16 -5.32
CA ILE A 351 -35.37 -4.79 -4.86
C ILE A 351 -36.65 -4.00 -5.10
N ASP A 352 -37.03 -3.19 -4.11
CA ASP A 352 -38.25 -2.40 -4.24
C ASP A 352 -38.02 -1.10 -5.00
N LYS A 353 -36.99 -0.34 -4.64
CA LYS A 353 -36.66 0.90 -5.35
C LYS A 353 -35.17 1.23 -5.28
N ILE A 354 -34.72 2.17 -6.11
CA ILE A 354 -33.37 2.71 -6.00
C ILE A 354 -33.40 4.23 -5.82
N TYR A 355 -32.34 4.77 -5.25
CA TYR A 355 -32.23 6.19 -5.03
C TYR A 355 -30.76 6.56 -4.98
N VAL A 356 -30.47 7.84 -5.11
CA VAL A 356 -29.09 8.31 -5.01
C VAL A 356 -28.91 8.96 -3.66
N ARG A 357 -27.88 8.53 -2.94
CA ARG A 357 -27.55 9.14 -1.66
C ARG A 357 -26.41 10.10 -1.89
N THR A 358 -26.41 11.22 -1.18
CA THR A 358 -25.32 12.16 -1.31
C THR A 358 -24.91 12.72 0.02
N GLY A 359 -23.72 13.29 0.04
CA GLY A 359 -23.24 14.00 1.20
C GLY A 359 -22.10 14.91 0.80
N ILE A 360 -22.00 16.01 1.51
CA ILE A 360 -20.91 16.95 1.32
C ILE A 360 -19.90 16.72 2.44
N TYR A 361 -18.65 16.43 2.07
CA TYR A 361 -17.66 16.03 3.08
C TYR A 361 -16.39 16.86 3.10
N HIS A 362 -15.82 16.95 4.30
CA HIS A 362 -14.45 17.41 4.51
C HIS A 362 -13.70 16.27 5.17
N GLY A 363 -12.92 15.53 4.38
CA GLY A 363 -12.29 14.32 4.87
C GLY A 363 -13.37 13.27 5.09
N GLY A 364 -13.42 12.72 6.29
CA GLY A 364 -14.40 11.68 6.60
C GLY A 364 -15.62 12.25 7.30
N GLU A 365 -15.57 13.55 7.59
CA GLU A 365 -16.67 14.21 8.30
C GLU A 365 -17.62 14.93 7.33
N PRO A 366 -18.92 14.63 7.46
CA PRO A 366 -19.96 15.42 6.75
C PRO A 366 -19.96 16.88 7.20
N LEU A 367 -20.10 17.79 6.25
CA LEU A 367 -20.13 19.22 6.53
C LEU A 367 -21.55 19.67 6.81
N CYS A 368 -22.50 18.80 6.47
CA CYS A 368 -23.92 19.00 6.75
C CYS A 368 -24.54 17.62 6.67
N ASP A 369 -25.86 17.53 6.81
CA ASP A 369 -26.49 16.24 6.77
C ASP A 369 -26.53 15.70 5.33
N ASN A 370 -26.44 14.38 5.21
CA ASN A 370 -26.63 13.68 3.93
C ASN A 370 -28.02 13.91 3.34
N VAL A 371 -28.12 13.86 2.02
CA VAL A 371 -29.39 14.08 1.34
C VAL A 371 -29.60 13.01 0.27
N ASN A 372 -30.74 12.33 0.37
CA ASN A 372 -31.17 11.32 -0.60
C ASN A 372 -32.08 11.94 -1.66
N THR A 373 -31.99 11.47 -2.90
CA THR A 373 -33.06 11.73 -3.86
C THR A 373 -34.31 10.94 -3.44
N GLN A 374 -35.42 11.19 -4.14
CA GLN A 374 -36.59 10.36 -3.93
C GLN A 374 -36.31 8.96 -4.47
N ARG A 375 -37.11 8.00 -4.05
CA ARG A 375 -36.97 6.63 -4.52
C ARG A 375 -37.71 6.44 -5.84
N VAL A 376 -37.12 5.66 -6.74
CA VAL A 376 -37.71 5.43 -8.06
C VAL A 376 -37.52 3.97 -8.44
N PRO A 377 -38.29 3.49 -9.44
CA PRO A 377 -38.18 2.09 -9.89
C PRO A 377 -36.81 1.74 -10.45
N CYS A 378 -36.42 0.47 -10.25
CA CYS A 378 -35.12 -0.07 -10.67
C CYS A 378 -34.87 0.10 -12.14
N SER A 379 -35.94 -0.11 -12.89
CA SER A 379 -35.92 -0.17 -14.34
C SER A 379 -35.94 1.22 -15.00
N ASN A 380 -35.99 2.27 -14.20
CA ASN A 380 -36.13 3.63 -14.71
C ASN A 380 -35.44 4.65 -13.80
N PRO A 381 -34.09 4.64 -13.77
CA PRO A 381 -33.29 5.45 -12.85
C PRO A 381 -33.25 6.92 -13.24
N ARG A 382 -34.35 7.63 -12.96
CA ARG A 382 -34.41 9.04 -13.30
C ARG A 382 -34.98 9.86 -12.16
N TRP A 383 -34.27 10.88 -11.74
CA TRP A 383 -34.74 11.71 -10.64
C TRP A 383 -35.13 13.14 -10.99
N ASN A 384 -34.31 13.82 -11.80
CA ASN A 384 -34.47 15.25 -12.08
C ASN A 384 -34.72 16.10 -10.84
N GLU A 385 -33.89 15.94 -9.83
CA GLU A 385 -34.15 16.55 -8.53
C GLU A 385 -33.02 17.46 -8.08
N TRP A 386 -33.37 18.68 -7.71
CA TRP A 386 -32.45 19.55 -7.03
C TRP A 386 -32.41 19.12 -5.57
N LEU A 387 -31.23 18.75 -5.11
CA LEU A 387 -31.04 18.43 -3.70
C LEU A 387 -30.49 19.64 -3.00
N ASN A 388 -31.08 19.98 -1.86
CA ASN A 388 -30.72 21.16 -1.13
C ASN A 388 -29.92 20.83 0.10
N TYR A 389 -28.76 21.46 0.25
CA TYR A 389 -27.86 21.14 1.35
C TYR A 389 -27.83 22.27 2.36
N ASP A 390 -27.82 21.90 3.63
CA ASP A 390 -27.77 22.87 4.69
C ASP A 390 -26.38 23.48 4.80
N ILE A 391 -25.94 24.16 3.75
CA ILE A 391 -24.67 24.87 3.81
C ILE A 391 -24.70 26.02 2.81
N TYR A 392 -24.17 27.15 3.28
CA TYR A 392 -24.03 28.40 2.55
C TYR A 392 -22.80 28.27 1.67
N ILE A 393 -22.94 28.53 0.39
CA ILE A 393 -21.84 28.35 -0.55
C ILE A 393 -20.53 28.99 -0.10
N PRO A 394 -20.55 30.22 0.45
CA PRO A 394 -19.30 30.78 0.99
C PRO A 394 -18.72 30.06 2.21
N ASP A 395 -19.47 29.13 2.80
CA ASP A 395 -18.94 28.38 3.94
C ASP A 395 -18.23 27.11 3.49
N LEU A 396 -18.21 26.87 2.19
CA LEU A 396 -17.56 25.68 1.65
C LEU A 396 -16.05 25.75 1.81
N PRO A 397 -15.48 24.87 2.65
CA PRO A 397 -14.02 24.82 2.77
C PRO A 397 -13.39 24.38 1.45
N ARG A 398 -12.11 24.70 1.28
CA ARG A 398 -11.41 24.47 0.02
C ARG A 398 -11.38 22.99 -0.41
N ALA A 399 -11.31 22.09 0.56
CA ALA A 399 -11.24 20.67 0.24
C ALA A 399 -12.61 19.95 0.28
N ALA A 400 -13.72 20.69 0.15
CA ALA A 400 -15.05 20.09 0.18
C ALA A 400 -15.28 19.14 -1.00
N ARG A 401 -15.94 18.01 -0.74
CA ARG A 401 -16.23 17.02 -1.77
C ARG A 401 -17.68 16.55 -1.73
N LEU A 402 -18.22 16.26 -2.91
CA LEU A 402 -19.49 15.56 -3.00
C LEU A 402 -19.22 14.05 -3.02
N CYS A 403 -19.81 13.33 -2.08
CA CYS A 403 -19.70 11.89 -2.04
C CYS A 403 -21.06 11.32 -2.31
N LEU A 404 -21.17 10.42 -3.27
CA LEU A 404 -22.47 9.88 -3.57
C LEU A 404 -22.46 8.39 -3.85
N SER A 405 -23.66 7.81 -3.91
CA SER A 405 -23.85 6.43 -4.30
C SER A 405 -25.22 6.25 -4.89
N ILE A 406 -25.38 5.26 -5.75
CA ILE A 406 -26.71 4.77 -6.07
C ILE A 406 -26.98 3.62 -5.13
N CYS A 407 -28.12 3.66 -4.44
CA CYS A 407 -28.44 2.62 -3.46
C CYS A 407 -29.73 1.93 -3.81
N SER A 408 -29.82 0.64 -3.49
CA SER A 408 -31.08 -0.09 -3.61
C SER A 408 -31.74 -0.15 -2.24
N VAL A 409 -33.06 -0.28 -2.23
CA VAL A 409 -33.79 -0.45 -0.99
C VAL A 409 -34.87 -1.51 -1.13
N LYS A 410 -34.89 -2.40 -0.16
CA LYS A 410 -35.79 -3.53 -0.08
C LYS A 410 -36.46 -3.49 1.28
N GLY A 411 -37.80 -3.50 1.33
CA GLY A 411 -38.49 -3.32 2.58
C GLY A 411 -39.57 -4.36 2.77
N ARG A 412 -39.15 -5.60 3.00
CA ARG A 412 -40.07 -6.70 2.88
C ARG A 412 -40.47 -7.30 4.22
N LYS A 413 -39.80 -6.87 5.28
CA LYS A 413 -40.09 -7.36 6.61
C LYS A 413 -40.51 -6.23 7.55
N GLY A 414 -41.76 -6.27 7.99
CA GLY A 414 -42.29 -5.25 8.87
C GLY A 414 -42.03 -3.85 8.37
N ALA A 415 -41.54 -2.98 9.26
CA ALA A 415 -41.16 -1.65 8.84
C ALA A 415 -39.67 -1.60 8.58
N LYS A 416 -39.03 -2.75 8.67
CA LYS A 416 -37.57 -2.83 8.49
C LYS A 416 -37.21 -2.82 7.02
N GLU A 417 -36.19 -2.05 6.65
CA GLU A 417 -35.68 -2.15 5.28
C GLU A 417 -34.18 -2.33 5.25
N GLU A 418 -33.70 -2.91 4.15
CA GLU A 418 -32.30 -3.17 3.90
C GLU A 418 -31.76 -2.31 2.76
N HIS A 419 -30.74 -1.51 3.04
CA HIS A 419 -30.15 -0.63 2.05
C HIS A 419 -28.78 -1.15 1.64
N CYS A 420 -28.51 -1.11 0.34
CA CYS A 420 -27.25 -1.59 -0.21
C CYS A 420 -26.75 -0.57 -1.25
N PRO A 421 -25.48 -0.14 -1.11
CA PRO A 421 -24.88 0.66 -2.17
C PRO A 421 -24.59 -0.23 -3.37
N LEU A 422 -24.81 0.29 -4.57
CA LEU A 422 -24.64 -0.48 -5.80
C LEU A 422 -23.38 0.00 -6.53
N ALA A 423 -23.06 1.27 -6.34
CA ALA A 423 -21.96 1.95 -7.03
C ALA A 423 -21.77 3.37 -6.46
N TRP A 424 -20.53 3.83 -6.36
CA TRP A 424 -20.24 5.05 -5.62
C TRP A 424 -19.36 5.96 -6.46
N GLY A 425 -19.29 7.23 -6.07
CA GLY A 425 -18.46 8.21 -6.76
C GLY A 425 -18.23 9.44 -5.91
N ASN A 426 -17.03 9.99 -5.95
CA ASN A 426 -16.73 11.23 -5.25
C ASN A 426 -16.23 12.32 -6.21
N ILE A 427 -16.57 13.56 -5.90
CA ILE A 427 -16.20 14.68 -6.74
C ILE A 427 -15.69 15.86 -5.91
N ASN A 428 -14.57 16.43 -6.33
CA ASN A 428 -14.12 17.67 -5.77
C ASN A 428 -15.04 18.80 -6.20
N LEU A 429 -15.48 19.64 -5.27
CA LEU A 429 -16.35 20.77 -5.61
C LEU A 429 -15.57 21.91 -6.26
N PHE A 430 -14.28 22.02 -5.92
CA PHE A 430 -13.37 22.89 -6.65
C PHE A 430 -12.38 22.05 -7.43
N ASP A 431 -12.02 22.50 -8.62
CA ASP A 431 -11.04 21.72 -9.38
C ASP A 431 -9.64 22.19 -9.01
N TYR A 432 -8.63 21.65 -9.67
CA TYR A 432 -7.24 21.92 -9.26
C TYR A 432 -6.81 23.38 -9.44
N THR A 433 -7.64 24.20 -10.09
CA THR A 433 -7.30 25.62 -10.24
C THR A 433 -8.11 26.53 -9.32
N ASP A 434 -8.80 25.93 -8.34
CA ASP A 434 -9.68 26.64 -7.38
C ASP A 434 -11.01 27.07 -8.01
N THR A 435 -11.36 26.50 -9.15
CA THR A 435 -12.66 26.78 -9.77
C THR A 435 -13.78 25.97 -9.13
N LEU A 436 -14.83 26.64 -8.66
CA LEU A 436 -16.02 25.94 -8.19
C LEU A 436 -16.70 25.28 -9.38
N VAL A 437 -16.91 23.97 -9.31
CA VAL A 437 -17.54 23.25 -10.42
C VAL A 437 -18.92 23.84 -10.71
N SER A 438 -19.30 23.85 -11.99
CA SER A 438 -20.61 24.33 -12.42
C SER A 438 -21.08 23.58 -13.66
N GLY A 439 -22.37 23.62 -13.90
CA GLY A 439 -22.91 23.01 -15.10
C GLY A 439 -23.01 21.50 -14.99
N LYS A 440 -23.24 20.87 -16.13
CA LYS A 440 -23.50 19.44 -16.17
C LYS A 440 -22.22 18.64 -16.06
N MET A 441 -22.36 17.46 -15.45
CA MET A 441 -21.27 16.52 -15.31
C MET A 441 -21.80 15.10 -15.42
N ALA A 442 -21.09 14.23 -16.16
CA ALA A 442 -21.42 12.81 -16.18
C ALA A 442 -20.35 12.03 -15.41
N LEU A 443 -20.77 11.21 -14.46
CA LEU A 443 -19.82 10.48 -13.62
C LEU A 443 -20.02 8.98 -13.71
N ASN A 444 -18.99 8.29 -14.18
CA ASN A 444 -19.01 6.84 -14.17
C ASN A 444 -18.59 6.37 -12.82
N LEU A 445 -19.44 5.53 -12.24
CA LEU A 445 -19.34 5.10 -10.85
C LEU A 445 -18.45 3.89 -10.70
N TRP A 446 -18.07 3.60 -9.47
CA TRP A 446 -17.15 2.52 -9.15
C TRP A 446 -17.89 1.41 -8.41
N PRO A 447 -17.40 0.17 -8.54
CA PRO A 447 -17.89 -0.94 -7.71
C PRO A 447 -17.63 -0.71 -6.22
N VAL A 448 -18.54 -1.17 -5.38
CA VAL A 448 -18.34 -1.03 -3.95
C VAL A 448 -17.27 -2.01 -3.48
N PRO A 449 -16.29 -1.53 -2.69
CA PRO A 449 -15.21 -2.38 -2.18
C PRO A 449 -15.74 -3.51 -1.32
N HIS A 450 -15.13 -4.69 -1.46
CA HIS A 450 -15.49 -5.85 -0.65
C HIS A 450 -15.37 -5.49 0.83
N GLY A 451 -16.40 -5.82 1.59
CA GLY A 451 -16.35 -5.55 3.02
C GLY A 451 -16.98 -4.24 3.44
N LEU A 452 -17.01 -3.25 2.54
CA LEU A 452 -17.65 -1.97 2.87
C LEU A 452 -19.16 -2.09 2.90
N GLU A 453 -19.76 -1.63 3.99
CA GLU A 453 -21.21 -1.70 4.14
C GLU A 453 -21.90 -0.33 4.20
N ASP A 454 -21.12 0.71 4.49
CA ASP A 454 -21.66 2.08 4.50
C ASP A 454 -22.21 2.46 3.13
N LEU A 455 -23.26 3.29 3.13
CA LEU A 455 -23.87 3.71 1.89
C LEU A 455 -22.97 4.63 1.06
N LEU A 456 -22.15 5.45 1.73
CA LEU A 456 -21.17 6.26 0.99
C LEU A 456 -19.76 5.73 1.18
N ASN A 457 -18.86 6.14 0.30
CA ASN A 457 -17.46 5.74 0.38
C ASN A 457 -16.56 6.97 0.29
N PRO A 458 -16.60 7.82 1.33
CA PRO A 458 -15.88 9.10 1.29
C PRO A 458 -14.36 8.95 1.29
N ILE A 459 -13.84 7.81 1.73
CA ILE A 459 -12.40 7.59 1.72
C ILE A 459 -11.95 7.29 0.29
N GLY A 460 -12.89 6.94 -0.58
CA GLY A 460 -12.55 6.50 -1.93
C GLY A 460 -12.00 7.63 -2.78
N VAL A 461 -11.25 7.27 -3.81
CA VAL A 461 -10.70 8.29 -4.72
C VAL A 461 -11.78 9.07 -5.42
N THR A 462 -11.45 10.29 -5.87
CA THR A 462 -12.39 11.12 -6.60
C THR A 462 -12.21 10.96 -8.10
N GLY A 463 -13.20 11.37 -8.87
CA GLY A 463 -13.14 11.23 -10.31
C GLY A 463 -13.93 10.07 -10.90
N SER A 464 -14.17 10.20 -12.20
CA SER A 464 -14.94 9.26 -12.99
C SER A 464 -14.16 7.96 -13.25
N ASN A 465 -14.85 6.84 -13.18
CA ASN A 465 -14.32 5.55 -13.57
C ASN A 465 -13.91 5.59 -15.04
N PRO A 466 -12.62 5.32 -15.33
CA PRO A 466 -12.18 5.40 -16.73
C PRO A 466 -12.91 4.38 -17.58
N ASN A 467 -13.28 3.26 -16.97
CA ASN A 467 -14.09 2.28 -17.68
C ASN A 467 -15.49 2.86 -17.85
N LYS A 468 -15.90 3.03 -19.11
CA LYS A 468 -17.13 3.73 -19.41
C LYS A 468 -18.25 2.74 -19.68
N GLU A 469 -17.98 1.45 -19.44
CA GLU A 469 -19.00 0.41 -19.48
C GLU A 469 -19.47 0.11 -18.04
N THR A 470 -19.95 1.16 -17.36
CA THR A 470 -20.28 1.14 -15.95
C THR A 470 -21.46 2.09 -15.73
N PRO A 471 -22.20 1.94 -14.61
CA PRO A 471 -23.27 2.91 -14.32
C PRO A 471 -22.78 4.36 -14.39
N CYS A 472 -23.49 5.20 -15.11
CA CYS A 472 -23.09 6.57 -15.33
C CYS A 472 -24.17 7.51 -14.78
N LEU A 473 -23.79 8.36 -13.81
CA LEU A 473 -24.71 9.29 -13.17
C LEU A 473 -24.56 10.70 -13.73
N GLU A 474 -25.64 11.26 -14.24
CA GLU A 474 -25.64 12.66 -14.72
C GLU A 474 -26.00 13.61 -13.59
N LEU A 475 -25.13 14.56 -13.35
CA LEU A 475 -25.37 15.56 -12.34
C LEU A 475 -25.49 16.89 -13.01
N GLU A 476 -25.83 17.91 -12.22
CA GLU A 476 -25.71 19.29 -12.64
C GLU A 476 -25.50 20.17 -11.41
N PHE A 477 -24.45 20.98 -11.45
CA PHE A 477 -24.18 21.94 -10.39
C PHE A 477 -24.69 23.32 -10.77
N ASP A 478 -24.95 24.15 -9.76
CA ASP A 478 -25.49 25.47 -9.99
C ASP A 478 -24.55 26.34 -10.81
N TRP A 479 -25.12 27.31 -11.52
CA TRP A 479 -24.34 28.31 -12.24
C TRP A 479 -24.64 29.69 -11.67
N PHE A 480 -23.65 30.56 -11.76
CA PHE A 480 -23.75 31.89 -11.21
C PHE A 480 -23.32 32.87 -12.30
N SER A 481 -23.58 32.43 -13.53
CA SER A 481 -23.33 33.19 -14.74
C SER A 481 -21.90 33.70 -14.81
N SER A 482 -20.99 32.96 -14.19
CA SER A 482 -19.60 33.38 -14.09
C SER A 482 -18.73 32.26 -13.54
N VAL A 483 -17.46 32.29 -13.92
CA VAL A 483 -16.46 31.44 -13.30
C VAL A 483 -16.31 31.89 -11.84
N VAL A 484 -16.46 30.93 -10.93
CA VAL A 484 -16.34 31.21 -9.51
C VAL A 484 -15.07 30.56 -8.97
N LYS A 485 -14.24 31.32 -8.25
CA LYS A 485 -12.99 30.78 -7.69
C LYS A 485 -12.90 30.95 -6.19
N PHE A 486 -12.32 29.96 -5.53
CA PHE A 486 -11.98 30.08 -4.13
C PHE A 486 -11.12 31.34 -3.97
N PRO A 487 -11.36 32.12 -2.90
CA PRO A 487 -10.70 33.41 -2.70
C PRO A 487 -9.20 33.31 -2.46
N ASP A 488 -8.48 34.39 -2.71
CA ASP A 488 -7.04 34.48 -2.51
C ASP A 488 -6.65 34.38 -1.04
N MET A 489 -5.40 34.00 -0.79
CA MET A 489 -4.90 33.90 0.57
C MET A 489 -4.87 35.27 1.24
N SER A 490 -4.55 36.31 0.47
CA SER A 490 -4.60 37.69 0.98
C SER A 490 -5.98 38.00 1.54
N VAL A 491 -7.00 37.67 0.75
CA VAL A 491 -8.38 37.90 1.12
C VAL A 491 -8.79 37.11 2.39
N ILE A 492 -8.31 35.89 2.49
CA ILE A 492 -8.66 35.07 3.64
C ILE A 492 -7.97 35.60 4.88
N GLU A 493 -6.69 35.92 4.74
CA GLU A 493 -5.88 36.42 5.84
C GLU A 493 -6.47 37.69 6.44
N GLU A 494 -6.88 38.61 5.58
CA GLU A 494 -7.51 39.86 6.02
C GLU A 494 -8.79 39.59 6.78
N HIS A 495 -9.61 38.67 6.28
CA HIS A 495 -10.89 38.38 6.90
C HIS A 495 -10.74 37.81 8.31
N ALA A 496 -9.62 37.16 8.58
CA ALA A 496 -9.45 36.48 9.86
C ALA A 496 -9.36 37.51 10.97
N ASN A 497 -8.55 38.54 10.72
CA ASN A 497 -8.44 39.78 11.56
C ASN A 497 -9.71 40.43 12.11
N TRP A 498 -10.77 40.24 11.33
CA TRP A 498 -12.04 41.00 11.45
C TRP A 498 -13.04 40.03 11.83
N SER A 499 -12.55 38.85 12.16
CA SER A 499 -13.42 37.79 12.61
C SER A 499 -13.15 37.63 14.08
N VAL A 500 -11.95 38.13 14.48
CA VAL A 500 -11.39 38.01 15.84
C VAL A 500 -11.62 39.31 16.62
N SER A 501 -12.13 40.34 15.91
CA SER A 501 -12.63 41.59 16.48
C SER A 501 -14.06 41.72 15.97
N LEU A 523 -7.34 30.50 36.88
CA LEU A 523 -7.89 29.54 35.92
C LEU A 523 -6.86 29.07 34.90
N ARG A 524 -5.91 29.93 34.58
CA ARG A 524 -5.00 29.68 33.46
C ARG A 524 -3.99 28.55 33.72
N GLU A 525 -3.68 28.29 34.99
CA GLU A 525 -2.75 27.22 35.34
C GLU A 525 -3.41 25.84 35.16
N ASN A 526 -4.70 25.78 35.48
CA ASN A 526 -5.50 24.58 35.23
C ASN A 526 -5.67 24.33 33.73
N ASP A 527 -5.95 25.41 32.99
CA ASP A 527 -6.11 25.36 31.54
C ASP A 527 -4.83 24.89 30.83
N LYS A 528 -3.68 25.49 31.19
CA LYS A 528 -2.40 25.10 30.61
C LYS A 528 -2.14 23.62 30.80
N GLU A 529 -2.45 23.10 31.98
CA GLU A 529 -2.12 21.72 32.29
C GLU A 529 -3.15 20.76 31.68
N GLN A 530 -4.32 21.30 31.31
CA GLN A 530 -5.35 20.49 30.68
C GLN A 530 -5.11 20.34 29.18
N LEU A 531 -4.70 21.43 28.54
CA LEU A 531 -4.29 21.39 27.14
C LEU A 531 -3.19 20.37 26.95
N LYS A 532 -2.19 20.42 27.82
CA LYS A 532 -1.08 19.48 27.77
C LYS A 532 -1.60 18.05 27.79
N ALA A 533 -2.50 17.78 28.75
CA ALA A 533 -3.11 16.47 28.90
C ALA A 533 -3.86 16.01 27.64
N ILE A 534 -4.59 16.93 27.01
CA ILE A 534 -5.28 16.62 25.76
C ILE A 534 -4.28 16.26 24.66
N SER A 535 -3.11 16.91 24.70
CA SER A 535 -2.14 16.76 23.62
C SER A 535 -1.40 15.43 23.70
N THR A 536 -1.33 14.85 24.90
CA THR A 536 -0.61 13.58 25.09
C THR A 536 -1.44 12.36 24.71
N ARG A 537 -2.69 12.56 24.32
CA ARG A 537 -3.54 11.43 23.98
C ARG A 537 -3.36 11.02 22.53
N ASP A 538 -3.75 9.78 22.20
CA ASP A 538 -3.47 9.23 20.89
C ASP A 538 -4.38 9.85 19.82
N PRO A 539 -4.04 9.68 18.53
CA PRO A 539 -4.81 10.36 17.47
C PRO A 539 -6.27 9.98 17.36
N LEU A 540 -6.64 8.79 17.82
CA LEU A 540 -8.03 8.35 17.74
C LEU A 540 -8.72 8.45 19.09
N SER A 541 -8.10 9.16 20.02
CA SER A 541 -8.72 9.41 21.30
C SER A 541 -9.98 10.26 21.13
N GLU A 542 -11.06 9.85 21.79
CA GLU A 542 -12.30 10.64 21.82
C GLU A 542 -12.04 12.06 22.28
N ILE A 543 -12.52 13.02 21.53
CA ILE A 543 -12.52 14.37 22.04
C ILE A 543 -13.97 14.85 22.15
N THR A 544 -14.35 15.26 23.36
CA THR A 544 -15.72 15.70 23.64
C THR A 544 -16.01 17.05 23.02
N GLU A 545 -17.29 17.35 22.79
CA GLU A 545 -17.68 18.69 22.32
C GLU A 545 -17.17 19.76 23.25
N GLN A 546 -17.13 19.45 24.55
CA GLN A 546 -16.59 20.39 25.51
C GLN A 546 -15.15 20.67 25.20
N GLU A 547 -14.39 19.61 25.03
CA GLU A 547 -12.96 19.75 24.81
C GLU A 547 -12.71 20.51 23.51
N LYS A 548 -13.52 20.25 22.48
CA LYS A 548 -13.40 20.98 21.21
C LYS A 548 -13.59 22.50 21.38
N ASP A 549 -14.73 22.90 21.95
CA ASP A 549 -14.98 24.33 22.24
C ASP A 549 -13.87 24.92 23.11
N PHE A 550 -13.33 24.11 24.01
CA PHE A 550 -12.22 24.50 24.87
C PHE A 550 -10.94 24.73 24.06
N LEU A 551 -10.58 23.75 23.25
CA LEU A 551 -9.46 23.88 22.32
C LEU A 551 -9.59 25.11 21.46
N TRP A 552 -10.73 25.26 20.81
CA TRP A 552 -10.93 26.36 19.87
C TRP A 552 -10.78 27.71 20.56
N SER A 553 -11.28 27.80 21.79
CA SER A 553 -11.25 29.06 22.53
C SER A 553 -9.86 29.39 23.08
N HIS A 554 -8.93 28.45 23.03
CA HIS A 554 -7.59 28.72 23.52
C HIS A 554 -6.58 28.50 22.41
N ARG A 555 -7.01 28.80 21.19
CA ARG A 555 -6.27 28.41 19.99
C ARG A 555 -4.94 29.14 19.88
N HIS A 556 -4.90 30.40 20.34
CA HIS A 556 -3.68 31.18 20.27
C HIS A 556 -2.65 30.68 21.25
N TYR A 557 -3.14 30.19 22.38
CA TYR A 557 -2.27 29.61 23.40
C TYR A 557 -1.71 28.25 22.99
N CYS A 558 -2.36 27.60 22.02
CA CYS A 558 -1.96 26.24 21.64
C CYS A 558 -0.57 26.13 21.00
N VAL A 559 -0.05 27.25 20.50
CA VAL A 559 1.28 27.25 19.86
C VAL A 559 2.38 26.90 20.86
N THR A 560 2.08 27.03 22.15
CA THR A 560 3.03 26.69 23.19
C THR A 560 3.22 25.18 23.33
N ILE A 561 2.23 24.43 22.83
CA ILE A 561 2.30 22.97 22.73
C ILE A 561 1.99 22.55 21.30
N PRO A 562 2.93 22.78 20.38
CA PRO A 562 2.63 22.64 18.94
C PRO A 562 2.04 21.29 18.51
N GLU A 563 2.27 20.22 19.26
CA GLU A 563 1.79 18.92 18.83
C GLU A 563 0.32 18.69 19.16
N ILE A 564 -0.37 19.71 19.66
CA ILE A 564 -1.82 19.58 19.86
C ILE A 564 -2.56 19.93 18.57
N LEU A 565 -1.80 20.36 17.57
CA LEU A 565 -2.36 20.81 16.31
C LEU A 565 -3.42 19.88 15.70
N PRO A 566 -3.16 18.54 15.63
CA PRO A 566 -4.21 17.67 15.08
C PRO A 566 -5.57 17.78 15.78
N LYS A 567 -5.52 17.84 17.10
CA LYS A 567 -6.73 17.91 17.89
C LYS A 567 -7.38 19.28 17.77
N LEU A 568 -6.57 20.32 17.69
CA LEU A 568 -7.09 21.67 17.46
C LEU A 568 -7.81 21.72 16.11
N LEU A 569 -7.16 21.18 15.08
CA LEU A 569 -7.73 21.14 13.73
C LEU A 569 -9.08 20.44 13.68
N LEU A 570 -9.24 19.39 14.48
CA LEU A 570 -10.46 18.60 14.48
C LEU A 570 -11.54 19.23 15.37
N SER A 571 -11.17 20.29 16.10
CA SER A 571 -12.12 21.10 16.85
C SER A 571 -12.73 22.18 15.98
N VAL A 572 -12.00 22.51 14.92
CA VAL A 572 -12.43 23.52 13.96
C VAL A 572 -13.72 23.11 13.28
N LYS A 573 -14.61 24.10 13.08
CA LYS A 573 -15.86 23.87 12.36
C LYS A 573 -15.63 24.18 10.87
N TRP A 574 -15.36 23.16 10.06
CA TRP A 574 -14.88 23.36 8.71
C TRP A 574 -15.99 23.87 7.77
N ASN A 575 -17.22 23.90 8.25
CA ASN A 575 -18.31 24.51 7.49
C ASN A 575 -18.57 25.98 7.82
N SER A 576 -17.59 26.64 8.43
CA SER A 576 -17.72 28.08 8.64
C SER A 576 -16.41 28.75 8.23
N ARG A 577 -16.54 29.60 7.23
CA ARG A 577 -15.39 30.29 6.64
C ARG A 577 -14.71 31.14 7.69
N ASP A 578 -15.49 31.64 8.65
CA ASP A 578 -14.97 32.47 9.73
C ASP A 578 -13.93 31.73 10.55
N GLU A 579 -14.24 30.50 10.91
CA GLU A 579 -13.33 29.72 11.74
C GLU A 579 -12.11 29.28 10.93
N VAL A 580 -12.36 28.76 9.73
CA VAL A 580 -11.29 28.27 8.86
C VAL A 580 -10.27 29.37 8.56
N ALA A 581 -10.75 30.59 8.33
CA ALA A 581 -9.84 31.70 8.01
C ALA A 581 -8.88 31.88 9.16
N GLN A 582 -9.43 31.80 10.36
CA GLN A 582 -8.61 31.98 11.55
C GLN A 582 -7.65 30.81 11.68
N MET A 583 -8.13 29.60 11.37
CA MET A 583 -7.29 28.41 11.49
C MET A 583 -6.11 28.49 10.54
N TYR A 584 -6.35 29.03 9.35
CA TYR A 584 -5.27 29.26 8.39
C TYR A 584 -4.14 30.15 8.94
N CYS A 585 -4.52 31.25 9.59
CA CYS A 585 -3.52 32.17 10.13
C CYS A 585 -2.68 31.52 11.21
N LEU A 586 -3.25 30.54 11.90
CA LEU A 586 -2.47 29.81 12.88
C LEU A 586 -1.46 28.86 12.22
N VAL A 587 -1.87 28.04 11.25
CA VAL A 587 -0.94 27.02 10.72
C VAL A 587 0.17 27.68 9.91
N LYS A 588 -0.07 28.91 9.48
CA LYS A 588 0.95 29.66 8.76
C LYS A 588 2.22 29.74 9.60
N ASP A 589 2.05 30.13 10.85
CA ASP A 589 3.19 30.36 11.76
C ASP A 589 3.41 29.22 12.74
N TRP A 590 2.76 28.08 12.51
CA TRP A 590 2.86 26.97 13.43
C TRP A 590 4.26 26.36 13.40
N PRO A 591 4.86 26.15 14.59
CA PRO A 591 6.17 25.49 14.69
C PRO A 591 6.08 24.06 14.19
N PRO A 592 7.09 23.61 13.47
CA PRO A 592 7.00 22.25 12.93
C PRO A 592 6.94 21.22 14.07
N ILE A 593 6.31 20.08 13.81
CA ILE A 593 6.26 19.02 14.80
C ILE A 593 6.91 17.76 14.23
N LYS A 594 7.24 16.80 15.08
CA LYS A 594 7.98 15.61 14.64
C LYS A 594 7.21 14.85 13.56
N PRO A 595 7.96 14.30 12.57
CA PRO A 595 7.42 13.43 11.53
C PRO A 595 6.42 12.42 12.05
N GLU A 596 6.72 11.78 13.18
CA GLU A 596 5.82 10.79 13.80
C GLU A 596 4.42 11.35 13.99
N GLN A 597 4.32 12.67 14.14
CA GLN A 597 3.04 13.31 14.36
C GLN A 597 2.53 14.07 13.12
N ALA A 598 3.45 14.58 12.32
CA ALA A 598 3.05 15.27 11.11
C ALA A 598 2.37 14.32 10.11
N MET A 599 2.74 13.05 10.14
CA MET A 599 2.20 12.11 9.16
C MET A 599 0.70 11.95 9.33
N GLU A 600 0.21 12.16 10.54
CA GLU A 600 -1.23 12.07 10.81
C GLU A 600 -1.97 13.02 9.90
N LEU A 601 -1.35 14.19 9.69
CA LEU A 601 -1.97 15.28 8.94
C LEU A 601 -1.98 15.01 7.44
N LEU A 602 -1.48 13.85 7.07
CA LEU A 602 -1.53 13.44 5.67
C LEU A 602 -2.53 12.30 5.45
N ASP A 603 -3.21 11.84 6.51
CA ASP A 603 -4.21 10.77 6.32
C ASP A 603 -5.57 11.37 5.87
N CYS A 604 -6.59 10.51 5.72
CA CYS A 604 -7.84 10.91 5.09
C CYS A 604 -8.65 11.87 5.94
N ASN A 605 -8.26 12.11 7.19
CA ASN A 605 -9.02 13.03 8.01
C ASN A 605 -8.58 14.48 7.92
N TYR A 606 -7.51 14.75 7.19
CA TYR A 606 -7.03 16.13 7.08
C TYR A 606 -6.79 16.51 5.64
N PRO A 607 -7.87 16.85 4.92
CA PRO A 607 -7.80 17.07 3.47
C PRO A 607 -7.37 18.49 3.07
N ASP A 608 -7.35 19.42 4.01
CA ASP A 608 -7.06 20.81 3.67
C ASP A 608 -5.65 21.04 3.16
N PRO A 609 -5.53 21.70 2.00
CA PRO A 609 -4.23 21.85 1.32
C PRO A 609 -3.20 22.63 2.14
N MET A 610 -3.63 23.60 2.95
CA MET A 610 -2.74 24.26 3.90
C MET A 610 -2.21 23.32 5.00
N VAL A 611 -3.14 22.64 5.68
CA VAL A 611 -2.82 21.63 6.68
C VAL A 611 -1.79 20.61 6.14
N ARG A 612 -2.01 20.13 4.93
CA ARG A 612 -1.15 19.10 4.35
C ARG A 612 0.19 19.69 3.91
N GLY A 613 0.17 20.93 3.45
CA GLY A 613 1.41 21.66 3.18
C GLY A 613 2.31 21.75 4.39
N PHE A 614 1.72 22.18 5.51
CA PHE A 614 2.43 22.19 6.79
C PHE A 614 3.06 20.83 7.10
N ALA A 615 2.28 19.76 6.93
CA ALA A 615 2.80 18.41 7.16
C ALA A 615 4.04 18.11 6.29
N VAL A 616 3.98 18.50 5.03
CA VAL A 616 5.08 18.20 4.12
C VAL A 616 6.32 19.02 4.53
N ARG A 617 6.09 20.25 4.99
N ARG A 617 6.06 20.24 4.97
CA ARG A 617 7.21 21.07 5.43
CA ARG A 617 7.09 21.12 5.48
C ARG A 617 7.92 20.44 6.63
C ARG A 617 7.89 20.43 6.60
N CYS A 618 7.17 19.84 7.55
CA CYS A 618 7.78 19.10 8.64
C CYS A 618 8.62 17.91 8.13
N LEU A 619 8.11 17.20 7.13
CA LEU A 619 8.83 16.06 6.60
C LEU A 619 10.10 16.56 5.94
N GLU A 620 9.97 17.63 5.16
CA GLU A 620 11.10 18.24 4.48
C GLU A 620 12.24 18.58 5.44
N LYS A 621 11.91 19.07 6.63
CA LYS A 621 12.95 19.48 7.55
C LYS A 621 13.45 18.39 8.52
N TYR A 622 12.59 17.43 8.89
CA TYR A 622 12.96 16.51 9.97
C TYR A 622 13.00 15.03 9.60
N LEU A 623 12.42 14.63 8.47
CA LEU A 623 12.35 13.22 8.12
C LEU A 623 13.67 12.76 7.52
N THR A 624 14.41 11.91 8.21
CA THR A 624 15.64 11.39 7.64
C THR A 624 15.33 10.41 6.50
N ASP A 625 16.28 10.26 5.58
CA ASP A 625 16.12 9.30 4.51
C ASP A 625 15.84 7.91 5.04
N ASP A 626 16.46 7.60 6.19
CA ASP A 626 16.25 6.33 6.84
C ASP A 626 14.79 6.14 7.25
N LYS A 627 14.18 7.15 7.88
CA LYS A 627 12.79 7.02 8.30
C LYS A 627 11.86 7.05 7.08
N LEU A 628 12.23 7.81 6.05
CA LEU A 628 11.40 7.91 4.85
C LEU A 628 11.32 6.52 4.20
N SER A 629 12.46 5.85 4.05
CA SER A 629 12.49 4.46 3.61
C SER A 629 11.65 3.55 4.51
N GLN A 630 11.79 3.75 5.81
CA GLN A 630 11.03 2.95 6.77
C GLN A 630 9.50 3.09 6.58
N TYR A 631 9.03 4.28 6.21
CA TYR A 631 7.59 4.55 6.15
C TYR A 631 7.09 4.74 4.73
N LEU A 632 7.86 4.28 3.74
CA LEU A 632 7.54 4.58 2.37
C LEU A 632 6.19 3.98 1.97
N ILE A 633 5.93 2.77 2.45
CA ILE A 633 4.68 2.10 2.12
C ILE A 633 3.50 3.05 2.43
N GLN A 634 3.50 3.65 3.61
CA GLN A 634 2.39 4.53 3.99
C GLN A 634 2.38 5.85 3.20
N LEU A 635 3.55 6.46 2.99
CA LEU A 635 3.63 7.73 2.29
C LEU A 635 3.15 7.59 0.85
N VAL A 636 3.39 6.45 0.24
CA VAL A 636 2.89 6.23 -1.11
C VAL A 636 1.38 6.09 -1.08
N GLN A 637 0.86 5.35 -0.09
CA GLN A 637 -0.58 5.15 0.02
C GLN A 637 -1.39 6.43 0.22
N VAL A 638 -0.89 7.39 1.00
CA VAL A 638 -1.67 8.59 1.25
C VAL A 638 -1.75 9.49 0.01
N LEU A 639 -0.91 9.21 -0.99
CA LEU A 639 -1.06 9.85 -2.29
C LEU A 639 -2.45 9.62 -2.86
N LYS A 640 -3.07 8.49 -2.52
CA LYS A 640 -4.41 8.20 -2.99
C LYS A 640 -5.45 9.15 -2.41
N TYR A 641 -5.15 9.75 -1.26
CA TYR A 641 -6.08 10.66 -0.60
C TYR A 641 -6.08 12.08 -1.18
N GLU A 642 -5.03 12.44 -1.92
CA GLU A 642 -4.88 13.79 -2.44
C GLU A 642 -5.97 14.10 -3.46
N GLN A 643 -6.54 15.29 -3.37
CA GLN A 643 -7.62 15.65 -4.29
C GLN A 643 -7.15 15.75 -5.73
N TYR A 644 -5.90 16.15 -5.89
CA TYR A 644 -5.33 16.55 -7.16
C TYR A 644 -4.02 15.82 -7.46
N LEU A 645 -3.69 15.78 -8.74
CA LEU A 645 -2.47 15.12 -9.16
C LEU A 645 -1.26 15.88 -8.68
N ASP A 646 -1.26 17.20 -8.86
CA ASP A 646 -0.18 18.06 -8.41
C ASP A 646 -0.45 18.54 -6.99
N ASN A 647 0.47 18.21 -6.10
CA ASN A 647 0.37 18.63 -4.72
C ASN A 647 1.78 18.58 -4.11
N LEU A 648 1.94 19.17 -2.94
CA LEU A 648 3.24 19.26 -2.28
C LEU A 648 3.77 17.89 -1.86
N LEU A 649 2.90 16.97 -1.51
CA LEU A 649 3.39 15.68 -1.03
C LEU A 649 4.07 14.88 -2.15
N VAL A 650 3.45 14.86 -3.33
CA VAL A 650 3.99 14.09 -4.43
C VAL A 650 5.29 14.69 -4.99
N ARG A 651 5.38 16.02 -5.01
CA ARG A 651 6.62 16.70 -5.37
C ARG A 651 7.73 16.35 -4.37
N PHE A 652 7.40 16.34 -3.10
CA PHE A 652 8.38 15.95 -2.09
C PHE A 652 8.83 14.50 -2.28
N LEU A 653 7.89 13.58 -2.52
CA LEU A 653 8.29 12.16 -2.59
C LEU A 653 9.12 11.90 -3.85
N LEU A 654 8.72 12.50 -4.96
CA LEU A 654 9.42 12.31 -6.23
C LEU A 654 10.84 12.86 -6.14
N LYS A 655 10.96 14.02 -5.51
CA LYS A 655 12.26 14.62 -5.28
C LYS A 655 13.17 13.66 -4.50
N LYS A 656 12.66 13.11 -3.42
CA LYS A 656 13.45 12.19 -2.62
C LYS A 656 13.79 10.98 -3.45
N ALA A 657 12.81 10.46 -4.18
CA ALA A 657 13.04 9.30 -5.03
C ALA A 657 14.13 9.54 -6.06
N LEU A 658 14.19 10.77 -6.59
CA LEU A 658 15.20 11.13 -7.57
C LEU A 658 16.52 11.62 -7.01
N THR A 659 16.65 11.74 -5.68
CA THR A 659 17.95 12.15 -5.13
C THR A 659 18.58 11.04 -4.26
N ASN A 660 17.88 9.93 -4.11
CA ASN A 660 18.36 8.78 -3.37
C ASN A 660 17.80 7.53 -4.06
N GLN A 661 18.70 6.75 -4.65
CA GLN A 661 18.26 5.60 -5.46
C GLN A 661 17.65 4.46 -4.66
N ARG A 662 17.98 4.35 -3.37
CA ARG A 662 17.39 3.29 -2.55
C ARG A 662 15.91 3.66 -2.27
N ILE A 663 15.64 4.95 -2.12
CA ILE A 663 14.27 5.38 -2.02
C ILE A 663 13.59 5.22 -3.37
N GLY A 664 14.25 5.64 -4.44
CA GLY A 664 13.68 5.51 -5.78
C GLY A 664 13.27 4.09 -6.18
N HIS A 665 14.13 3.12 -5.89
CA HIS A 665 13.82 1.71 -6.15
C HIS A 665 12.49 1.30 -5.52
N PHE A 666 12.34 1.54 -4.23
CA PHE A 666 11.12 1.05 -3.58
C PHE A 666 9.92 1.92 -3.91
N PHE A 667 10.18 3.21 -4.12
CA PHE A 667 9.20 4.12 -4.70
C PHE A 667 8.62 3.53 -5.99
N PHE A 668 9.52 3.17 -6.89
CA PHE A 668 9.10 2.57 -8.15
C PHE A 668 8.31 1.30 -7.94
N TRP A 669 8.81 0.41 -7.09
CA TRP A 669 8.14 -0.87 -7.00
C TRP A 669 6.80 -0.74 -6.28
N HIS A 670 6.69 0.08 -5.26
CA HIS A 670 5.38 0.23 -4.62
C HIS A 670 4.34 0.82 -5.60
N LEU A 671 4.71 1.82 -6.40
CA LEU A 671 3.80 2.38 -7.42
C LEU A 671 3.42 1.33 -8.47
N LYS A 672 4.43 0.67 -9.02
CA LYS A 672 4.23 -0.31 -10.07
C LYS A 672 3.32 -1.43 -9.60
N SER A 673 3.49 -1.89 -8.36
CA SER A 673 2.75 -3.06 -7.91
C SER A 673 1.25 -2.79 -7.93
N GLU A 674 0.86 -1.52 -7.95
CA GLU A 674 -0.57 -1.18 -7.99
C GLU A 674 -1.10 -0.72 -9.36
N MET A 675 -0.27 -0.78 -10.40
CA MET A 675 -0.68 -0.24 -11.70
C MET A 675 -1.90 -0.94 -12.32
N HIS A 676 -2.28 -2.11 -11.78
CA HIS A 676 -3.45 -2.87 -12.23
C HIS A 676 -4.74 -2.33 -11.61
N ASN A 677 -4.60 -1.58 -10.53
CA ASN A 677 -5.76 -1.04 -9.84
C ASN A 677 -6.22 0.25 -10.52
N LYS A 678 -7.33 0.18 -11.25
CA LYS A 678 -7.81 1.26 -12.09
C LYS A 678 -8.18 2.50 -11.28
N THR A 679 -8.38 2.37 -9.98
CA THR A 679 -8.64 3.55 -9.18
C THR A 679 -7.39 4.44 -9.05
N VAL A 680 -6.20 3.89 -9.24
CA VAL A 680 -5.03 4.75 -9.11
C VAL A 680 -4.07 4.66 -10.28
N SER A 681 -4.41 3.91 -11.33
CA SER A 681 -3.38 3.64 -12.33
C SER A 681 -3.04 4.89 -13.12
N GLN A 682 -3.97 5.83 -13.19
CA GLN A 682 -3.67 7.06 -13.88
C GLN A 682 -2.69 7.86 -13.06
N ARG A 683 -3.01 8.10 -11.81
CA ARG A 683 -2.15 8.91 -10.98
C ARG A 683 -0.76 8.26 -10.82
N PHE A 684 -0.73 6.95 -10.55
CA PHE A 684 0.55 6.26 -10.35
C PHE A 684 1.30 6.17 -11.68
N GLY A 685 0.57 6.05 -12.78
CA GLY A 685 1.20 6.00 -14.09
C GLY A 685 1.94 7.28 -14.49
N LEU A 686 1.27 8.42 -14.32
CA LEU A 686 1.86 9.73 -14.54
C LEU A 686 3.05 9.95 -13.62
N LEU A 687 2.91 9.53 -12.37
CA LEU A 687 3.99 9.69 -11.42
C LEU A 687 5.16 8.80 -11.80
N LEU A 688 4.88 7.55 -12.18
CA LEU A 688 5.95 6.68 -12.65
C LEU A 688 6.62 7.18 -13.93
N GLU A 689 5.87 7.81 -14.83
CA GLU A 689 6.47 8.29 -16.07
C GLU A 689 7.57 9.31 -15.74
N SER A 690 7.26 10.22 -14.83
CA SER A 690 8.18 11.33 -14.57
C SER A 690 9.36 10.81 -13.77
N TYR A 691 9.13 9.81 -12.92
CA TYR A 691 10.25 9.16 -12.22
C TYR A 691 11.21 8.48 -13.20
N CYS A 692 10.67 7.70 -14.12
CA CYS A 692 11.51 6.95 -15.04
C CYS A 692 12.30 7.87 -15.98
N ARG A 693 11.69 9.00 -16.35
CA ARG A 693 12.30 9.98 -17.23
C ARG A 693 13.55 10.60 -16.59
N ALA A 694 13.61 10.64 -15.26
CA ALA A 694 14.68 11.38 -14.61
C ALA A 694 15.57 10.54 -13.70
N CYS A 695 15.29 9.24 -13.63
CA CYS A 695 15.98 8.41 -12.65
C CYS A 695 17.38 8.02 -13.14
N GLY A 696 17.68 8.35 -14.40
CA GLY A 696 19.01 8.10 -14.94
C GLY A 696 19.15 6.68 -15.45
N MET A 697 20.36 6.15 -15.33
CA MET A 697 20.68 4.82 -15.79
C MET A 697 19.93 3.71 -15.04
N TYR A 698 19.50 4.00 -13.82
CA TYR A 698 18.84 2.97 -13.03
C TYR A 698 17.58 2.46 -13.76
N LEU A 699 17.05 3.22 -14.73
CA LEU A 699 15.93 2.71 -15.53
C LEU A 699 16.28 1.40 -16.29
N LYS A 700 17.51 1.26 -16.76
CA LYS A 700 17.91 0.00 -17.41
C LYS A 700 18.00 -1.13 -16.38
N HIS A 701 18.36 -0.83 -15.14
CA HIS A 701 18.37 -1.89 -14.14
C HIS A 701 16.95 -2.31 -13.79
N LEU A 702 16.05 -1.33 -13.69
CA LEU A 702 14.66 -1.62 -13.37
C LEU A 702 14.04 -2.40 -14.53
N ASN A 703 14.43 -2.08 -15.75
CA ASN A 703 13.85 -2.80 -16.86
C ASN A 703 14.32 -4.26 -16.85
N ARG A 704 15.53 -4.52 -16.38
CA ARG A 704 15.96 -5.91 -16.25
C ARG A 704 15.18 -6.65 -15.18
N GLN A 705 14.85 -5.96 -14.08
CA GLN A 705 14.04 -6.56 -13.03
C GLN A 705 12.61 -6.89 -13.52
N VAL A 706 11.99 -5.93 -14.22
CA VAL A 706 10.64 -6.11 -14.70
C VAL A 706 10.56 -7.27 -15.70
N GLU A 707 11.55 -7.40 -16.58
CA GLU A 707 11.53 -8.49 -17.55
C GLU A 707 11.78 -9.84 -16.86
N ALA A 708 12.63 -9.86 -15.83
CA ALA A 708 12.82 -11.06 -15.03
C ALA A 708 11.49 -11.48 -14.40
N MET A 709 10.84 -10.54 -13.73
CA MET A 709 9.57 -10.81 -13.10
C MET A 709 8.54 -11.25 -14.16
N GLU A 710 8.55 -10.64 -15.35
CA GLU A 710 7.55 -11.01 -16.36
C GLU A 710 7.74 -12.44 -16.82
N LYS A 711 8.99 -12.87 -16.97
CA LYS A 711 9.28 -14.27 -17.31
C LYS A 711 8.81 -15.25 -16.24
N LEU A 712 8.98 -14.85 -14.97
CA LEU A 712 8.60 -15.73 -13.85
C LEU A 712 7.06 -15.82 -13.73
N ILE A 713 6.37 -14.71 -13.97
CA ILE A 713 4.91 -14.71 -14.03
C ILE A 713 4.42 -15.68 -15.10
N ASN A 714 4.99 -15.57 -16.29
CA ASN A 714 4.59 -16.43 -17.41
C ASN A 714 4.87 -17.92 -17.09
N LEU A 715 6.04 -18.21 -16.53
CA LEU A 715 6.40 -19.59 -16.23
C LEU A 715 5.43 -20.20 -15.19
N THR A 716 5.13 -19.47 -14.13
CA THR A 716 4.21 -19.97 -13.11
C THR A 716 2.75 -20.00 -13.59
N ASP A 717 2.38 -19.10 -14.50
CA ASP A 717 1.05 -19.14 -15.12
C ASP A 717 0.85 -20.47 -15.83
N ILE A 718 1.85 -20.88 -16.59
CA ILE A 718 1.79 -22.15 -17.27
C ILE A 718 1.59 -23.30 -16.27
N LEU A 719 2.35 -23.28 -15.19
CA LEU A 719 2.23 -24.34 -14.20
C LEU A 719 0.85 -24.33 -13.53
N LYS A 720 0.32 -23.15 -13.22
CA LYS A 720 -0.98 -23.07 -12.55
C LYS A 720 -2.16 -23.31 -13.50
N GLN A 721 -1.95 -23.20 -14.81
CA GLN A 721 -3.04 -23.36 -15.78
C GLN A 721 -2.95 -24.60 -16.65
N GLU A 722 -2.06 -24.60 -17.65
CA GLU A 722 -1.93 -25.75 -18.54
C GLU A 722 -1.57 -27.04 -17.81
N LYS A 723 -0.56 -26.96 -16.95
CA LYS A 723 0.04 -28.16 -16.37
C LYS A 723 -0.48 -28.46 -14.95
N LYS A 724 -1.57 -27.82 -14.54
CA LYS A 724 -2.08 -27.98 -13.17
C LYS A 724 -2.48 -29.41 -12.81
N ASP A 725 -2.98 -30.18 -13.77
CA ASP A 725 -3.38 -31.56 -13.48
C ASP A 725 -2.26 -32.53 -13.80
N GLU A 726 -1.02 -32.03 -13.82
CA GLU A 726 0.16 -32.87 -14.00
C GLU A 726 0.89 -33.09 -12.67
N THR A 727 1.67 -34.17 -12.60
CA THR A 727 2.41 -34.48 -11.38
C THR A 727 3.53 -33.47 -11.12
N GLN A 728 4.16 -33.55 -9.95
CA GLN A 728 5.31 -32.70 -9.62
C GLN A 728 6.54 -33.05 -10.45
N LYS A 729 6.81 -34.34 -10.62
CA LYS A 729 7.96 -34.79 -11.39
C LYS A 729 7.94 -34.23 -12.82
N VAL A 730 6.79 -34.37 -13.48
CA VAL A 730 6.62 -33.82 -14.83
C VAL A 730 6.81 -32.30 -14.82
N GLN A 731 6.26 -31.64 -13.81
CA GLN A 731 6.41 -30.19 -13.69
C GLN A 731 7.85 -29.77 -13.48
N MET A 732 8.65 -30.58 -12.78
CA MET A 732 10.07 -30.26 -12.59
C MET A 732 10.84 -30.41 -13.89
N LYS A 733 10.51 -31.46 -14.66
CA LYS A 733 11.05 -31.63 -16.01
C LYS A 733 10.85 -30.38 -16.86
N PHE A 734 9.62 -29.89 -16.90
CA PHE A 734 9.29 -28.71 -17.70
C PHE A 734 10.05 -27.50 -17.19
N LEU A 735 10.03 -27.29 -15.88
CA LEU A 735 10.76 -26.15 -15.28
C LEU A 735 12.23 -26.17 -15.69
N VAL A 736 12.86 -27.33 -15.55
CA VAL A 736 14.27 -27.48 -15.86
C VAL A 736 14.61 -27.10 -17.31
N GLU A 737 13.83 -27.62 -18.26
CA GLU A 737 14.09 -27.34 -19.67
C GLU A 737 13.83 -25.87 -20.05
N GLN A 738 12.88 -25.23 -19.35
CA GLN A 738 12.54 -23.83 -19.63
C GLN A 738 13.65 -22.89 -19.20
N MET A 739 14.19 -23.13 -18.00
CA MET A 739 15.16 -22.22 -17.41
C MET A 739 16.50 -22.29 -18.13
N ARG A 740 16.69 -23.32 -18.93
CA ARG A 740 17.92 -23.54 -19.69
C ARG A 740 17.90 -22.89 -21.07
N ARG A 741 16.73 -22.43 -21.51
N ARG A 741 16.75 -22.39 -21.46
CA ARG A 741 16.60 -21.71 -22.79
CA ARG A 741 16.63 -21.71 -22.75
C ARG A 741 17.40 -20.41 -22.72
C ARG A 741 17.41 -20.41 -22.71
N PRO A 742 18.05 -20.05 -23.83
CA PRO A 742 18.81 -18.80 -23.92
C PRO A 742 17.98 -17.57 -23.56
N ASP A 743 16.76 -17.43 -24.11
CA ASP A 743 15.95 -16.27 -23.77
C ASP A 743 15.61 -16.22 -22.26
N PHE A 744 15.57 -17.37 -21.59
CA PHE A 744 15.23 -17.39 -20.17
C PHE A 744 16.47 -17.07 -19.32
N MET A 745 17.56 -17.75 -19.63
CA MET A 745 18.87 -17.50 -19.04
C MET A 745 19.27 -16.02 -19.08
N ASP A 746 19.12 -15.41 -20.25
CA ASP A 746 19.43 -13.99 -20.47
C ASP A 746 18.72 -13.09 -19.51
N ALA A 747 17.45 -13.38 -19.30
CA ALA A 747 16.57 -12.51 -18.51
C ALA A 747 16.61 -12.79 -17.03
N LEU A 748 16.91 -14.02 -16.64
CA LEU A 748 16.91 -14.34 -15.23
C LEU A 748 18.29 -14.40 -14.57
N GLN A 749 19.30 -13.95 -15.29
CA GLN A 749 20.65 -13.84 -14.73
C GLN A 749 21.21 -12.43 -14.89
N GLY A 750 21.92 -11.96 -13.86
CA GLY A 750 22.59 -10.68 -13.98
C GLY A 750 21.64 -9.51 -13.83
N PHE A 751 20.93 -9.47 -12.71
CA PHE A 751 20.15 -8.29 -12.38
C PHE A 751 20.14 -8.08 -10.89
N LEU A 752 19.54 -6.98 -10.45
CA LEU A 752 19.47 -6.68 -9.01
C LEU A 752 18.20 -7.25 -8.37
N SER A 753 18.34 -7.80 -7.17
CA SER A 753 17.20 -8.25 -6.39
C SER A 753 16.22 -7.11 -6.11
N PRO A 754 14.96 -7.27 -6.52
CA PRO A 754 13.99 -6.23 -6.12
C PRO A 754 13.76 -6.14 -4.61
N LEU A 755 14.03 -7.20 -3.86
CA LEU A 755 13.88 -7.18 -2.37
C LEU A 755 14.89 -6.28 -1.73
N ASN A 756 16.06 -6.26 -2.34
CA ASN A 756 17.15 -5.43 -1.88
C ASN A 756 18.14 -5.30 -3.01
N PRO A 757 18.13 -4.15 -3.69
CA PRO A 757 18.92 -3.99 -4.91
C PRO A 757 20.41 -3.83 -4.59
N ALA A 758 20.79 -3.81 -3.31
CA ALA A 758 22.19 -3.99 -2.94
C ALA A 758 22.65 -5.42 -3.23
N HIS A 759 21.70 -6.32 -3.46
CA HIS A 759 22.10 -7.72 -3.76
C HIS A 759 22.02 -8.02 -5.24
N GLN A 760 23.18 -8.29 -5.82
CA GLN A 760 23.31 -8.62 -7.24
C GLN A 760 22.99 -10.08 -7.50
N LEU A 761 22.13 -10.36 -8.46
CA LEU A 761 21.77 -11.73 -8.75
C LEU A 761 22.54 -12.14 -9.97
N GLY A 762 23.43 -13.12 -9.78
CA GLY A 762 24.33 -13.53 -10.83
C GLY A 762 23.73 -14.65 -11.65
N ASN A 763 24.54 -15.69 -11.86
CA ASN A 763 24.10 -16.89 -12.54
C ASN A 763 23.15 -17.69 -11.68
N LEU A 764 22.15 -18.27 -12.32
CA LEU A 764 21.23 -19.18 -11.65
C LEU A 764 21.95 -20.46 -11.27
N ARG A 765 21.66 -20.96 -10.07
CA ARG A 765 22.14 -22.28 -9.68
C ARG A 765 20.99 -23.24 -9.89
N LEU A 766 20.86 -23.73 -11.11
CA LEU A 766 19.68 -24.47 -11.53
C LEU A 766 19.36 -25.67 -10.64
N GLU A 767 20.40 -26.34 -10.16
CA GLU A 767 20.26 -27.56 -9.35
C GLU A 767 19.58 -27.28 -8.01
N GLU A 768 19.59 -26.02 -7.59
CA GLU A 768 18.94 -25.63 -6.35
C GLU A 768 17.59 -24.96 -6.57
N CYS A 769 17.18 -24.77 -7.83
CA CYS A 769 15.89 -24.14 -8.09
C CYS A 769 14.78 -25.20 -8.09
N ARG A 770 13.61 -24.83 -7.57
CA ARG A 770 12.53 -25.81 -7.50
C ARG A 770 11.16 -25.17 -7.33
N ILE A 771 10.15 -25.91 -7.73
CA ILE A 771 8.76 -25.56 -7.44
C ILE A 771 8.40 -26.07 -6.06
N MET A 772 7.86 -25.21 -5.21
CA MET A 772 7.48 -25.61 -3.88
C MET A 772 6.15 -26.36 -3.88
N SER A 773 5.88 -27.10 -2.81
CA SER A 773 4.76 -28.06 -2.75
C SER A 773 3.37 -27.43 -2.69
N SER A 774 3.30 -26.23 -2.15
CA SER A 774 2.02 -25.59 -1.94
C SER A 774 1.25 -25.28 -3.24
N ALA A 775 0.02 -24.83 -3.08
CA ALA A 775 -0.95 -24.86 -4.17
C ALA A 775 -0.72 -23.81 -5.27
N LYS A 776 -0.25 -22.64 -4.86
CA LYS A 776 -0.06 -21.56 -5.81
C LYS A 776 1.18 -21.76 -6.69
N ARG A 777 1.97 -22.79 -6.35
CA ARG A 777 3.20 -23.20 -7.07
C ARG A 777 4.35 -22.18 -6.96
N PRO A 778 4.78 -21.87 -5.73
CA PRO A 778 5.86 -20.89 -5.62
C PRO A 778 7.16 -21.44 -6.23
N LEU A 779 8.05 -20.56 -6.72
CA LEU A 779 9.35 -21.01 -7.21
C LEU A 779 10.42 -20.64 -6.19
N TRP A 780 11.27 -21.60 -5.88
CA TRP A 780 12.38 -21.32 -4.98
C TRP A 780 13.60 -21.16 -5.88
N LEU A 781 14.10 -19.93 -5.96
CA LEU A 781 15.19 -19.65 -6.88
C LEU A 781 16.49 -19.34 -6.13
N ASN A 782 17.60 -19.68 -6.76
CA ASN A 782 18.89 -19.58 -6.10
C ASN A 782 19.87 -19.02 -7.14
N TRP A 783 20.52 -17.91 -6.78
CA TRP A 783 21.54 -17.28 -7.62
C TRP A 783 22.90 -17.22 -6.93
N GLU A 784 23.95 -17.43 -7.73
CA GLU A 784 25.28 -17.08 -7.33
C GLU A 784 25.37 -15.56 -7.09
N ASN A 785 26.20 -15.19 -6.12
CA ASN A 785 26.52 -13.78 -5.84
C ASN A 785 27.85 -13.46 -6.47
N PRO A 786 27.86 -12.57 -7.46
CA PRO A 786 29.07 -12.26 -8.20
C PRO A 786 29.98 -11.27 -7.46
N ASP A 787 29.57 -10.76 -6.31
CA ASP A 787 30.49 -10.01 -5.45
C ASP A 787 31.75 -10.85 -5.22
N ILE A 788 32.91 -10.22 -5.37
CA ILE A 788 34.19 -10.90 -5.29
C ILE A 788 34.48 -11.41 -3.86
N MET A 789 33.77 -10.87 -2.87
CA MET A 789 33.95 -11.28 -1.48
C MET A 789 32.72 -11.97 -0.92
N SER A 790 31.97 -12.62 -1.79
CA SER A 790 30.72 -13.27 -1.40
C SER A 790 30.92 -14.36 -0.32
N GLU A 791 32.13 -14.88 -0.14
CA GLU A 791 32.32 -15.92 0.90
C GLU A 791 32.15 -15.37 2.31
N LEU A 792 32.34 -14.07 2.49
CA LEU A 792 32.20 -13.47 3.82
C LEU A 792 30.76 -13.15 4.21
N LEU A 793 29.89 -13.08 3.20
CA LEU A 793 28.51 -12.63 3.39
C LEU A 793 27.69 -12.87 2.12
N PHE A 794 26.55 -13.52 2.27
CA PHE A 794 25.65 -13.83 1.16
C PHE A 794 26.32 -14.62 0.04
N GLN A 795 26.77 -15.84 0.32
CA GLN A 795 27.27 -16.68 -0.77
C GLN A 795 26.09 -17.06 -1.67
N ASN A 796 24.94 -17.21 -1.02
CA ASN A 796 23.68 -17.58 -1.65
C ASN A 796 22.78 -16.40 -1.62
N ASN A 797 22.18 -16.08 -2.77
CA ASN A 797 21.01 -15.22 -2.74
C ASN A 797 19.81 -16.07 -3.10
N GLU A 798 18.93 -16.33 -2.14
CA GLU A 798 17.76 -17.17 -2.40
C GLU A 798 16.43 -16.43 -2.23
N ILE A 799 15.57 -16.55 -3.23
CA ILE A 799 14.27 -15.89 -3.19
C ILE A 799 13.18 -16.85 -3.62
N ILE A 800 12.02 -16.65 -3.00
CA ILE A 800 10.80 -17.31 -3.37
C ILE A 800 9.98 -16.31 -4.17
N PHE A 801 9.63 -16.71 -5.38
CA PHE A 801 8.72 -15.95 -6.22
C PHE A 801 7.37 -16.64 -6.12
N LYS A 802 6.34 -15.88 -5.79
CA LYS A 802 5.02 -16.44 -5.58
C LYS A 802 3.96 -15.69 -6.39
N ASN A 803 3.31 -16.41 -7.30
CA ASN A 803 2.23 -15.91 -8.14
C ASN A 803 0.89 -16.50 -7.69
N GLY A 804 0.04 -15.73 -7.02
CA GLY A 804 -1.29 -16.21 -6.67
C GLY A 804 -1.83 -15.69 -5.35
N ASP A 805 -0.95 -15.32 -4.43
CA ASP A 805 -1.40 -14.76 -3.16
C ASP A 805 -1.23 -13.27 -3.07
N ASP A 806 -2.22 -12.62 -2.47
CA ASP A 806 -2.11 -11.20 -2.15
C ASP A 806 -1.12 -11.06 -1.00
N LEU A 807 0.00 -10.39 -1.23
CA LEU A 807 1.05 -10.30 -0.20
C LEU A 807 1.11 -8.95 0.53
N ARG A 808 0.19 -8.04 0.23
CA ARG A 808 0.20 -6.73 0.87
C ARG A 808 0.08 -6.77 2.40
N GLN A 809 -0.71 -7.69 2.95
CA GLN A 809 -0.85 -7.75 4.41
C GLN A 809 0.41 -8.29 5.10
N ASP A 810 1.05 -9.29 4.51
CA ASP A 810 2.32 -9.79 5.03
C ASP A 810 3.37 -8.67 4.98
N MET A 811 3.43 -7.97 3.86
CA MET A 811 4.41 -6.91 3.69
C MET A 811 4.20 -5.85 4.78
N LEU A 812 2.94 -5.50 5.04
CA LEU A 812 2.63 -4.46 6.02
C LEU A 812 2.99 -4.93 7.43
N THR A 813 2.60 -6.16 7.74
CA THR A 813 2.87 -6.75 9.05
C THR A 813 4.37 -6.88 9.30
N LEU A 814 5.12 -7.34 8.31
CA LEU A 814 6.58 -7.43 8.44
C LEU A 814 7.22 -6.06 8.61
N GLN A 815 6.63 -5.08 7.97
CA GLN A 815 7.09 -3.72 8.13
C GLN A 815 6.90 -3.22 9.57
N ILE A 816 5.70 -3.44 10.11
CA ILE A 816 5.39 -3.02 11.46
C ILE A 816 6.33 -3.72 12.47
N ILE A 817 6.59 -5.00 12.26
CA ILE A 817 7.51 -5.76 13.12
C ILE A 817 8.90 -5.12 13.11
N ARG A 818 9.34 -4.72 11.91
CA ARG A 818 10.63 -4.09 11.71
C ARG A 818 10.71 -2.80 12.51
N ILE A 819 9.66 -1.98 12.40
CA ILE A 819 9.58 -0.74 13.15
C ILE A 819 9.53 -0.99 14.66
N MET A 820 8.78 -2.00 15.10
CA MET A 820 8.77 -2.40 16.49
C MET A 820 10.20 -2.75 16.98
N GLU A 821 10.87 -3.61 16.21
CA GLU A 821 12.21 -4.05 16.55
C GLU A 821 13.10 -2.84 16.66
N ASN A 822 12.92 -1.87 15.77
CA ASN A 822 13.79 -0.71 15.77
C ASN A 822 13.54 0.15 17.01
N ILE A 823 12.26 0.33 17.37
CA ILE A 823 11.91 1.02 18.61
C ILE A 823 12.58 0.35 19.82
N TRP A 824 12.51 -0.98 19.88
CA TRP A 824 13.07 -1.71 21.02
C TRP A 824 14.58 -1.56 21.13
N GLN A 825 15.26 -1.76 20.01
CA GLN A 825 16.70 -1.56 19.96
C GLN A 825 17.10 -0.20 20.48
N ASN A 826 16.39 0.84 20.02
CA ASN A 826 16.71 2.21 20.39
C ASN A 826 16.55 2.48 21.87
N GLN A 827 15.78 1.62 22.55
CA GLN A 827 15.57 1.77 23.98
C GLN A 827 16.45 0.82 24.76
N GLY A 828 17.47 0.28 24.09
CA GLY A 828 18.36 -0.67 24.71
C GLY A 828 17.69 -2.00 25.03
N LEU A 829 16.63 -2.31 24.28
CA LEU A 829 15.91 -3.56 24.44
C LEU A 829 16.20 -4.48 23.26
N ASP A 830 17.00 -5.51 23.50
CA ASP A 830 17.46 -6.38 22.41
C ASP A 830 16.50 -7.55 22.22
N LEU A 831 15.45 -7.33 21.47
CA LEU A 831 14.55 -8.44 21.16
C LEU A 831 14.70 -8.72 19.69
N ARG A 832 15.29 -9.86 19.38
CA ARG A 832 15.66 -10.10 18.00
C ARG A 832 14.45 -10.54 17.21
N MET A 833 14.00 -9.70 16.28
CA MET A 833 12.89 -10.05 15.43
C MET A 833 13.44 -10.55 14.12
N LEU A 834 12.58 -11.12 13.28
CA LEU A 834 13.01 -11.50 11.94
C LEU A 834 12.00 -11.00 10.93
N PRO A 835 12.09 -9.71 10.59
CA PRO A 835 11.16 -9.17 9.59
C PRO A 835 11.72 -9.43 8.18
N TYR A 836 11.62 -10.66 7.70
CA TYR A 836 12.26 -11.07 6.43
C TYR A 836 11.64 -10.28 5.28
N GLY A 837 12.35 -10.17 4.17
CA GLY A 837 11.86 -9.38 3.04
C GLY A 837 10.60 -10.00 2.44
N CYS A 838 9.63 -9.15 2.17
CA CYS A 838 8.43 -9.55 1.46
C CYS A 838 8.00 -8.36 0.63
N LEU A 839 7.96 -8.52 -0.69
CA LEU A 839 7.68 -7.39 -1.55
C LEU A 839 6.57 -7.71 -2.54
N SER A 840 5.47 -6.98 -2.47
CA SER A 840 4.44 -7.11 -3.46
C SER A 840 4.89 -6.44 -4.74
N ILE A 841 4.83 -7.13 -5.87
CA ILE A 841 5.29 -6.48 -7.10
C ILE A 841 4.24 -6.35 -8.17
N GLY A 842 3.05 -6.87 -7.91
CA GLY A 842 1.93 -6.61 -8.78
C GLY A 842 0.72 -7.23 -8.15
N ASP A 843 -0.28 -7.50 -8.96
CA ASP A 843 -1.57 -8.04 -8.50
C ASP A 843 -1.42 -9.49 -7.98
N CYS A 844 -1.44 -9.70 -6.67
CA CYS A 844 -1.19 -11.02 -6.07
C CYS A 844 0.10 -11.72 -6.58
N VAL A 845 1.21 -10.99 -6.62
CA VAL A 845 2.48 -11.57 -7.02
C VAL A 845 3.56 -10.85 -6.22
N GLY A 846 4.52 -11.62 -5.73
CA GLY A 846 5.56 -11.06 -4.91
C GLY A 846 6.75 -11.96 -4.67
N LEU A 847 7.71 -11.39 -3.96
CA LEU A 847 8.98 -12.01 -3.63
C LEU A 847 9.07 -12.12 -2.12
N ILE A 848 9.66 -13.20 -1.67
CA ILE A 848 9.80 -13.44 -0.26
C ILE A 848 11.23 -13.86 -0.02
N GLU A 849 11.85 -13.27 0.98
CA GLU A 849 13.20 -13.66 1.35
C GLU A 849 13.21 -15.10 1.92
N VAL A 850 14.16 -15.91 1.50
CA VAL A 850 14.40 -17.23 2.15
C VAL A 850 15.24 -17.11 3.42
N VAL A 851 14.70 -17.50 4.57
CA VAL A 851 15.50 -17.56 5.79
C VAL A 851 16.15 -18.94 5.90
N ARG A 852 17.47 -18.97 5.86
CA ARG A 852 18.20 -20.24 5.88
C ARG A 852 18.24 -20.86 7.28
N ASN A 853 18.42 -22.17 7.31
CA ASN A 853 18.60 -22.90 8.55
C ASN A 853 17.47 -22.67 9.52
N SER A 854 16.25 -22.75 9.01
CA SER A 854 15.07 -22.49 9.81
C SER A 854 14.06 -23.59 9.58
N HIS A 855 13.31 -23.92 10.62
CA HIS A 855 12.40 -25.07 10.57
C HIS A 855 11.14 -24.75 11.34
N THR A 856 10.00 -25.27 10.89
CA THR A 856 8.76 -25.07 11.64
C THR A 856 8.80 -25.92 12.88
N ILE A 857 8.02 -25.54 13.89
CA ILE A 857 7.92 -26.38 15.08
C ILE A 857 7.45 -27.79 14.72
N MET A 858 6.52 -27.88 13.78
CA MET A 858 5.95 -29.17 13.40
C MET A 858 7.02 -30.10 12.86
N GLN A 859 7.78 -29.59 11.89
CA GLN A 859 8.92 -30.30 11.33
C GLN A 859 9.87 -30.80 12.41
N ILE A 860 10.11 -29.97 13.42
CA ILE A 860 11.00 -30.32 14.52
C ILE A 860 10.43 -31.47 15.36
N GLN A 861 9.14 -31.42 15.65
CA GLN A 861 8.52 -32.48 16.43
C GLN A 861 8.48 -33.80 15.62
N CYS A 862 8.45 -33.64 14.30
CA CYS A 862 8.39 -34.77 13.37
C CYS A 862 9.74 -35.42 13.12
N LYS A 863 10.81 -34.90 13.73
CA LYS A 863 12.13 -35.51 13.59
C LYS A 863 12.81 -35.65 14.94
N GLY A 864 12.01 -35.79 15.99
CA GLY A 864 12.51 -35.77 17.36
C GLY A 864 13.35 -36.98 17.74
N GLN A 871 7.08 -39.21 16.85
CA GLN A 871 7.33 -39.45 18.26
C GLN A 871 7.88 -38.16 18.89
N PHE A 872 7.11 -37.53 19.78
CA PHE A 872 7.59 -36.31 20.46
C PHE A 872 6.81 -35.98 21.74
N ASN A 873 7.56 -35.64 22.79
CA ASN A 873 6.98 -35.11 24.02
C ASN A 873 7.13 -33.58 24.09
N SER A 874 6.93 -33.01 25.27
CA SER A 874 7.05 -31.57 25.46
C SER A 874 8.50 -31.12 25.27
N HIS A 875 9.43 -32.05 25.44
CA HIS A 875 10.84 -31.74 25.55
C HIS A 875 11.59 -31.83 24.23
N THR A 876 10.94 -32.37 23.20
CA THR A 876 11.56 -32.51 21.88
C THR A 876 12.19 -31.22 21.34
N LEU A 877 11.51 -30.09 21.53
CA LEU A 877 12.03 -28.81 21.03
C LEU A 877 13.34 -28.45 21.73
N HIS A 878 13.34 -28.49 23.06
CA HIS A 878 14.54 -28.18 23.83
C HIS A 878 15.67 -29.11 23.47
N GLN A 879 15.32 -30.36 23.17
CA GLN A 879 16.32 -31.36 22.83
C GLN A 879 16.91 -31.08 21.45
N TRP A 880 16.03 -30.76 20.51
CA TRP A 880 16.46 -30.32 19.20
C TRP A 880 17.47 -29.19 19.33
N LEU A 881 17.12 -28.18 20.12
CA LEU A 881 17.96 -26.99 20.29
C LEU A 881 19.32 -27.33 20.92
N LYS A 882 19.31 -28.25 21.88
CA LYS A 882 20.53 -28.71 22.54
C LYS A 882 21.57 -29.31 21.57
N ASP A 883 21.11 -30.19 20.68
CA ASP A 883 21.95 -30.86 19.71
C ASP A 883 22.57 -29.91 18.69
N LYS A 884 21.90 -28.78 18.45
CA LYS A 884 22.36 -27.84 17.45
C LYS A 884 23.30 -26.81 18.06
N ASN A 885 23.32 -26.77 19.39
CA ASN A 885 24.17 -25.82 20.08
C ASN A 885 24.86 -26.48 21.27
N LYS A 886 25.78 -27.37 20.96
CA LYS A 886 26.53 -28.11 21.98
C LYS A 886 27.55 -27.22 22.69
N GLY A 887 27.69 -27.45 24.00
CA GLY A 887 28.79 -26.86 24.74
C GLY A 887 28.57 -25.42 25.09
N GLU A 888 29.60 -24.62 24.89
CA GLU A 888 29.60 -23.22 25.33
C GLU A 888 28.59 -22.33 24.63
N ILE A 889 28.15 -22.74 23.44
CA ILE A 889 27.23 -21.91 22.66
C ILE A 889 25.76 -22.23 22.99
N TYR A 890 25.55 -23.14 23.92
CA TYR A 890 24.21 -23.51 24.35
C TYR A 890 23.45 -22.34 24.97
N ASP A 891 24.09 -21.64 25.90
CA ASP A 891 23.45 -20.55 26.60
C ASP A 891 23.03 -19.43 25.65
N ALA A 892 23.87 -19.19 24.64
CA ALA A 892 23.59 -18.18 23.64
C ALA A 892 22.30 -18.48 22.90
N ALA A 893 22.08 -19.76 22.59
CA ALA A 893 20.89 -20.15 21.86
C ALA A 893 19.67 -19.98 22.74
N ILE A 894 19.79 -20.34 24.01
CA ILE A 894 18.68 -20.18 24.94
C ILE A 894 18.28 -18.72 25.03
N ASP A 895 19.27 -17.87 25.26
CA ASP A 895 19.06 -16.44 25.35
C ASP A 895 18.37 -15.90 24.10
N LEU A 896 18.87 -16.28 22.93
CA LEU A 896 18.33 -15.77 21.67
C LEU A 896 16.89 -16.24 21.47
N PHE A 897 16.62 -17.50 21.80
CA PHE A 897 15.28 -18.05 21.77
C PHE A 897 14.35 -17.24 22.66
N THR A 898 14.84 -16.96 23.87
CA THR A 898 14.04 -16.26 24.87
C THR A 898 13.66 -14.85 24.40
N ARG A 899 14.65 -14.11 23.90
CA ARG A 899 14.43 -12.73 23.46
C ARG A 899 13.51 -12.64 22.25
N SER A 900 13.71 -13.54 21.31
CA SER A 900 12.92 -13.55 20.08
C SER A 900 11.52 -13.97 20.46
N CYS A 901 11.42 -14.88 21.42
CA CYS A 901 10.13 -15.34 21.89
C CYS A 901 9.33 -14.21 22.52
N ALA A 902 10.00 -13.39 23.31
CA ALA A 902 9.34 -12.26 23.96
C ALA A 902 8.86 -11.23 22.94
N GLY A 903 9.67 -10.97 21.92
CA GLY A 903 9.32 -9.99 20.91
C GLY A 903 8.09 -10.37 20.11
N TYR A 904 8.00 -11.65 19.74
CA TYR A 904 6.86 -12.12 18.95
C TYR A 904 5.63 -12.28 19.83
N CYS A 905 5.81 -12.62 21.10
CA CYS A 905 4.68 -12.74 22.01
C CYS A 905 4.00 -11.37 22.14
N VAL A 906 4.80 -10.33 22.34
CA VAL A 906 4.26 -8.99 22.47
C VAL A 906 3.71 -8.43 21.13
N ALA A 907 4.47 -8.57 20.05
CA ALA A 907 4.06 -8.04 18.75
C ALA A 907 2.73 -8.66 18.28
N THR A 908 2.62 -9.99 18.40
CA THR A 908 1.42 -10.68 17.95
C THR A 908 0.23 -10.31 18.82
N PHE A 909 0.43 -10.19 20.13
CA PHE A 909 -0.67 -9.77 20.99
C PHE A 909 -1.23 -8.40 20.56
N ILE A 910 -0.33 -7.44 20.37
CA ILE A 910 -0.72 -6.07 20.05
C ILE A 910 -1.45 -5.99 18.71
N LEU A 911 -0.92 -6.69 17.72
CA LEU A 911 -1.43 -6.61 16.35
C LEU A 911 -2.60 -7.56 16.07
N GLY A 912 -2.83 -8.51 16.97
CA GLY A 912 -3.89 -9.50 16.76
C GLY A 912 -3.68 -10.38 15.56
N ILE A 913 -2.45 -10.86 15.38
CA ILE A 913 -2.10 -11.76 14.28
C ILE A 913 -2.96 -13.01 14.37
N GLY A 914 -3.42 -13.51 13.22
CA GLY A 914 -4.15 -14.77 13.18
C GLY A 914 -3.45 -15.88 13.93
N ASP A 915 -4.22 -16.60 14.74
CA ASP A 915 -3.74 -17.57 15.72
C ASP A 915 -2.58 -18.44 15.24
N ARG A 916 -1.63 -18.64 16.13
CA ARG A 916 -0.42 -19.36 15.80
C ARG A 916 -0.62 -20.85 16.01
N HIS A 917 0.17 -21.65 15.31
CA HIS A 917 0.21 -23.10 15.45
C HIS A 917 1.56 -23.57 14.94
N ASN A 918 1.84 -24.86 15.10
CA ASN A 918 3.19 -25.37 14.87
C ASN A 918 3.65 -25.28 13.39
N SER A 919 2.77 -24.83 12.50
CA SER A 919 3.12 -24.68 11.09
C SER A 919 3.45 -23.24 10.67
N ASN A 920 3.07 -22.23 11.46
CA ASN A 920 3.42 -20.86 11.10
C ASN A 920 4.35 -20.21 12.12
N ILE A 921 5.00 -21.04 12.91
CA ILE A 921 6.02 -20.61 13.85
C ILE A 921 7.33 -21.34 13.54
N MET A 922 8.44 -20.63 13.46
CA MET A 922 9.70 -21.25 13.02
C MET A 922 10.85 -20.96 13.96
N VAL A 923 11.87 -21.82 13.92
CA VAL A 923 13.07 -21.68 14.72
C VAL A 923 14.30 -21.99 13.87
N LYS A 924 15.29 -21.12 14.00
CA LYS A 924 16.58 -21.32 13.37
C LYS A 924 17.45 -22.23 14.23
N ASP A 925 18.51 -22.75 13.62
CA ASP A 925 19.43 -23.64 14.32
C ASP A 925 20.08 -22.95 15.50
N ASP A 926 20.25 -21.63 15.41
CA ASP A 926 20.91 -20.93 16.51
C ASP A 926 19.90 -20.46 17.55
N GLY A 927 18.67 -20.97 17.45
CA GLY A 927 17.64 -20.70 18.42
C GLY A 927 16.76 -19.47 18.21
N GLN A 928 16.97 -18.73 17.14
CA GLN A 928 16.10 -17.57 16.92
C GLN A 928 14.72 -18.05 16.48
N LEU A 929 13.69 -17.64 17.21
CA LEU A 929 12.30 -17.99 16.88
C LEU A 929 11.67 -16.85 16.10
N PHE A 930 10.76 -17.18 15.19
CA PHE A 930 10.02 -16.16 14.46
C PHE A 930 8.78 -16.75 13.87
N HIS A 931 7.93 -15.85 13.38
CA HIS A 931 6.63 -16.21 12.86
C HIS A 931 6.58 -15.93 11.37
N ILE A 932 5.69 -16.64 10.69
CA ILE A 932 5.46 -16.46 9.26
C ILE A 932 3.98 -16.48 8.98
N ASP A 933 3.60 -16.08 7.77
CA ASP A 933 2.23 -16.24 7.33
C ASP A 933 1.26 -15.58 8.29
N PHE A 934 1.12 -14.28 8.13
CA PHE A 934 0.33 -13.50 9.06
C PHE A 934 -1.10 -13.45 8.54
N GLY A 935 -1.28 -12.84 7.37
CA GLY A 935 -2.52 -12.96 6.62
C GLY A 935 -3.85 -12.75 7.32
N HIS A 936 -3.81 -12.37 8.60
CA HIS A 936 -5.00 -12.06 9.37
C HIS A 936 -4.62 -11.17 10.56
N PHE A 937 -5.24 -10.00 10.71
CA PHE A 937 -4.97 -9.22 11.93
C PHE A 937 -6.11 -8.26 12.35
N LEU A 938 -5.81 -7.45 13.38
CA LEU A 938 -6.78 -6.58 14.04
C LEU A 938 -8.03 -7.39 14.40
N ASP A 939 -9.21 -6.76 14.41
CA ASP A 939 -10.38 -7.49 14.89
C ASP A 939 -11.19 -8.17 13.74
N HIS A 940 -10.46 -8.88 12.88
N HIS A 940 -10.47 -8.89 12.87
CA HIS A 940 -11.01 -9.68 11.80
CA HIS A 940 -11.09 -9.64 11.80
C HIS A 940 -11.94 -10.79 12.30
C HIS A 940 -11.96 -10.80 12.30
N LYS A 941 -11.59 -11.36 13.45
CA LYS A 941 -12.32 -12.49 14.03
C LYS A 941 -13.62 -12.06 14.71
N LYS A 942 -13.62 -10.85 15.26
CA LYS A 942 -14.83 -10.28 15.83
C LYS A 942 -15.90 -10.21 14.75
N LYS A 943 -15.49 -9.71 13.58
CA LYS A 943 -16.37 -9.55 12.44
C LYS A 943 -16.88 -10.88 11.88
N LYS A 944 -16.17 -11.96 12.18
CA LYS A 944 -16.57 -13.25 11.62
C LYS A 944 -17.38 -14.12 12.58
N PHE A 945 -17.01 -14.11 13.87
CA PHE A 945 -17.61 -15.01 14.86
C PHE A 945 -18.46 -14.27 15.89
N GLY A 946 -18.21 -12.97 16.05
CA GLY A 946 -19.00 -12.12 16.92
C GLY A 946 -18.39 -11.90 18.29
N TYR A 947 -17.49 -12.81 18.68
CA TYR A 947 -16.97 -12.81 20.04
C TYR A 947 -16.11 -11.56 20.25
N LYS A 948 -16.55 -10.72 21.17
CA LYS A 948 -15.82 -9.50 21.54
C LYS A 948 -14.75 -9.85 22.57
N ARG A 949 -13.51 -9.94 22.10
CA ARG A 949 -12.38 -10.39 22.91
C ARG A 949 -11.08 -9.94 22.24
N GLU A 950 -10.04 -9.74 23.04
CA GLU A 950 -8.67 -9.61 22.50
C GLU A 950 -7.94 -10.92 22.77
N ARG A 951 -7.71 -11.68 21.71
CA ARG A 951 -7.08 -12.98 21.82
C ARG A 951 -5.63 -12.80 22.20
N VAL A 952 -5.03 -13.85 22.73
CA VAL A 952 -3.58 -13.96 22.79
C VAL A 952 -3.14 -15.02 21.79
N PRO A 953 -2.80 -14.56 20.58
CA PRO A 953 -2.56 -15.41 19.40
C PRO A 953 -1.44 -16.41 19.62
N PHE A 954 -0.35 -15.94 20.22
CA PHE A 954 0.85 -16.73 20.45
C PHE A 954 0.89 -17.16 21.92
N VAL A 955 0.27 -18.31 22.20
CA VAL A 955 0.25 -18.88 23.55
C VAL A 955 1.48 -19.74 23.77
N LEU A 956 2.30 -19.40 24.76
CA LEU A 956 3.52 -20.16 24.97
C LEU A 956 3.25 -21.49 25.61
N THR A 957 3.24 -22.57 24.82
CA THR A 957 3.01 -23.90 25.39
C THR A 957 4.20 -24.36 26.23
N GLN A 958 4.08 -25.54 26.84
CA GLN A 958 5.12 -26.02 27.73
C GLN A 958 6.41 -26.31 26.97
N ASP A 959 6.28 -26.68 25.71
CA ASP A 959 7.44 -26.85 24.82
C ASP A 959 8.35 -25.61 24.90
N PHE A 960 7.75 -24.44 24.76
CA PHE A 960 8.49 -23.19 24.73
C PHE A 960 9.04 -22.84 26.10
N LEU A 961 8.19 -23.01 27.12
CA LEU A 961 8.58 -22.74 28.51
C LEU A 961 9.76 -23.59 28.91
N ILE A 962 9.80 -24.82 28.42
CA ILE A 962 10.87 -25.72 28.78
C ILE A 962 12.16 -25.20 28.19
N VAL A 963 12.09 -24.65 26.97
CA VAL A 963 13.30 -24.13 26.37
C VAL A 963 13.84 -22.96 27.18
N ILE A 964 12.97 -21.99 27.45
CA ILE A 964 13.36 -20.79 28.18
C ILE A 964 13.96 -21.10 29.54
N SER A 965 13.42 -22.10 30.21
CA SER A 965 13.87 -22.47 31.55
C SER A 965 14.98 -23.51 31.51
N LYS A 966 15.50 -23.79 30.31
CA LYS A 966 16.60 -24.72 30.15
C LYS A 966 16.26 -26.10 30.69
N GLY A 967 14.98 -26.46 30.67
CA GLY A 967 14.55 -27.79 31.06
C GLY A 967 14.07 -28.00 32.49
N ALA A 968 13.94 -26.91 33.25
CA ALA A 968 13.54 -27.00 34.66
C ALA A 968 12.19 -27.70 34.80
N GLN A 969 11.97 -28.38 35.92
CA GLN A 969 10.68 -29.02 36.12
C GLN A 969 9.58 -27.96 36.23
N GLU A 970 9.80 -26.97 37.08
CA GLU A 970 8.80 -25.95 37.30
C GLU A 970 9.18 -24.66 36.57
N CYS A 971 8.70 -24.56 35.34
CA CYS A 971 9.19 -23.54 34.42
C CYS A 971 8.85 -22.10 34.80
N THR A 972 7.67 -21.85 35.37
CA THR A 972 7.27 -20.47 35.61
C THR A 972 7.93 -19.87 36.85
N LYS A 973 8.58 -20.69 37.65
CA LYS A 973 9.17 -20.17 38.88
C LYS A 973 10.69 -19.97 38.78
N THR A 974 11.23 -20.10 37.58
CA THR A 974 12.67 -19.95 37.40
C THR A 974 13.04 -18.49 37.24
N ARG A 975 14.31 -18.16 37.48
CA ARG A 975 14.75 -16.79 37.23
C ARG A 975 14.66 -16.48 35.73
N GLU A 976 14.93 -17.45 34.88
CA GLU A 976 14.89 -17.23 33.43
C GLU A 976 13.47 -16.83 32.97
N PHE A 977 12.45 -17.51 33.50
CA PHE A 977 11.10 -17.13 33.12
C PHE A 977 10.74 -15.72 33.59
N GLU A 978 11.17 -15.38 34.80
CA GLU A 978 11.00 -14.03 35.33
C GLU A 978 11.70 -13.01 34.44
N ARG A 979 12.87 -13.37 33.93
CA ARG A 979 13.60 -12.48 33.05
C ARG A 979 12.82 -12.31 31.74
N PHE A 980 12.30 -13.43 31.22
CA PHE A 980 11.51 -13.41 29.99
C PHE A 980 10.27 -12.50 30.12
N GLN A 981 9.55 -12.63 31.23
CA GLN A 981 8.44 -11.75 31.59
C GLN A 981 8.76 -10.27 31.52
N GLU A 982 9.85 -9.87 32.19
CA GLU A 982 10.18 -8.45 32.26
C GLU A 982 10.51 -7.95 30.86
N MET A 983 11.13 -8.80 30.06
CA MET A 983 11.33 -8.51 28.64
C MET A 983 9.98 -8.16 27.99
N CYS A 984 8.97 -8.98 28.27
CA CYS A 984 7.66 -8.77 27.64
C CYS A 984 7.04 -7.47 28.10
N TYR A 985 7.10 -7.22 29.41
CA TYR A 985 6.55 -6.00 30.01
C TYR A 985 7.20 -4.76 29.40
N LYS A 986 8.53 -4.77 29.29
CA LYS A 986 9.27 -3.64 28.75
C LYS A 986 8.92 -3.43 27.30
N ALA A 987 8.91 -4.51 26.54
CA ALA A 987 8.60 -4.43 25.12
C ALA A 987 7.21 -3.83 24.94
N TYR A 988 6.26 -4.32 25.71
CA TYR A 988 4.88 -3.85 25.62
C TYR A 988 4.78 -2.35 25.88
N LEU A 989 5.36 -1.88 26.98
CA LEU A 989 5.25 -0.47 27.33
C LEU A 989 5.94 0.40 26.29
N ALA A 990 7.02 -0.11 25.72
CA ALA A 990 7.76 0.67 24.74
C ALA A 990 6.91 0.91 23.50
N ILE A 991 6.18 -0.09 23.03
CA ILE A 991 5.28 0.12 21.89
C ILE A 991 4.12 1.04 22.30
N ARG A 992 3.60 0.86 23.52
CA ARG A 992 2.51 1.71 24.00
C ARG A 992 2.93 3.18 24.02
N GLN A 993 4.14 3.43 24.49
CA GLN A 993 4.68 4.78 24.52
C GLN A 993 4.81 5.41 23.14
N HIS A 994 4.96 4.55 22.12
CA HIS A 994 5.01 5.03 20.74
C HIS A 994 3.70 4.78 20.00
N ALA A 995 2.58 4.80 20.73
CA ALA A 995 1.28 4.49 20.13
C ALA A 995 0.91 5.41 18.97
N ASN A 996 1.29 6.68 19.05
CA ASN A 996 0.97 7.62 17.97
C ASN A 996 1.47 7.12 16.62
N LEU A 997 2.73 6.70 16.60
CA LEU A 997 3.35 6.26 15.38
C LEU A 997 2.54 5.14 14.72
N PHE A 998 2.19 4.12 15.49
CA PHE A 998 1.51 2.95 14.89
C PHE A 998 0.06 3.27 14.49
N ILE A 999 -0.68 3.97 15.34
CA ILE A 999 -2.00 4.41 14.94
C ILE A 999 -1.91 5.25 13.65
N ASN A 1000 -0.96 6.17 13.57
CA ASN A 1000 -0.85 6.98 12.36
C ASN A 1000 -0.49 6.12 11.15
N LEU A 1001 0.42 5.17 11.31
CA LEU A 1001 0.80 4.29 10.20
C LEU A 1001 -0.35 3.43 9.69
N PHE A 1002 -1.13 2.85 10.61
CA PHE A 1002 -2.36 2.15 10.20
C PHE A 1002 -3.38 3.10 9.60
N SER A 1003 -3.55 4.29 10.18
CA SER A 1003 -4.53 5.22 9.65
C SER A 1003 -4.21 5.57 8.21
N MET A 1004 -2.93 5.67 7.87
CA MET A 1004 -2.58 6.03 6.50
C MET A 1004 -2.91 4.93 5.49
N MET A 1005 -3.29 3.75 5.98
CA MET A 1005 -3.59 2.65 5.09
C MET A 1005 -5.09 2.46 4.78
N LEU A 1006 -5.99 3.23 5.41
CA LEU A 1006 -7.44 2.98 5.23
C LEU A 1006 -7.90 2.93 3.75
N GLY A 1007 -7.29 3.76 2.92
CA GLY A 1007 -7.68 3.79 1.52
C GLY A 1007 -6.97 2.78 0.63
N SER A 1008 -6.37 1.74 1.23
CA SER A 1008 -5.41 0.88 0.55
C SER A 1008 -6.02 -0.24 -0.27
N GLY A 1009 -7.19 -0.70 0.14
CA GLY A 1009 -7.81 -1.83 -0.52
C GLY A 1009 -7.58 -3.10 0.25
N MET A 1010 -7.23 -2.98 1.52
CA MET A 1010 -7.11 -4.15 2.36
C MET A 1010 -8.38 -4.32 3.18
N PRO A 1011 -9.11 -5.42 2.93
CA PRO A 1011 -10.44 -5.64 3.52
C PRO A 1011 -10.39 -5.52 5.03
N GLU A 1012 -9.26 -5.91 5.60
CA GLU A 1012 -9.09 -5.92 7.05
C GLU A 1012 -8.76 -4.52 7.61
N LEU A 1013 -8.53 -3.56 6.73
CA LEU A 1013 -8.06 -2.27 7.18
C LEU A 1013 -8.78 -1.16 6.39
N GLN A 1014 -10.02 -0.91 6.80
CA GLN A 1014 -11.00 -0.21 5.98
C GLN A 1014 -11.56 1.05 6.65
N SER A 1015 -11.80 0.97 7.96
CA SER A 1015 -12.24 2.16 8.69
C SER A 1015 -11.41 2.38 9.94
N PHE A 1016 -11.58 3.54 10.57
CA PHE A 1016 -10.94 3.83 11.84
C PHE A 1016 -11.39 2.81 12.90
N ASP A 1017 -12.61 2.31 12.76
CA ASP A 1017 -13.10 1.27 13.67
C ASP A 1017 -12.23 0.01 13.63
N ASP A 1018 -11.60 -0.26 12.50
CA ASP A 1018 -10.64 -1.38 12.39
C ASP A 1018 -9.37 -1.18 13.23
N ILE A 1019 -9.00 0.07 13.45
CA ILE A 1019 -7.78 0.43 14.16
C ILE A 1019 -8.08 0.46 15.65
N ALA A 1020 -9.37 0.44 15.99
CA ALA A 1020 -9.80 0.39 17.37
C ALA A 1020 -9.17 -0.79 18.11
N TYR A 1021 -8.95 -1.87 17.39
CA TYR A 1021 -8.40 -3.07 18.00
C TYR A 1021 -7.06 -2.80 18.70
N ILE A 1022 -6.16 -2.05 18.07
CA ILE A 1022 -4.86 -1.85 18.68
C ILE A 1022 -4.96 -0.84 19.82
N ARG A 1023 -5.96 0.02 19.76
CA ARG A 1023 -6.23 0.91 20.89
C ARG A 1023 -6.62 0.08 22.11
N LYS A 1024 -7.22 -1.08 21.88
CA LYS A 1024 -7.59 -1.97 22.96
C LYS A 1024 -6.37 -2.72 23.50
N THR A 1025 -5.62 -3.35 22.61
CA THR A 1025 -4.49 -4.16 23.05
C THR A 1025 -3.43 -3.29 23.74
N LEU A 1026 -3.34 -2.03 23.33
CA LEU A 1026 -2.40 -1.10 23.94
C LEU A 1026 -3.06 -0.37 25.10
N ALA A 1027 -4.34 -0.68 25.34
CA ALA A 1027 -5.08 -0.13 26.46
C ALA A 1027 -4.92 1.39 26.56
N LEU A 1028 -5.12 2.07 25.45
CA LEU A 1028 -4.85 3.50 25.36
C LEU A 1028 -5.83 4.39 26.11
N ASP A 1029 -6.97 3.86 26.54
CA ASP A 1029 -7.87 4.71 27.30
C ASP A 1029 -7.68 4.47 28.79
N LYS A 1030 -6.65 3.70 29.13
CA LYS A 1030 -6.30 3.43 30.51
C LYS A 1030 -5.03 4.18 30.85
N THR A 1031 -4.64 4.18 32.12
CA THR A 1031 -3.31 4.66 32.49
C THR A 1031 -2.26 3.63 32.08
N GLU A 1032 -1.00 4.06 32.02
CA GLU A 1032 0.09 3.17 31.66
C GLU A 1032 0.19 1.96 32.59
N GLN A 1033 -0.01 2.21 33.88
CA GLN A 1033 0.08 1.15 34.88
C GLN A 1033 -1.09 0.20 34.75
N GLU A 1034 -2.27 0.75 34.49
CA GLU A 1034 -3.44 -0.08 34.25
C GLU A 1034 -3.19 -0.91 33.00
N ALA A 1035 -2.62 -0.27 31.98
CA ALA A 1035 -2.29 -0.96 30.73
C ALA A 1035 -1.39 -2.16 30.99
N LEU A 1036 -0.35 -2.01 31.81
CA LEU A 1036 0.55 -3.13 32.07
C LEU A 1036 -0.20 -4.21 32.86
N GLU A 1037 -1.05 -3.79 33.79
CA GLU A 1037 -1.89 -4.72 34.53
C GLU A 1037 -2.76 -5.52 33.56
N TYR A 1038 -3.35 -4.83 32.59
CA TYR A 1038 -4.18 -5.47 31.59
C TYR A 1038 -3.37 -6.49 30.76
N PHE A 1039 -2.17 -6.11 30.33
CA PHE A 1039 -1.35 -7.04 29.56
C PHE A 1039 -1.05 -8.32 30.37
N MET A 1040 -0.66 -8.16 31.62
CA MET A 1040 -0.40 -9.31 32.48
C MET A 1040 -1.64 -10.16 32.66
N LYS A 1041 -2.80 -9.51 32.76
CA LYS A 1041 -4.03 -10.27 32.88
C LYS A 1041 -4.34 -11.04 31.59
N GLN A 1042 -4.06 -10.46 30.43
CA GLN A 1042 -4.26 -11.22 29.20
C GLN A 1042 -3.37 -12.47 29.13
N MET A 1043 -2.08 -12.32 29.44
CA MET A 1043 -1.15 -13.44 29.42
C MET A 1043 -1.59 -14.54 30.39
N ASN A 1044 -2.04 -14.14 31.58
CA ASN A 1044 -2.50 -15.09 32.59
C ASN A 1044 -3.74 -15.87 32.18
N ASP A 1045 -4.77 -15.17 31.74
CA ASP A 1045 -5.96 -15.80 31.16
C ASP A 1045 -5.61 -16.76 30.04
N ALA A 1046 -4.71 -16.37 29.15
CA ALA A 1046 -4.37 -17.24 28.03
C ALA A 1046 -3.44 -18.41 28.39
N HIS A 1047 -2.60 -18.26 29.42
CA HIS A 1047 -1.61 -19.29 29.79
C HIS A 1047 -2.04 -20.05 31.03
N HIS A 1048 -3.22 -19.73 31.53
CA HIS A 1048 -3.76 -20.31 32.76
C HIS A 1048 -2.80 -20.18 33.93
N GLY A 1049 -2.40 -18.96 34.25
CA GLY A 1049 -1.56 -18.72 35.41
C GLY A 1049 -0.11 -18.68 34.98
N GLY A 1050 0.75 -18.23 35.89
CA GLY A 1050 2.16 -18.17 35.62
C GLY A 1050 2.79 -16.79 35.50
N TRP A 1051 1.97 -15.74 35.38
CA TRP A 1051 2.54 -14.42 35.12
C TRP A 1051 2.46 -13.48 36.33
N THR A 1052 3.62 -13.21 36.92
CA THR A 1052 3.69 -12.56 38.23
C THR A 1052 4.31 -11.16 38.22
N THR A 1053 4.01 -10.42 39.28
CA THR A 1053 4.46 -9.05 39.40
C THR A 1053 5.60 -9.01 40.44
N LYS A 1054 6.73 -8.39 40.08
CA LYS A 1054 7.78 -8.10 41.06
C LYS A 1054 7.55 -6.73 41.68
N MET A 1055 6.41 -6.14 41.30
CA MET A 1055 5.91 -4.93 41.92
C MET A 1055 4.92 -5.25 43.05
N ASP A 1056 4.64 -4.28 43.91
CA ASP A 1056 3.47 -4.35 44.79
C ASP A 1056 2.31 -3.87 43.92
N TRP A 1057 1.09 -4.28 44.25
CA TRP A 1057 -0.05 -4.01 43.39
C TRP A 1057 -0.55 -2.57 43.53
N ILE A 1058 -0.08 -1.88 44.57
CA ILE A 1058 -0.53 -0.52 44.86
C ILE A 1058 0.37 0.51 44.15
N PHE A 1059 1.67 0.49 44.40
CA PHE A 1059 2.57 1.48 43.77
C PHE A 1059 3.40 0.98 42.60
N HIS A 1060 3.37 -0.32 42.34
CA HIS A 1060 4.13 -0.92 41.24
C HIS A 1060 5.62 -0.67 41.43
N THR A 1061 6.02 -0.63 42.70
CA THR A 1061 7.40 -0.43 43.06
C THR A 1061 8.04 -1.79 43.34
N ILE A 1062 9.34 -1.90 43.10
CA ILE A 1062 10.04 -3.18 43.24
C ILE A 1062 9.96 -3.69 44.69
N LYS A 1063 9.45 -4.91 44.85
CA LYS A 1063 9.22 -5.51 46.18
C LYS A 1063 10.21 -6.64 46.48
N GLN A 1064 10.99 -7.02 45.48
CA GLN A 1064 11.91 -8.16 45.61
C GLN A 1064 13.36 -7.85 45.24
N HIS A 1065 14.27 -8.75 45.64
CA HIS A 1065 15.72 -8.67 45.40
C HIS A 1065 16.27 -7.29 45.71
N MET B 20 -36.55 6.29 36.94
CA MET B 20 -35.83 7.38 37.57
C MET B 20 -34.38 6.99 37.88
N SER B 21 -34.12 5.68 37.89
CA SER B 21 -32.76 5.21 38.14
C SER B 21 -32.02 5.12 36.83
N LEU B 22 -30.70 5.26 36.89
CA LEU B 22 -29.90 5.27 35.67
C LEU B 22 -29.98 3.93 34.96
N GLN B 23 -29.99 2.86 35.73
CA GLN B 23 -29.89 1.51 35.19
C GLN B 23 -31.10 1.12 34.35
N ASP B 24 -32.29 1.50 34.80
CA ASP B 24 -33.52 1.10 34.13
C ASP B 24 -33.86 1.99 32.94
N ALA B 25 -33.07 3.05 32.76
CA ALA B 25 -33.26 3.97 31.64
C ALA B 25 -33.04 3.28 30.30
N GLU B 26 -33.98 3.51 29.38
CA GLU B 26 -34.04 2.78 28.11
C GLU B 26 -32.88 3.09 27.19
N TRP B 27 -32.26 4.24 27.40
CA TRP B 27 -31.21 4.72 26.51
C TRP B 27 -29.83 4.54 27.13
N TYR B 28 -29.78 4.14 28.39
CA TYR B 28 -28.51 3.84 29.04
C TYR B 28 -28.05 2.45 28.68
N TRP B 29 -26.89 2.36 28.03
CA TRP B 29 -26.46 1.10 27.42
C TRP B 29 -25.26 0.44 28.09
N GLY B 30 -24.82 0.98 29.22
CA GLY B 30 -23.73 0.37 29.96
C GLY B 30 -22.39 0.47 29.25
N ASP B 31 -21.68 -0.65 29.17
CA ASP B 31 -20.27 -0.68 28.77
C ASP B 31 -20.05 -0.93 27.28
N ILE B 32 -20.91 -0.39 26.43
CA ILE B 32 -20.71 -0.60 25.00
C ILE B 32 -19.68 0.39 24.50
N SER B 33 -19.03 0.05 23.40
CA SER B 33 -17.96 0.87 22.85
C SER B 33 -18.47 2.03 22.01
N ARG B 34 -17.54 2.93 21.69
CA ARG B 34 -17.74 4.03 20.77
C ARG B 34 -18.25 3.48 19.45
N GLU B 35 -17.55 2.46 18.97
CA GLU B 35 -17.82 1.82 17.70
C GLU B 35 -19.24 1.24 17.64
N GLU B 36 -19.64 0.57 18.73
CA GLU B 36 -21.00 0.02 18.84
C GLU B 36 -22.05 1.12 18.78
N VAL B 37 -21.75 2.28 19.37
CA VAL B 37 -22.62 3.42 19.25
C VAL B 37 -22.61 3.99 17.83
N ASN B 38 -21.45 4.03 17.19
CA ASN B 38 -21.38 4.52 15.81
C ASN B 38 -22.29 3.71 14.92
N GLU B 39 -22.22 2.38 15.05
CA GLU B 39 -23.12 1.50 14.31
C GLU B 39 -24.59 1.84 14.56
N LYS B 40 -24.95 2.07 15.81
CA LYS B 40 -26.34 2.31 16.15
C LYS B 40 -26.85 3.67 15.71
N LEU B 41 -25.98 4.68 15.71
CA LEU B 41 -26.37 6.02 15.31
C LEU B 41 -26.12 6.30 13.84
N ARG B 42 -25.60 5.29 13.14
CA ARG B 42 -25.20 5.41 11.75
C ARG B 42 -26.39 5.78 10.87
N ASP B 43 -26.25 6.87 10.11
CA ASP B 43 -27.28 7.35 9.18
C ASP B 43 -28.62 7.67 9.82
N THR B 44 -28.67 7.84 11.14
CA THR B 44 -29.93 8.20 11.79
C THR B 44 -30.12 9.71 11.80
N ALA B 45 -31.31 10.13 12.20
CA ALA B 45 -31.72 11.54 12.18
C ALA B 45 -31.17 12.34 13.35
N ASP B 46 -31.04 13.66 13.15
CA ASP B 46 -30.64 14.58 14.22
C ASP B 46 -31.54 14.41 15.44
N GLY B 47 -30.95 14.57 16.62
CA GLY B 47 -31.70 14.41 17.86
C GLY B 47 -31.57 13.04 18.47
N THR B 48 -31.17 12.05 17.67
CA THR B 48 -30.91 10.70 18.17
C THR B 48 -29.77 10.69 19.20
N PHE B 49 -29.98 10.00 20.32
CA PHE B 49 -28.98 10.02 21.38
C PHE B 49 -28.94 8.70 22.17
N LEU B 50 -27.87 8.54 22.95
CA LEU B 50 -27.82 7.52 23.98
C LEU B 50 -26.71 7.85 24.98
N VAL B 51 -26.74 7.17 26.13
CA VAL B 51 -25.74 7.38 27.16
C VAL B 51 -25.09 6.05 27.47
N ARG B 52 -23.77 6.10 27.70
CA ARG B 52 -22.98 4.91 28.02
C ARG B 52 -21.86 5.25 29.00
N ASP B 53 -21.21 4.21 29.51
CA ASP B 53 -20.03 4.37 30.36
C ASP B 53 -18.92 5.08 29.59
N ALA B 54 -18.09 5.86 30.27
CA ALA B 54 -16.94 6.49 29.65
C ALA B 54 -15.97 5.43 29.12
N SER B 55 -15.18 5.77 28.10
CA SER B 55 -14.26 4.80 27.53
C SER B 55 -13.07 4.55 28.44
N THR B 56 -12.93 5.40 29.46
CA THR B 56 -11.91 5.24 30.48
C THR B 56 -12.27 4.17 31.50
N LYS B 57 -13.58 3.95 31.68
CA LYS B 57 -14.14 3.09 32.74
C LYS B 57 -13.70 3.53 34.13
N MET B 58 -13.89 4.81 34.45
CA MET B 58 -13.48 5.35 35.75
C MET B 58 -14.59 5.20 36.82
N HIS B 59 -15.57 4.33 36.52
CA HIS B 59 -16.61 3.86 37.46
C HIS B 59 -17.67 4.92 37.85
N GLY B 60 -17.44 6.18 37.49
CA GLY B 60 -18.43 7.22 37.78
C GLY B 60 -18.82 8.02 36.55
N ASP B 61 -17.92 8.08 35.58
CA ASP B 61 -18.09 8.90 34.39
C ASP B 61 -18.91 8.23 33.30
N TYR B 62 -19.86 8.96 32.75
CA TYR B 62 -20.66 8.44 31.64
C TYR B 62 -20.57 9.38 30.44
N THR B 63 -20.86 8.85 29.26
CA THR B 63 -20.77 9.65 28.04
C THR B 63 -22.09 9.69 27.29
N LEU B 64 -22.57 10.89 27.01
CA LEU B 64 -23.74 11.05 26.16
C LEU B 64 -23.30 11.19 24.72
N THR B 65 -23.92 10.43 23.82
CA THR B 65 -23.60 10.57 22.41
C THR B 65 -24.83 11.06 21.66
N LEU B 66 -24.67 12.20 20.98
CA LEU B 66 -25.79 12.88 20.34
C LEU B 66 -25.58 13.05 18.84
N ARG B 67 -26.62 12.76 18.07
CA ARG B 67 -26.56 12.89 16.61
C ARG B 67 -26.85 14.33 16.16
N LYS B 68 -25.92 14.95 15.43
CA LYS B 68 -26.10 16.31 14.94
C LYS B 68 -25.39 16.55 13.61
N GLY B 69 -26.17 16.88 12.58
CA GLY B 69 -25.66 17.23 11.27
C GLY B 69 -24.85 16.13 10.62
N GLY B 70 -25.34 14.90 10.73
CA GLY B 70 -24.67 13.76 10.11
C GLY B 70 -23.45 13.32 10.90
N ASN B 71 -23.37 13.79 12.14
CA ASN B 71 -22.22 13.50 12.99
C ASN B 71 -22.62 13.10 14.39
N ASN B 72 -21.87 12.17 14.95
CA ASN B 72 -22.05 11.77 16.33
C ASN B 72 -21.22 12.65 17.26
N LYS B 73 -21.87 13.30 18.21
CA LYS B 73 -21.18 14.16 19.17
C LYS B 73 -20.97 13.43 20.49
N LEU B 74 -19.77 13.55 21.06
CA LEU B 74 -19.51 12.99 22.37
C LEU B 74 -19.58 14.11 23.40
N ILE B 75 -20.50 14.00 24.34
CA ILE B 75 -20.64 14.99 25.40
C ILE B 75 -20.36 14.35 26.75
N LYS B 76 -19.33 14.80 27.45
CA LYS B 76 -18.98 14.20 28.73
C LYS B 76 -19.98 14.60 29.83
N ILE B 77 -20.32 13.64 30.67
CA ILE B 77 -21.21 13.91 31.80
C ILE B 77 -20.36 14.01 33.05
N PHE B 78 -20.25 15.21 33.59
CA PHE B 78 -19.31 15.46 34.68
C PHE B 78 -19.92 15.15 36.03
N HIS B 79 -19.21 14.30 36.77
CA HIS B 79 -19.75 13.74 38.00
C HIS B 79 -18.94 14.12 39.23
N ARG B 80 -19.32 15.21 39.89
CA ARG B 80 -18.69 15.60 41.15
C ARG B 80 -19.74 15.79 42.24
N ASP B 81 -19.26 15.86 43.48
CA ASP B 81 -20.04 15.66 44.72
C ASP B 81 -21.16 14.63 44.53
N GLY B 82 -22.40 15.10 44.55
CA GLY B 82 -23.56 14.27 44.27
C GLY B 82 -24.23 14.71 42.99
N LYS B 83 -23.56 15.60 42.25
CA LYS B 83 -24.19 16.27 41.11
C LYS B 83 -23.67 15.81 39.74
N TYR B 84 -24.37 16.24 38.70
CA TYR B 84 -24.03 15.89 37.33
C TYR B 84 -24.24 17.09 36.40
N GLY B 85 -23.32 17.29 35.46
CA GLY B 85 -23.41 18.41 34.55
C GLY B 85 -22.59 18.31 33.27
N PHE B 86 -23.23 18.70 32.17
CA PHE B 86 -22.56 18.93 30.89
C PHE B 86 -21.47 19.97 31.06
N SER B 87 -21.91 21.14 31.48
CA SER B 87 -21.07 22.29 31.66
C SER B 87 -20.58 22.32 33.11
N ASP B 88 -19.88 23.38 33.48
CA ASP B 88 -19.32 23.49 34.82
C ASP B 88 -20.35 23.53 35.98
N PRO B 89 -21.46 24.29 35.83
CA PRO B 89 -22.33 24.29 37.03
C PRO B 89 -23.05 22.96 37.26
N LEU B 90 -22.57 22.17 38.21
CA LEU B 90 -23.15 20.85 38.44
C LEU B 90 -24.49 20.96 39.15
N THR B 91 -25.57 20.77 38.41
CA THR B 91 -26.91 21.14 38.85
C THR B 91 -27.93 20.00 38.70
N PHE B 92 -27.45 18.77 38.80
CA PHE B 92 -28.35 17.62 38.76
C PHE B 92 -27.98 16.60 39.85
N SER B 93 -28.71 15.50 39.94
CA SER B 93 -28.48 14.54 41.01
C SER B 93 -28.45 13.10 40.53
N SER B 94 -29.13 12.86 39.41
CA SER B 94 -29.05 11.58 38.72
C SER B 94 -28.81 11.87 37.26
N VAL B 95 -28.42 10.84 36.50
CA VAL B 95 -28.21 11.05 35.09
C VAL B 95 -29.57 11.19 34.40
N VAL B 96 -30.54 10.44 34.90
CA VAL B 96 -31.90 10.48 34.37
C VAL B 96 -32.49 11.89 34.36
N GLU B 97 -32.29 12.62 35.47
CA GLU B 97 -32.70 14.01 35.56
C GLU B 97 -32.26 14.81 34.35
N LEU B 98 -30.95 14.78 34.14
CA LEU B 98 -30.29 15.57 33.12
C LEU B 98 -30.82 15.30 31.72
N ILE B 99 -30.96 14.02 31.38
CA ILE B 99 -31.39 13.64 30.03
C ILE B 99 -32.79 14.15 29.71
N ASN B 100 -33.69 14.02 30.68
CA ASN B 100 -35.06 14.50 30.50
C ASN B 100 -35.14 16.02 30.48
N HIS B 101 -34.34 16.67 31.33
CA HIS B 101 -34.32 18.13 31.39
C HIS B 101 -33.99 18.72 30.03
N TYR B 102 -33.15 18.03 29.26
CA TYR B 102 -32.85 18.50 27.92
C TYR B 102 -33.77 17.86 26.89
N ARG B 103 -34.42 16.76 27.26
CA ARG B 103 -35.24 16.00 26.32
C ARG B 103 -36.52 16.75 25.93
N ASN B 104 -36.93 17.69 26.77
CA ASN B 104 -38.13 18.50 26.54
C ASN B 104 -37.81 19.91 26.05
N GLU B 105 -36.95 20.60 26.81
CA GLU B 105 -36.50 21.96 26.52
C GLU B 105 -35.38 21.94 25.46
N SER B 106 -34.88 23.12 25.08
CA SER B 106 -33.79 23.25 24.11
C SER B 106 -32.42 22.98 24.77
N LEU B 107 -31.40 22.69 23.95
CA LEU B 107 -30.03 22.43 24.44
C LEU B 107 -29.13 23.69 24.42
N ALA B 108 -29.72 24.87 24.22
CA ALA B 108 -28.94 26.13 24.21
C ALA B 108 -28.44 26.45 25.60
N GLN B 109 -29.06 25.85 26.59
CA GLN B 109 -28.61 25.94 27.98
C GLN B 109 -27.19 25.38 28.16
N TYR B 110 -26.88 24.26 27.50
CA TYR B 110 -25.52 23.73 27.48
C TYR B 110 -24.56 24.74 26.85
N ASN B 111 -24.74 24.98 25.55
CA ASN B 111 -23.98 25.99 24.80
C ASN B 111 -24.92 26.69 23.81
N PRO B 112 -25.03 28.03 23.91
CA PRO B 112 -26.04 28.83 23.19
C PRO B 112 -26.02 28.69 21.66
N LYS B 113 -24.98 28.05 21.11
CA LYS B 113 -24.86 27.78 19.68
C LYS B 113 -25.59 26.49 19.26
N LEU B 114 -26.50 26.61 18.29
CA LEU B 114 -27.15 25.47 17.62
C LEU B 114 -27.73 24.36 18.52
N ASP B 115 -28.58 24.82 19.45
CA ASP B 115 -29.37 23.98 20.34
C ASP B 115 -30.26 22.95 19.63
N VAL B 116 -30.21 21.68 20.04
CA VAL B 116 -31.05 20.66 19.37
C VAL B 116 -31.76 19.78 20.40
N LYS B 117 -31.41 19.96 21.68
CA LYS B 117 -32.02 19.20 22.77
C LYS B 117 -31.71 17.71 22.60
N LEU B 118 -32.72 16.87 22.80
CA LEU B 118 -32.58 15.41 22.74
C LEU B 118 -33.92 14.78 22.43
N LEU B 119 -34.14 14.31 21.20
CA LEU B 119 -35.50 13.93 20.84
C LEU B 119 -35.75 12.45 20.50
N TYR B 120 -34.78 11.74 19.94
CA TYR B 120 -34.96 10.30 19.71
C TYR B 120 -33.97 9.47 20.52
N PRO B 121 -34.46 8.63 21.44
CA PRO B 121 -33.54 7.76 22.20
C PRO B 121 -33.40 6.37 21.59
N VAL B 122 -32.17 5.89 21.44
CA VAL B 122 -31.95 4.51 21.04
C VAL B 122 -32.27 3.62 22.23
N SER B 123 -33.35 2.85 22.12
CA SER B 123 -33.85 2.06 23.25
C SER B 123 -33.39 0.62 23.25
N LYS B 124 -32.97 0.15 24.43
CA LYS B 124 -32.62 -1.23 24.65
C LYS B 124 -33.76 -2.17 24.27
N TYR B 125 -34.98 -1.68 24.45
CA TYR B 125 -36.14 -2.55 24.59
C TYR B 125 -36.73 -3.07 23.27
N GLN B 126 -36.72 -2.24 22.23
CA GLN B 126 -37.15 -2.72 20.91
C GLN B 126 -36.12 -3.69 20.29
N GLN B 127 -34.86 -3.55 20.72
CA GLN B 127 -33.76 -4.39 20.25
C GLN B 127 -33.98 -5.83 20.71
N ASP B 128 -34.23 -6.00 22.00
CA ASP B 128 -34.36 -7.31 22.61
C ASP B 128 -35.69 -8.03 22.32
N GLN B 129 -36.60 -7.39 21.60
CA GLN B 129 -37.81 -8.07 21.20
C GLN B 129 -37.50 -9.00 20.02
N VAL B 130 -36.44 -8.67 19.29
CA VAL B 130 -35.89 -9.48 18.21
C VAL B 130 -35.57 -10.92 18.68
N VAL B 131 -35.16 -11.03 19.94
CA VAL B 131 -34.87 -12.32 20.59
C VAL B 131 -35.93 -12.66 21.64
N LYS B 132 -36.88 -13.51 21.26
CA LYS B 132 -38.02 -13.75 22.12
C LYS B 132 -38.03 -15.16 22.73
N GLU B 133 -36.96 -15.93 22.52
CA GLU B 133 -36.85 -17.27 23.10
C GLU B 133 -36.68 -17.20 24.59
N ASP B 134 -37.38 -18.08 25.29
CA ASP B 134 -37.42 -18.06 26.75
C ASP B 134 -36.11 -18.54 27.39
N ASN B 135 -35.69 -19.75 27.03
CA ASN B 135 -34.60 -20.41 27.73
C ASN B 135 -33.25 -20.26 27.06
N ILE B 136 -32.19 -20.50 27.84
CA ILE B 136 -30.84 -20.37 27.33
C ILE B 136 -30.58 -21.43 26.27
N GLU B 137 -31.35 -22.51 26.31
CA GLU B 137 -31.13 -23.58 25.35
C GLU B 137 -31.78 -23.28 24.02
N ALA B 138 -32.94 -22.63 24.06
CA ALA B 138 -33.60 -22.17 22.84
C ALA B 138 -32.75 -21.14 22.11
N VAL B 139 -32.18 -20.21 22.88
CA VAL B 139 -31.31 -19.19 22.31
C VAL B 139 -30.05 -19.80 21.70
N GLY B 140 -29.36 -20.65 22.48
CA GLY B 140 -28.17 -21.32 22.03
C GLY B 140 -28.40 -22.04 20.71
N LYS B 141 -29.47 -22.83 20.65
CA LYS B 141 -29.79 -23.56 19.43
C LYS B 141 -30.02 -22.64 18.21
N LYS B 142 -30.74 -21.53 18.40
CA LYS B 142 -30.98 -20.63 17.26
C LYS B 142 -29.72 -19.88 16.88
N LEU B 143 -28.88 -19.60 17.86
CA LEU B 143 -27.56 -19.04 17.59
C LEU B 143 -26.76 -19.98 16.70
N HIS B 144 -26.85 -21.27 16.98
CA HIS B 144 -26.13 -22.27 16.20
C HIS B 144 -26.61 -22.28 14.75
N GLU B 145 -27.92 -22.23 14.55
CA GLU B 145 -28.50 -22.20 13.20
C GLU B 145 -28.10 -20.94 12.45
N TYR B 146 -28.26 -19.79 13.09
CA TYR B 146 -27.92 -18.54 12.43
C TYR B 146 -26.43 -18.48 12.10
N ASN B 147 -25.58 -18.88 13.05
CA ASN B 147 -24.15 -18.82 12.81
C ASN B 147 -23.78 -19.72 11.64
N THR B 148 -24.35 -20.91 11.65
CA THR B 148 -24.19 -21.86 10.56
C THR B 148 -24.59 -21.25 9.21
N GLN B 149 -25.81 -20.70 9.13
CA GLN B 149 -26.27 -20.06 7.91
C GLN B 149 -25.31 -18.94 7.49
N PHE B 150 -24.84 -18.19 8.48
CA PHE B 150 -23.97 -17.07 8.18
C PHE B 150 -22.61 -17.49 7.62
N GLN B 151 -21.97 -18.50 8.19
CA GLN B 151 -20.66 -18.88 7.68
C GLN B 151 -20.83 -19.46 6.28
N GLU B 152 -21.92 -20.21 6.05
CA GLU B 152 -22.26 -20.74 4.73
C GLU B 152 -22.44 -19.61 3.73
N LYS B 153 -23.32 -18.68 4.04
CA LYS B 153 -23.66 -17.60 3.10
C LYS B 153 -22.51 -16.60 2.92
N SER B 154 -21.62 -16.51 3.92
CA SER B 154 -20.37 -15.76 3.78
C SER B 154 -19.49 -16.38 2.71
N ARG B 155 -19.33 -17.69 2.82
CA ARG B 155 -18.51 -18.47 1.89
C ARG B 155 -19.01 -18.30 0.47
N GLU B 156 -20.32 -18.38 0.27
CA GLU B 156 -20.88 -18.23 -1.06
C GLU B 156 -20.54 -16.86 -1.62
N TYR B 157 -20.70 -15.85 -0.79
CA TYR B 157 -20.52 -14.48 -1.24
C TYR B 157 -19.04 -14.20 -1.54
N ASP B 158 -18.15 -14.75 -0.71
CA ASP B 158 -16.72 -14.66 -1.02
C ASP B 158 -16.43 -15.32 -2.37
N ARG B 159 -17.01 -16.49 -2.60
CA ARG B 159 -16.80 -17.21 -3.85
C ARG B 159 -17.27 -16.38 -5.05
N LEU B 160 -18.42 -15.76 -4.90
CA LEU B 160 -18.99 -14.92 -5.95
C LEU B 160 -18.08 -13.72 -6.25
N TYR B 161 -17.54 -13.10 -5.21
CA TYR B 161 -16.67 -11.96 -5.39
C TYR B 161 -15.39 -12.33 -6.15
N GLU B 162 -14.89 -13.55 -5.96
CA GLU B 162 -13.70 -13.99 -6.68
C GLU B 162 -14.01 -14.18 -8.15
N GLU B 163 -15.18 -14.74 -8.44
CA GLU B 163 -15.65 -14.88 -9.81
C GLU B 163 -15.88 -13.53 -10.46
N TYR B 164 -16.42 -12.60 -9.69
CA TYR B 164 -16.65 -11.23 -10.15
C TYR B 164 -15.32 -10.57 -10.53
N THR B 165 -14.34 -10.73 -9.65
CA THR B 165 -13.00 -10.21 -9.85
C THR B 165 -12.27 -10.85 -11.04
N ARG B 166 -12.30 -12.18 -11.13
CA ARG B 166 -11.73 -12.85 -12.29
C ARG B 166 -12.42 -12.40 -13.59
N THR B 167 -13.75 -12.37 -13.58
CA THR B 167 -14.50 -11.98 -14.77
C THR B 167 -14.21 -10.53 -15.22
N SER B 168 -14.08 -9.63 -14.26
CA SER B 168 -13.72 -8.25 -14.52
C SER B 168 -12.36 -8.14 -15.23
N GLN B 169 -11.36 -8.81 -14.69
CA GLN B 169 -10.05 -8.84 -15.29
C GLN B 169 -10.10 -9.34 -16.73
N GLU B 170 -10.75 -10.48 -16.96
CA GLU B 170 -10.79 -11.07 -18.30
C GLU B 170 -11.46 -10.16 -19.31
N ILE B 171 -12.47 -9.43 -18.88
CA ILE B 171 -13.19 -8.54 -19.77
C ILE B 171 -12.28 -7.41 -20.24
N GLN B 172 -11.44 -6.95 -19.31
CA GLN B 172 -10.44 -5.95 -19.62
C GLN B 172 -9.41 -6.49 -20.61
N MET B 173 -8.87 -7.68 -20.36
CA MET B 173 -7.96 -8.32 -21.32
C MET B 173 -8.61 -8.38 -22.69
N LYS B 174 -9.90 -8.72 -22.72
CA LYS B 174 -10.57 -8.90 -24.00
C LYS B 174 -10.81 -7.58 -24.71
N ARG B 175 -11.15 -6.54 -23.96
CA ARG B 175 -11.28 -5.21 -24.55
C ARG B 175 -9.96 -4.81 -25.20
N THR B 176 -8.86 -5.07 -24.49
CA THR B 176 -7.55 -4.67 -24.99
C THR B 176 -7.18 -5.51 -26.21
N ALA B 177 -7.55 -6.78 -26.18
CA ALA B 177 -7.34 -7.63 -27.34
C ALA B 177 -8.16 -7.21 -28.56
N ILE B 178 -9.39 -6.72 -28.36
CA ILE B 178 -10.17 -6.22 -29.50
C ILE B 178 -9.52 -4.99 -30.13
N GLU B 179 -8.99 -4.09 -29.31
CA GLU B 179 -8.27 -2.93 -29.85
C GLU B 179 -7.09 -3.37 -30.69
N ALA B 180 -6.38 -4.38 -30.20
CA ALA B 180 -5.21 -4.92 -30.89
C ALA B 180 -5.60 -5.51 -32.24
N PHE B 181 -6.73 -6.19 -32.29
CA PHE B 181 -7.26 -6.67 -33.56
C PHE B 181 -7.53 -5.50 -34.49
N ASN B 182 -8.10 -4.42 -33.95
CA ASN B 182 -8.49 -3.26 -34.76
C ASN B 182 -7.26 -2.66 -35.43
N GLU B 183 -6.21 -2.47 -34.65
CA GLU B 183 -4.94 -1.97 -35.17
C GLU B 183 -4.32 -2.94 -36.18
N THR B 184 -4.39 -4.24 -35.89
CA THR B 184 -3.86 -5.26 -36.80
C THR B 184 -4.58 -5.22 -38.14
N ILE B 185 -5.91 -5.23 -38.08
CA ILE B 185 -6.71 -5.23 -39.29
C ILE B 185 -6.42 -3.99 -40.12
N LYS B 186 -6.27 -2.84 -39.47
CA LYS B 186 -5.92 -1.60 -40.17
C LYS B 186 -4.64 -1.78 -40.96
N ILE B 187 -3.66 -2.45 -40.36
CA ILE B 187 -2.36 -2.55 -40.99
C ILE B 187 -2.42 -3.48 -42.19
N PHE B 188 -3.16 -4.57 -42.08
CA PHE B 188 -3.33 -5.49 -43.19
C PHE B 188 -4.13 -4.83 -44.32
N GLU B 189 -5.11 -4.02 -43.95
CA GLU B 189 -5.86 -3.25 -44.91
C GLU B 189 -4.95 -2.21 -45.61
N GLU B 190 -4.03 -1.59 -44.87
CA GLU B 190 -3.03 -0.73 -45.50
C GLU B 190 -2.18 -1.51 -46.51
N GLN B 191 -1.81 -2.76 -46.20
CA GLN B 191 -0.99 -3.55 -47.13
C GLN B 191 -1.69 -3.76 -48.46
N CYS B 192 -3.00 -4.00 -48.38
CA CYS B 192 -3.82 -4.18 -49.56
C CYS B 192 -3.79 -2.96 -50.44
N GLN B 193 -3.97 -1.80 -49.81
CA GLN B 193 -3.95 -0.51 -50.49
C GLN B 193 -2.57 -0.25 -51.08
N THR B 194 -1.54 -0.68 -50.37
CA THR B 194 -0.18 -0.52 -50.86
C THR B 194 0.02 -1.39 -52.09
N GLN B 195 -0.42 -2.65 -51.98
CA GLN B 195 -0.26 -3.59 -53.08
C GLN B 195 -0.99 -3.07 -54.32
N GLU B 196 -2.16 -2.45 -54.10
CA GLU B 196 -2.98 -1.88 -55.18
C GLU B 196 -2.42 -0.62 -55.80
N ARG B 197 -1.83 0.25 -54.98
CA ARG B 197 -1.12 1.43 -55.49
C ARG B 197 -0.01 1.03 -56.46
N TYR B 198 0.66 -0.09 -56.16
CA TYR B 198 1.83 -0.46 -56.94
C TYR B 198 1.48 -1.33 -58.13
N SER B 199 0.87 -2.49 -57.84
CA SER B 199 0.75 -3.56 -58.82
C SER B 199 0.07 -3.16 -60.14
N LYS B 200 -0.85 -2.20 -60.07
CA LYS B 200 -1.65 -1.82 -61.23
C LYS B 200 -0.77 -1.34 -62.38
N GLU B 201 0.30 -0.62 -62.04
CA GLU B 201 1.20 -0.11 -63.04
C GLU B 201 2.14 -1.21 -63.55
N TYR B 202 2.03 -2.41 -62.98
CA TYR B 202 2.84 -3.55 -63.40
C TYR B 202 2.02 -4.56 -64.18
N ILE B 203 0.77 -4.76 -63.78
CA ILE B 203 -0.12 -5.64 -64.52
C ILE B 203 -0.26 -5.10 -65.94
N GLU B 204 -0.30 -3.77 -66.08
CA GLU B 204 -0.40 -3.10 -67.38
C GLU B 204 0.81 -3.40 -68.25
N LYS B 205 1.92 -3.75 -67.59
CA LYS B 205 3.19 -3.91 -68.28
C LYS B 205 3.54 -5.39 -68.53
N PHE B 206 3.20 -6.25 -67.59
CA PHE B 206 3.46 -7.68 -67.76
C PHE B 206 2.53 -8.28 -68.85
N LYS B 207 1.35 -7.67 -69.02
CA LYS B 207 0.49 -8.01 -70.14
C LYS B 207 1.12 -7.48 -71.42
N ARG B 208 1.56 -6.23 -71.36
CA ARG B 208 2.13 -5.55 -72.53
C ARG B 208 3.46 -6.16 -72.94
N GLU B 209 3.99 -7.02 -72.09
CA GLU B 209 5.27 -7.69 -72.34
C GLU B 209 5.16 -9.21 -72.12
N GLY B 210 3.94 -9.74 -72.29
CA GLY B 210 3.74 -11.17 -72.47
C GLY B 210 3.69 -12.10 -71.27
N ASN B 211 4.25 -11.69 -70.13
CA ASN B 211 4.32 -12.61 -68.99
C ASN B 211 2.97 -12.78 -68.30
N GLU B 212 2.56 -14.04 -68.11
CA GLU B 212 1.27 -14.33 -67.52
C GLU B 212 1.43 -14.93 -66.13
N LYS B 213 2.49 -15.72 -65.94
CA LYS B 213 2.70 -16.36 -64.64
C LYS B 213 3.07 -15.32 -63.58
N GLU B 214 3.83 -14.31 -63.98
CA GLU B 214 4.23 -13.27 -63.04
C GLU B 214 3.02 -12.47 -62.59
N ILE B 215 2.06 -12.28 -63.49
CA ILE B 215 0.80 -11.62 -63.16
C ILE B 215 0.05 -12.42 -62.10
N GLN B 216 -0.05 -13.72 -62.31
CA GLN B 216 -0.74 -14.54 -61.33
C GLN B 216 0.02 -14.67 -60.00
N ARG B 217 1.33 -14.46 -59.99
CA ARG B 217 2.03 -14.47 -58.71
C ARG B 217 1.64 -13.24 -57.93
N ILE B 218 1.44 -12.12 -58.61
CA ILE B 218 0.94 -10.94 -57.94
C ILE B 218 -0.47 -11.18 -57.40
N MET B 219 -1.36 -11.68 -58.27
CA MET B 219 -2.72 -11.96 -57.87
C MET B 219 -2.72 -12.94 -56.71
N HIS B 220 -1.85 -13.95 -56.78
CA HIS B 220 -1.79 -14.98 -55.74
C HIS B 220 -1.38 -14.40 -54.38
N ASN B 221 -0.47 -13.42 -54.40
CA ASN B 221 -0.08 -12.81 -53.13
C ASN B 221 -1.22 -11.94 -52.60
N TYR B 222 -1.97 -11.32 -53.52
CA TYR B 222 -3.13 -10.51 -53.18
C TYR B 222 -4.25 -11.35 -52.59
N ASP B 223 -4.56 -12.48 -53.23
CA ASP B 223 -5.51 -13.44 -52.66
C ASP B 223 -5.09 -13.87 -51.25
N LYS B 224 -3.81 -14.14 -51.05
CA LYS B 224 -3.32 -14.58 -49.74
C LYS B 224 -3.54 -13.49 -48.68
N LEU B 225 -3.21 -12.26 -49.04
CA LEU B 225 -3.45 -11.11 -48.18
C LEU B 225 -4.95 -10.94 -47.86
N LYS B 226 -5.79 -11.00 -48.91
CA LYS B 226 -7.23 -10.90 -48.72
C LYS B 226 -7.81 -11.96 -47.78
N SER B 227 -7.42 -13.21 -47.96
CA SER B 227 -7.93 -14.25 -47.09
C SER B 227 -7.38 -14.06 -45.67
N ARG B 228 -6.13 -13.64 -45.56
CA ARG B 228 -5.58 -13.35 -44.25
C ARG B 228 -6.42 -12.32 -43.48
N ILE B 229 -6.76 -11.23 -44.14
CA ILE B 229 -7.55 -10.16 -43.50
C ILE B 229 -8.91 -10.69 -43.07
N SER B 230 -9.45 -11.59 -43.86
CA SER B 230 -10.75 -12.16 -43.59
C SER B 230 -10.75 -13.10 -42.38
N GLU B 231 -9.63 -13.81 -42.18
CA GLU B 231 -9.49 -14.66 -40.99
C GLU B 231 -9.31 -13.83 -39.74
N ILE B 232 -8.57 -12.73 -39.88
CA ILE B 232 -8.32 -11.87 -38.74
C ILE B 232 -9.60 -11.15 -38.33
N ILE B 233 -10.38 -10.73 -39.32
CA ILE B 233 -11.63 -10.07 -39.02
C ILE B 233 -12.60 -11.03 -38.33
N ASP B 234 -12.68 -12.28 -38.80
CA ASP B 234 -13.52 -13.27 -38.14
C ASP B 234 -13.05 -13.53 -36.71
N SER B 235 -11.74 -13.68 -36.52
CA SER B 235 -11.21 -13.91 -35.17
C SER B 235 -11.66 -12.79 -34.24
N ARG B 236 -11.54 -11.54 -34.68
CA ARG B 236 -12.03 -10.44 -33.87
C ARG B 236 -13.55 -10.53 -33.63
N ARG B 237 -14.28 -10.91 -34.67
CA ARG B 237 -15.72 -11.09 -34.56
C ARG B 237 -16.04 -12.07 -33.43
N ARG B 238 -15.35 -13.20 -33.42
CA ARG B 238 -15.55 -14.21 -32.39
C ARG B 238 -15.20 -13.67 -31.00
N LEU B 239 -14.16 -12.88 -30.90
CA LEU B 239 -13.80 -12.31 -29.59
C LEU B 239 -14.88 -11.30 -29.15
N GLU B 240 -15.41 -10.50 -30.08
CA GLU B 240 -16.51 -9.60 -29.75
C GLU B 240 -17.72 -10.35 -29.19
N GLU B 241 -18.07 -11.47 -29.83
CA GLU B 241 -19.14 -12.33 -29.33
C GLU B 241 -18.88 -12.84 -27.91
N ASP B 242 -17.69 -13.36 -27.65
CA ASP B 242 -17.32 -13.82 -26.31
C ASP B 242 -17.38 -12.70 -25.29
N LEU B 243 -16.95 -11.51 -25.71
CA LEU B 243 -17.00 -10.35 -24.84
C LEU B 243 -18.43 -10.04 -24.46
N LYS B 244 -19.34 -10.16 -25.42
CA LYS B 244 -20.76 -9.91 -25.17
C LYS B 244 -21.30 -10.89 -24.13
N LYS B 245 -20.99 -12.17 -24.33
CA LYS B 245 -21.46 -13.19 -23.40
C LYS B 245 -20.92 -12.93 -22.01
N GLN B 246 -19.62 -12.65 -21.94
CA GLN B 246 -19.02 -12.53 -20.62
C GLN B 246 -19.49 -11.25 -19.94
N ALA B 247 -19.83 -10.25 -20.73
CA ALA B 247 -20.33 -9.01 -20.15
C ALA B 247 -21.69 -9.27 -19.52
N ALA B 248 -22.45 -10.22 -20.08
CA ALA B 248 -23.73 -10.61 -19.51
C ALA B 248 -23.54 -11.39 -18.22
N GLU B 249 -22.57 -12.31 -18.20
CA GLU B 249 -22.26 -13.04 -16.97
C GLU B 249 -21.88 -12.08 -15.88
N TYR B 250 -21.08 -11.08 -16.24
CA TYR B 250 -20.58 -10.14 -15.26
C TYR B 250 -21.73 -9.40 -14.57
N ARG B 251 -22.70 -8.94 -15.34
CA ARG B 251 -23.79 -8.16 -14.75
C ARG B 251 -24.69 -9.06 -13.89
N GLU B 252 -24.79 -10.33 -14.27
CA GLU B 252 -25.54 -11.31 -13.49
C GLU B 252 -24.81 -11.65 -12.21
N ILE B 253 -23.50 -11.67 -12.26
CA ILE B 253 -22.74 -11.91 -11.05
C ILE B 253 -22.97 -10.73 -10.11
N ASP B 254 -23.02 -9.53 -10.68
CA ASP B 254 -23.23 -8.31 -9.91
C ASP B 254 -24.63 -8.28 -9.30
N LYS B 255 -25.64 -8.71 -10.06
CA LYS B 255 -27.01 -8.77 -9.55
C LYS B 255 -27.06 -9.66 -8.33
N ARG B 256 -26.45 -10.85 -8.45
CA ARG B 256 -26.53 -11.84 -7.39
C ARG B 256 -25.79 -11.41 -6.14
N MET B 257 -24.75 -10.60 -6.30
CA MET B 257 -24.07 -10.04 -5.13
C MET B 257 -24.93 -8.96 -4.50
N ASN B 258 -25.58 -8.15 -5.34
CA ASN B 258 -26.48 -7.12 -4.84
C ASN B 258 -27.67 -7.68 -4.11
N SER B 259 -28.07 -8.90 -4.47
CA SER B 259 -29.20 -9.54 -3.82
C SER B 259 -28.84 -10.06 -2.45
N ILE B 260 -27.66 -10.66 -2.33
CA ILE B 260 -27.35 -11.30 -1.08
C ILE B 260 -26.63 -10.39 -0.07
N LYS B 261 -25.96 -9.34 -0.55
CA LYS B 261 -25.31 -8.35 0.35
C LYS B 261 -26.23 -7.94 1.51
N PRO B 262 -27.40 -7.33 1.24
CA PRO B 262 -28.19 -6.84 2.37
C PRO B 262 -28.69 -7.95 3.30
N ASP B 263 -28.98 -9.12 2.74
CA ASP B 263 -29.43 -10.26 3.53
C ASP B 263 -28.29 -10.77 4.41
N LEU B 264 -27.10 -10.81 3.84
CA LEU B 264 -25.93 -11.26 4.58
C LEU B 264 -25.63 -10.29 5.74
N ILE B 265 -25.77 -8.99 5.50
CA ILE B 265 -25.55 -8.03 6.58
C ILE B 265 -26.57 -8.26 7.71
N GLN B 266 -27.84 -8.37 7.33
CA GLN B 266 -28.89 -8.54 8.34
C GLN B 266 -28.60 -9.77 9.17
N LEU B 267 -28.32 -10.86 8.49
CA LEU B 267 -28.08 -12.13 9.14
C LEU B 267 -26.96 -12.00 10.17
N ARG B 268 -25.93 -11.24 9.83
CA ARG B 268 -24.79 -11.09 10.74
C ARG B 268 -25.20 -10.37 11.99
N LYS B 269 -26.05 -9.35 11.84
CA LYS B 269 -26.54 -8.60 12.98
C LYS B 269 -27.48 -9.43 13.85
N THR B 270 -28.20 -10.35 13.22
CA THR B 270 -29.04 -11.26 13.98
C THR B 270 -28.16 -12.23 14.77
N ARG B 271 -27.15 -12.82 14.12
CA ARG B 271 -26.22 -13.68 14.85
C ARG B 271 -25.57 -12.97 16.01
N ASP B 272 -25.06 -11.77 15.76
CA ASP B 272 -24.44 -10.94 16.80
C ASP B 272 -25.41 -10.62 17.93
N GLN B 273 -26.69 -10.55 17.60
CA GLN B 273 -27.70 -10.24 18.60
C GLN B 273 -27.96 -11.43 19.53
N TYR B 274 -28.05 -12.64 18.96
CA TYR B 274 -28.29 -13.82 19.78
C TYR B 274 -27.11 -14.11 20.66
N LEU B 275 -25.91 -13.93 20.10
CA LEU B 275 -24.67 -14.10 20.84
C LEU B 275 -24.62 -13.16 22.03
N MET B 276 -25.05 -11.92 21.82
CA MET B 276 -25.09 -10.95 22.92
C MET B 276 -26.12 -11.41 23.96
N TRP B 277 -27.23 -11.94 23.47
CA TRP B 277 -28.34 -12.38 24.32
C TRP B 277 -27.95 -13.56 25.19
N LEU B 278 -27.19 -14.46 24.58
CA LEU B 278 -26.65 -15.62 25.26
C LEU B 278 -25.71 -15.18 26.37
N THR B 279 -24.80 -14.28 26.02
CA THR B 279 -23.87 -13.69 26.97
C THR B 279 -24.61 -13.15 28.17
N GLN B 280 -25.70 -12.44 27.90
CA GLN B 280 -26.44 -11.73 28.92
C GLN B 280 -27.15 -12.65 29.90
N LYS B 281 -27.68 -13.76 29.40
CA LYS B 281 -28.39 -14.70 30.27
C LYS B 281 -27.47 -15.84 30.71
N GLY B 282 -26.17 -15.65 30.52
CA GLY B 282 -25.15 -16.53 31.05
C GLY B 282 -24.50 -15.94 32.29
N VAL B 283 -23.69 -16.72 32.98
CA VAL B 283 -22.94 -16.23 34.14
C VAL B 283 -21.91 -15.19 33.71
N ARG B 284 -21.80 -14.12 34.51
CA ARG B 284 -20.93 -12.97 34.20
C ARG B 284 -19.80 -12.76 35.21
N GLN B 285 -18.61 -12.43 34.70
CA GLN B 285 -17.46 -12.01 35.51
C GLN B 285 -16.25 -11.70 34.63
P PO4 C . 14.18 -30.29 11.32
O1 PO4 C . 15.46 -29.53 11.65
O2 PO4 C . 13.40 -30.43 12.60
O3 PO4 C . 14.51 -31.64 10.76
O4 PO4 C . 13.31 -29.52 10.35
P PO4 D . 26.76 14.43 8.71
O1 PO4 D . 27.26 13.57 9.87
O2 PO4 D . 27.00 13.73 7.37
O3 PO4 D . 27.48 15.77 8.76
O4 PO4 D . 25.26 14.70 8.81
C1 GOL E . 11.72 -20.03 4.53
O1 GOL E . 10.49 -20.79 4.64
C2 GOL E . 11.15 -18.65 4.33
O2 GOL E . 12.06 -17.59 4.51
C3 GOL E . 10.38 -18.35 5.57
O3 GOL E . 9.95 -17.00 5.25
#